data_1LQL
#
_entry.id   1LQL
#
_cell.length_a   66.360
_cell.length_b   95.600
_cell.length_c   308.480
_cell.angle_alpha   90.00
_cell.angle_beta   90.00
_cell.angle_gamma   90.00
#
_symmetry.space_group_name_H-M   'P 21 21 21'
#
loop_
_entity.id
_entity.type
_entity.pdbx_description
1 polymer 'osmotical inducible protein C like family'
2 water water
#
_entity_poly.entity_id   1
_entity_poly.type   'polypeptide(L)'
_entity_poly.pdbx_seq_one_letter_code
;MGSSHHHHHHDYDIPTTENLYFQGHMDKKYDITAVLNEDSSMTAISDQFQITLDARPKHTAKGFGPLAALLSGLAACELA
TANLMAPAKMITINKLLMNVTGSRSTNPTDGYFGLREINLHWEIHSPNSETEIKEFIDFVSKRCPAHNTLQGVSQLKINV
NVTLVH
;
_entity_poly.pdbx_strand_id   A,B,C,D,E,F,G,H,I,J
#
# COMPACT_ATOMS: atom_id res chain seq x y z
N MET A 26 16.00 62.81 -16.44
CA MET A 26 14.78 61.96 -16.59
C MET A 26 14.34 61.87 -18.05
N ASP A 27 15.31 61.97 -18.95
CA ASP A 27 15.05 61.90 -20.38
C ASP A 27 14.72 60.49 -20.82
N LYS A 28 15.56 59.53 -20.42
CA LYS A 28 15.32 58.15 -20.83
C LYS A 28 14.39 57.37 -19.93
N LYS A 29 13.30 56.92 -20.55
CA LYS A 29 12.28 56.14 -19.86
C LYS A 29 12.34 54.68 -20.31
N TYR A 30 11.86 53.78 -19.47
CA TYR A 30 11.87 52.36 -19.77
C TYR A 30 10.54 51.76 -19.34
N ASP A 31 9.95 50.95 -20.20
CA ASP A 31 8.69 50.30 -19.87
C ASP A 31 8.71 48.82 -20.20
N ILE A 32 8.73 48.00 -19.16
CA ILE A 32 8.77 46.56 -19.29
C ILE A 32 7.61 45.85 -18.56
N THR A 33 7.34 44.61 -18.93
CA THR A 33 6.28 43.84 -18.29
C THR A 33 6.56 42.33 -18.41
N ALA A 34 6.51 41.65 -17.26
CA ALA A 34 6.76 40.21 -17.22
C ALA A 34 5.54 39.47 -16.70
N VAL A 35 5.28 38.30 -17.30
CA VAL A 35 4.16 37.48 -16.91
C VAL A 35 4.60 36.14 -16.39
N LEU A 36 3.88 35.64 -15.40
CA LEU A 36 4.17 34.33 -14.85
C LEU A 36 3.30 33.40 -15.64
N ASN A 37 3.92 32.53 -16.44
CA ASN A 37 3.17 31.56 -17.23
C ASN A 37 2.97 30.35 -16.33
N GLU A 38 2.33 29.30 -16.84
CA GLU A 38 2.15 28.09 -16.04
C GLU A 38 3.55 27.49 -16.02
N ASP A 39 3.70 26.31 -15.43
CA ASP A 39 5.02 25.68 -15.39
C ASP A 39 6.07 26.62 -14.82
N SER A 40 5.60 27.64 -14.10
CA SER A 40 6.46 28.64 -13.47
C SER A 40 7.56 29.34 -14.27
N SER A 41 7.45 29.34 -15.59
CA SER A 41 8.46 30.05 -16.39
C SER A 41 7.83 31.45 -16.59
N MET A 42 8.66 32.47 -16.73
CA MET A 42 8.14 33.83 -16.91
C MET A 42 8.56 34.46 -18.24
N THR A 43 7.65 35.12 -18.94
CA THR A 43 8.08 35.76 -20.18
C THR A 43 7.99 37.26 -20.02
N ALA A 44 9.07 37.94 -20.41
CA ALA A 44 9.18 39.39 -20.34
C ALA A 44 8.96 39.97 -21.74
N ILE A 45 8.46 41.19 -21.81
CA ILE A 45 8.19 41.83 -23.08
C ILE A 45 8.70 43.27 -23.08
N SER A 46 9.36 43.65 -24.17
CA SER A 46 9.84 45.01 -24.34
C SER A 46 9.49 45.35 -25.79
N ASP A 47 8.73 46.42 -25.99
CA ASP A 47 8.29 46.84 -27.34
C ASP A 47 7.86 45.57 -28.08
N GLN A 48 8.46 45.28 -29.22
CA GLN A 48 8.16 43.99 -29.86
C GLN A 48 9.12 42.80 -29.68
N PHE A 49 9.90 42.83 -28.61
CA PHE A 49 10.84 41.76 -28.31
C PHE A 49 10.36 40.96 -27.11
N GLN A 50 10.73 39.69 -27.01
CA GLN A 50 10.30 38.86 -25.89
C GLN A 50 11.36 37.92 -25.37
N ILE A 51 11.52 37.90 -24.06
CA ILE A 51 12.50 37.05 -23.40
C ILE A 51 11.75 36.12 -22.44
N THR A 52 12.16 34.86 -22.38
CA THR A 52 11.52 33.94 -21.44
C THR A 52 12.53 33.62 -20.33
N LEU A 53 12.16 33.91 -19.09
CA LEU A 53 13.02 33.66 -17.94
C LEU A 53 12.50 32.53 -17.04
N ASP A 54 13.40 31.94 -16.25
CA ASP A 54 13.04 30.83 -15.38
C ASP A 54 13.97 30.68 -14.17
N ALA A 55 13.42 30.56 -12.97
CA ALA A 55 14.27 30.43 -11.79
C ALA A 55 14.49 28.97 -11.40
N ARG A 56 13.93 28.06 -12.18
CA ARG A 56 14.09 26.64 -11.93
C ARG A 56 15.55 26.27 -12.20
N PRO A 57 16.04 25.19 -11.58
CA PRO A 57 17.42 24.73 -11.76
C PRO A 57 17.74 24.29 -13.20
N LYS A 58 19.02 24.38 -13.55
CA LYS A 58 19.54 24.04 -14.88
C LYS A 58 18.83 22.92 -15.65
N HIS A 59 18.76 21.76 -15.00
CA HIS A 59 18.17 20.55 -15.54
C HIS A 59 16.72 20.62 -16.08
N THR A 60 16.04 21.76 -15.90
CA THR A 60 14.65 21.88 -16.39
C THR A 60 14.26 23.23 -17.01
N ALA A 61 14.98 24.34 -16.76
CA ALA A 61 14.56 25.73 -17.21
C ALA A 61 14.25 26.01 -18.69
N LYS A 62 13.86 27.26 -18.97
CA LYS A 62 13.50 27.63 -20.32
C LYS A 62 14.14 28.97 -20.80
N GLY A 63 14.96 29.57 -19.94
CA GLY A 63 15.68 30.78 -20.26
C GLY A 63 16.50 31.17 -19.05
N PHE A 64 17.02 32.39 -19.10
CA PHE A 64 17.85 32.98 -18.06
C PHE A 64 17.19 33.05 -16.69
N GLY A 65 17.98 32.87 -15.64
CA GLY A 65 17.42 33.00 -14.32
C GLY A 65 17.12 34.48 -14.21
N PRO A 66 16.30 34.92 -13.25
CA PRO A 66 16.03 36.35 -13.17
C PRO A 66 17.34 37.11 -13.03
N LEU A 67 18.08 36.78 -11.96
CA LEU A 67 19.36 37.43 -11.66
C LEU A 67 20.39 37.31 -12.78
N ALA A 68 20.32 36.21 -13.54
CA ALA A 68 21.22 36.03 -14.66
C ALA A 68 20.99 37.20 -15.62
N ALA A 69 19.72 37.38 -15.98
CA ALA A 69 19.30 38.43 -16.89
C ALA A 69 19.66 39.84 -16.41
N LEU A 70 19.56 40.07 -15.10
CA LEU A 70 19.87 41.39 -14.58
C LEU A 70 21.38 41.62 -14.77
N LEU A 71 22.16 40.58 -14.47
CA LEU A 71 23.59 40.65 -14.60
C LEU A 71 24.01 40.80 -16.07
N SER A 72 23.20 40.24 -16.96
CA SER A 72 23.47 40.34 -18.40
C SER A 72 23.04 41.71 -18.85
N GLY A 73 22.03 42.24 -18.16
CA GLY A 73 21.54 43.56 -18.48
C GLY A 73 22.62 44.53 -18.09
N LEU A 74 23.36 44.19 -17.03
CA LEU A 74 24.47 45.03 -16.55
C LEU A 74 25.61 44.95 -17.57
N ALA A 75 26.00 43.73 -17.91
CA ALA A 75 27.07 43.52 -18.87
C ALA A 75 26.80 44.33 -20.12
N ALA A 76 25.63 44.13 -20.70
CA ALA A 76 25.29 44.85 -21.92
C ALA A 76 25.41 46.38 -21.79
N CYS A 77 25.09 46.91 -20.62
CA CYS A 77 25.19 48.37 -20.40
C CYS A 77 26.66 48.73 -20.45
N GLU A 78 27.47 47.83 -19.91
CA GLU A 78 28.91 48.04 -19.87
C GLU A 78 29.49 48.09 -21.27
N LEU A 79 29.12 47.12 -22.09
CA LEU A 79 29.63 47.06 -23.45
C LEU A 79 29.09 48.22 -24.24
N ALA A 80 27.80 48.47 -24.13
CA ALA A 80 27.22 49.57 -24.90
C ALA A 80 27.85 50.92 -24.57
N THR A 81 27.91 51.31 -23.30
CA THR A 81 28.48 52.62 -23.03
C THR A 81 29.96 52.73 -23.42
N ALA A 82 30.67 51.60 -23.47
CA ALA A 82 32.09 51.60 -23.85
C ALA A 82 32.19 51.83 -25.36
N ASN A 83 31.29 51.20 -26.08
CA ASN A 83 31.25 51.32 -27.51
C ASN A 83 30.86 52.75 -27.88
N LEU A 84 30.15 53.43 -26.99
CA LEU A 84 29.70 54.79 -27.29
C LEU A 84 30.72 55.84 -26.89
N MET A 85 31.51 55.53 -25.89
CA MET A 85 32.52 56.46 -25.43
C MET A 85 33.85 56.28 -26.17
N ALA A 86 34.11 55.06 -26.63
CA ALA A 86 35.36 54.76 -27.32
C ALA A 86 35.81 55.87 -28.27
N PRO A 87 35.01 56.20 -29.30
CA PRO A 87 35.37 57.24 -30.26
C PRO A 87 35.93 58.51 -29.63
N ALA A 88 35.25 59.04 -28.63
CA ALA A 88 35.72 60.26 -27.98
C ALA A 88 37.02 60.09 -27.18
N LYS A 89 37.28 58.88 -26.72
CA LYS A 89 38.49 58.65 -25.95
C LYS A 89 39.60 58.16 -26.86
N MET A 90 39.24 57.92 -28.11
CA MET A 90 40.17 57.48 -29.11
C MET A 90 40.64 56.05 -28.97
N ILE A 91 39.85 55.25 -28.27
CA ILE A 91 40.16 53.84 -28.13
C ILE A 91 39.61 53.10 -29.34
N THR A 92 40.41 52.26 -29.95
CA THR A 92 39.88 51.51 -31.07
C THR A 92 39.70 50.10 -30.53
N ILE A 93 38.48 49.58 -30.64
CA ILE A 93 38.16 48.27 -30.12
C ILE A 93 37.95 47.24 -31.22
N ASN A 94 38.62 46.10 -31.12
CA ASN A 94 38.50 45.06 -32.14
C ASN A 94 37.67 43.89 -31.63
N LYS A 95 37.67 43.72 -30.31
CA LYS A 95 36.88 42.69 -29.65
C LYS A 95 36.61 43.22 -28.26
N LEU A 96 35.38 43.03 -27.81
CA LEU A 96 34.99 43.48 -26.49
C LEU A 96 34.00 42.47 -25.92
N LEU A 97 34.24 42.02 -24.71
CA LEU A 97 33.32 41.10 -24.07
C LEU A 97 33.52 41.18 -22.58
N MET A 98 32.46 40.87 -21.84
CA MET A 98 32.53 40.93 -20.40
C MET A 98 31.97 39.68 -19.77
N ASN A 99 32.65 39.20 -18.74
CA ASN A 99 32.19 38.05 -18.02
C ASN A 99 31.80 38.60 -16.65
N VAL A 100 30.54 38.38 -16.28
CA VAL A 100 30.02 38.87 -15.01
C VAL A 100 29.74 37.68 -14.10
N THR A 101 30.08 37.83 -12.83
CA THR A 101 29.79 36.76 -11.86
C THR A 101 29.31 37.43 -10.60
N GLY A 102 28.43 36.77 -9.87
CA GLY A 102 27.92 37.35 -8.65
C GLY A 102 27.44 36.30 -7.67
N SER A 103 27.12 36.72 -6.45
CA SER A 103 26.64 35.79 -5.46
C SER A 103 25.78 36.46 -4.39
N ARG A 104 24.88 35.66 -3.81
CA ARG A 104 23.98 36.13 -2.76
C ARG A 104 23.74 35.02 -1.76
N SER A 105 23.27 35.40 -0.57
CA SER A 105 22.98 34.44 0.47
C SER A 105 21.50 34.05 0.41
N THR A 106 21.20 32.77 0.62
CA THR A 106 19.83 32.28 0.59
C THR A 106 19.28 32.29 2.00
N ASN A 107 20.17 32.06 2.96
CA ASN A 107 19.81 32.03 4.37
C ASN A 107 20.65 33.08 5.10
N PRO A 108 20.46 34.36 4.73
CA PRO A 108 21.19 35.47 5.32
C PRO A 108 20.88 35.76 6.77
N THR A 109 21.82 36.45 7.42
CA THR A 109 21.70 36.86 8.80
C THR A 109 21.32 38.33 8.75
N ASP A 110 21.87 39.00 7.74
CA ASP A 110 21.64 40.43 7.48
C ASP A 110 20.19 40.70 7.23
N GLY A 111 19.60 39.82 6.44
CA GLY A 111 18.24 40.00 6.02
C GLY A 111 18.45 40.55 4.62
N TYR A 112 19.66 40.33 4.10
CA TYR A 112 20.02 40.80 2.77
C TYR A 112 20.05 39.67 1.75
N PHE A 113 18.93 39.53 1.06
CA PHE A 113 18.78 38.49 0.06
C PHE A 113 19.38 38.87 -1.28
N GLY A 114 19.86 40.11 -1.39
CA GLY A 114 20.42 40.58 -2.64
C GLY A 114 21.84 40.17 -2.97
N LEU A 115 22.34 40.68 -4.11
CA LEU A 115 23.69 40.37 -4.56
C LEU A 115 24.65 41.04 -3.58
N ARG A 116 25.60 40.26 -3.08
CA ARG A 116 26.59 40.77 -2.12
C ARG A 116 27.87 41.11 -2.85
N GLU A 117 28.14 40.34 -3.91
CA GLU A 117 29.34 40.52 -4.69
C GLU A 117 29.08 40.31 -6.16
N ILE A 118 29.51 41.25 -6.98
CA ILE A 118 29.34 41.18 -8.43
C ILE A 118 30.71 41.49 -9.05
N ASN A 119 31.21 40.56 -9.88
CA ASN A 119 32.51 40.70 -10.53
C ASN A 119 32.42 40.86 -12.04
N LEU A 120 33.00 41.95 -12.54
CA LEU A 120 33.01 42.29 -13.97
C LEU A 120 34.39 42.06 -14.57
N HIS A 121 34.52 41.11 -15.48
CA HIS A 121 35.80 40.88 -16.12
C HIS A 121 35.80 41.32 -17.58
N TRP A 122 36.44 42.45 -17.87
CA TRP A 122 36.53 42.97 -19.22
C TRP A 122 37.60 42.24 -20.03
N GLU A 123 37.36 42.04 -21.32
CA GLU A 123 38.36 41.45 -22.19
C GLU A 123 38.34 42.35 -23.40
N ILE A 124 39.39 43.16 -23.55
CA ILE A 124 39.47 44.07 -24.68
C ILE A 124 40.61 43.77 -25.64
N HIS A 125 40.26 43.65 -26.90
CA HIS A 125 41.24 43.46 -27.95
C HIS A 125 41.42 44.87 -28.49
N SER A 126 42.47 45.54 -28.03
CA SER A 126 42.72 46.89 -28.48
C SER A 126 44.20 47.21 -28.61
N PRO A 127 44.55 47.96 -29.66
CA PRO A 127 45.93 48.37 -29.93
C PRO A 127 46.34 49.50 -29.01
N ASN A 128 45.35 50.11 -28.35
CA ASN A 128 45.61 51.21 -27.42
C ASN A 128 46.48 50.74 -26.26
N SER A 129 47.14 51.68 -25.58
CA SER A 129 48.02 51.32 -24.49
C SER A 129 47.29 50.92 -23.21
N GLU A 130 48.07 50.52 -22.20
CA GLU A 130 47.51 50.14 -20.91
C GLU A 130 46.89 51.34 -20.21
N THR A 131 47.71 52.32 -19.84
CA THR A 131 47.18 53.49 -19.15
C THR A 131 45.98 54.05 -19.90
N GLU A 132 45.99 53.90 -21.23
CA GLU A 132 44.89 54.37 -22.04
C GLU A 132 43.65 53.53 -21.74
N ILE A 133 43.77 52.22 -21.94
CA ILE A 133 42.67 51.31 -21.68
C ILE A 133 42.13 51.50 -20.26
N LYS A 134 43.04 51.71 -19.31
CA LYS A 134 42.70 51.90 -17.90
C LYS A 134 41.71 53.06 -17.75
N GLU A 135 42.16 54.27 -18.07
CA GLU A 135 41.33 55.45 -17.95
C GLU A 135 40.04 55.29 -18.73
N PHE A 136 40.12 54.60 -19.86
CA PHE A 136 38.95 54.40 -20.70
C PHE A 136 37.87 53.72 -19.89
N ILE A 137 38.20 52.54 -19.40
CA ILE A 137 37.27 51.75 -18.62
C ILE A 137 36.76 52.47 -17.38
N ASP A 138 37.65 53.14 -16.64
CA ASP A 138 37.18 53.86 -15.47
C ASP A 138 36.08 54.80 -15.98
N PHE A 139 36.35 55.45 -17.11
CA PHE A 139 35.39 56.37 -17.71
C PHE A 139 34.05 55.68 -17.97
N VAL A 140 34.10 54.51 -18.61
CA VAL A 140 32.87 53.77 -18.92
C VAL A 140 32.13 53.39 -17.64
N SER A 141 32.86 52.90 -16.64
CA SER A 141 32.24 52.52 -15.38
C SER A 141 31.48 53.69 -14.79
N LYS A 142 32.05 54.88 -14.93
CA LYS A 142 31.43 56.10 -14.41
C LYS A 142 30.28 56.50 -15.32
N ARG A 143 30.35 56.01 -16.53
CA ARG A 143 29.35 56.35 -17.51
C ARG A 143 28.18 55.38 -17.72
N CYS A 144 28.38 54.06 -17.53
CA CYS A 144 27.25 53.15 -17.72
C CYS A 144 26.19 53.33 -16.62
N PRO A 145 24.93 53.54 -17.03
CA PRO A 145 23.82 53.74 -16.09
C PRO A 145 23.68 52.59 -15.10
N ALA A 146 23.70 51.37 -15.61
CA ALA A 146 23.58 50.20 -14.76
C ALA A 146 24.65 50.20 -13.70
N HIS A 147 25.91 50.41 -14.10
CA HIS A 147 27.01 50.43 -13.15
C HIS A 147 26.76 51.54 -12.14
N ASN A 148 26.34 52.71 -12.60
CA ASN A 148 26.08 53.83 -11.70
C ASN A 148 25.06 53.43 -10.63
N THR A 149 24.03 52.74 -11.10
CA THR A 149 22.96 52.29 -10.24
C THR A 149 23.49 51.36 -9.14
N LEU A 150 24.02 50.20 -9.53
CA LEU A 150 24.51 49.23 -8.54
C LEU A 150 25.67 49.74 -7.69
N GLN A 151 26.34 50.79 -8.15
CA GLN A 151 27.47 51.39 -7.44
C GLN A 151 27.04 51.88 -6.05
N GLY A 152 25.81 52.34 -5.94
CA GLY A 152 25.34 52.86 -4.68
C GLY A 152 24.75 51.89 -3.68
N VAL A 153 24.80 50.60 -3.94
CA VAL A 153 24.24 49.63 -3.01
C VAL A 153 24.91 49.71 -1.63
N SER A 154 26.10 49.13 -1.52
CA SER A 154 26.89 49.12 -0.28
C SER A 154 26.90 47.76 0.41
N GLN A 155 25.88 46.96 0.12
CA GLN A 155 25.80 45.62 0.68
C GLN A 155 26.35 44.79 -0.45
N LEU A 156 26.75 45.51 -1.49
CA LEU A 156 27.29 44.91 -2.68
C LEU A 156 28.71 45.39 -2.93
N LYS A 157 29.49 44.56 -3.61
CA LYS A 157 30.84 44.93 -3.95
C LYS A 157 31.08 44.59 -5.42
N ILE A 158 31.44 45.60 -6.20
CA ILE A 158 31.71 45.41 -7.60
C ILE A 158 33.22 45.40 -7.84
N ASN A 159 33.73 44.28 -8.33
CA ASN A 159 35.13 44.16 -8.60
C ASN A 159 35.34 44.22 -10.10
N VAL A 160 36.23 45.08 -10.55
CA VAL A 160 36.49 45.21 -11.97
C VAL A 160 37.95 44.94 -12.28
N ASN A 161 38.19 44.23 -13.37
CA ASN A 161 39.55 43.94 -13.80
C ASN A 161 39.40 43.76 -15.31
N VAL A 162 40.45 44.04 -16.06
CA VAL A 162 40.35 43.88 -17.50
C VAL A 162 41.53 43.13 -18.07
N THR A 163 41.29 42.43 -19.16
CA THR A 163 42.33 41.70 -19.83
C THR A 163 42.50 42.37 -21.19
N LEU A 164 43.60 43.08 -21.35
CA LEU A 164 43.88 43.79 -22.58
C LEU A 164 44.68 42.88 -23.50
N VAL A 165 44.13 42.56 -24.65
CA VAL A 165 44.84 41.73 -25.58
C VAL A 165 45.20 42.59 -26.77
N HIS A 166 46.50 42.66 -27.07
CA HIS A 166 47.00 43.43 -28.20
C HIS A 166 46.98 42.55 -29.45
N MET B 26 26.07 33.02 0.90
CA MET B 26 26.76 33.03 -0.42
C MET B 26 26.61 31.67 -1.09
N ASP B 27 25.38 31.19 -1.18
CA ASP B 27 25.07 29.89 -1.77
C ASP B 27 24.86 29.96 -3.28
N LYS B 28 24.09 30.96 -3.74
CA LYS B 28 23.82 31.10 -5.16
C LYS B 28 24.84 31.98 -5.86
N LYS B 29 25.45 31.41 -6.89
CA LYS B 29 26.46 32.10 -7.69
C LYS B 29 25.86 32.30 -9.07
N TYR B 30 26.37 33.28 -9.80
CA TYR B 30 25.87 33.52 -11.14
C TYR B 30 27.06 33.75 -12.05
N ASP B 31 26.95 33.24 -13.28
CA ASP B 31 28.01 33.41 -14.26
C ASP B 31 27.39 33.67 -15.61
N ILE B 32 27.58 34.90 -16.09
CA ILE B 32 27.05 35.36 -17.36
C ILE B 32 28.17 35.94 -18.21
N THR B 33 28.02 35.89 -19.52
CA THR B 33 29.04 36.46 -20.39
C THR B 33 28.41 37.15 -21.59
N ALA B 34 28.58 38.45 -21.67
CA ALA B 34 28.05 39.25 -22.78
C ALA B 34 29.16 39.58 -23.77
N VAL B 35 28.79 39.62 -25.04
CA VAL B 35 29.73 39.92 -26.12
C VAL B 35 29.22 41.00 -27.07
N LEU B 36 30.12 41.88 -27.50
CA LEU B 36 29.78 42.93 -28.43
C LEU B 36 29.97 42.40 -29.85
N ASN B 37 28.89 42.24 -30.60
CA ASN B 37 29.01 41.74 -31.96
C ASN B 37 29.20 42.93 -32.88
N GLU B 38 29.28 42.68 -34.18
CA GLU B 38 29.41 43.78 -35.12
C GLU B 38 28.01 44.35 -35.12
N ASP B 39 27.73 45.32 -35.98
CA ASP B 39 26.38 45.90 -36.00
C ASP B 39 25.97 46.37 -34.59
N SER B 40 26.95 46.54 -33.73
CA SER B 40 26.76 46.97 -32.33
C SER B 40 25.68 46.28 -31.47
N SER B 41 25.32 45.05 -31.80
CA SER B 41 24.35 44.32 -30.98
C SER B 41 25.21 43.46 -30.05
N MET B 42 24.65 43.04 -28.92
CA MET B 42 25.39 42.22 -27.99
C MET B 42 24.62 40.95 -27.73
N THR B 43 25.32 39.85 -27.49
CA THR B 43 24.61 38.62 -27.18
C THR B 43 25.13 38.12 -25.84
N ALA B 44 24.21 37.77 -24.95
CA ALA B 44 24.58 37.28 -23.63
C ALA B 44 24.42 35.76 -23.61
N ILE B 45 25.13 35.10 -22.71
CA ILE B 45 25.03 33.66 -22.61
C ILE B 45 24.99 33.25 -21.15
N SER B 46 24.02 32.40 -20.84
CA SER B 46 23.84 31.85 -19.51
C SER B 46 23.64 30.36 -19.75
N ASP B 47 24.56 29.53 -19.25
CA ASP B 47 24.49 28.08 -19.44
C ASP B 47 24.28 27.90 -20.93
N GLN B 48 23.20 27.23 -21.33
CA GLN B 48 22.97 27.06 -22.75
C GLN B 48 21.97 28.06 -23.34
N PHE B 49 21.66 29.13 -22.62
CA PHE B 49 20.72 30.10 -23.15
C PHE B 49 21.39 31.34 -23.72
N GLN B 50 20.74 31.96 -24.71
CA GLN B 50 21.29 33.14 -25.37
C GLN B 50 20.23 34.20 -25.61
N ILE B 51 20.54 35.41 -25.21
CA ILE B 51 19.66 36.55 -25.39
C ILE B 51 20.49 37.65 -26.06
N THR B 52 19.98 38.25 -27.13
CA THR B 52 20.73 39.32 -27.77
C THR B 52 20.17 40.63 -27.24
N LEU B 53 21.04 41.57 -26.91
CA LEU B 53 20.64 42.88 -26.39
C LEU B 53 21.18 43.98 -27.30
N ASP B 54 20.34 44.97 -27.58
CA ASP B 54 20.73 46.04 -28.46
C ASP B 54 20.31 47.38 -27.84
N ALA B 55 21.24 48.32 -27.75
CA ALA B 55 20.93 49.60 -27.16
C ALA B 55 20.54 50.63 -28.22
N ARG B 56 20.46 50.21 -29.48
CA ARG B 56 20.08 51.11 -30.57
C ARG B 56 18.59 51.44 -30.36
N PRO B 57 18.09 52.53 -30.96
CA PRO B 57 16.69 52.94 -30.84
C PRO B 57 15.73 51.92 -31.47
N LYS B 58 14.45 52.01 -31.10
CA LYS B 58 13.38 51.11 -31.60
C LYS B 58 13.41 50.77 -33.09
N HIS B 59 13.62 51.79 -33.92
CA HIS B 59 13.66 51.60 -35.37
C HIS B 59 14.78 50.70 -35.89
N THR B 60 15.93 50.76 -35.24
CA THR B 60 17.08 49.96 -35.66
C THR B 60 17.29 48.61 -35.01
N ALA B 61 17.02 48.52 -33.69
CA ALA B 61 17.26 47.38 -32.75
C ALA B 61 16.96 45.91 -33.12
N LYS B 62 17.65 45.04 -32.31
CA LYS B 62 17.70 43.57 -32.42
C LYS B 62 17.32 42.73 -31.16
N GLY B 63 17.11 43.37 -29.99
CA GLY B 63 16.70 42.72 -28.75
C GLY B 63 16.46 43.76 -27.68
N PHE B 64 16.41 43.32 -26.44
CA PHE B 64 16.17 44.20 -25.30
C PHE B 64 17.28 45.21 -25.09
N GLY B 65 16.92 46.36 -24.52
CA GLY B 65 17.90 47.36 -24.23
C GLY B 65 18.62 46.87 -22.98
N PRO B 66 19.81 47.38 -22.69
CA PRO B 66 20.52 46.92 -21.49
C PRO B 66 19.63 47.05 -20.26
N LEU B 67 19.17 48.26 -19.98
CA LEU B 67 18.31 48.46 -18.83
C LEU B 67 16.97 47.70 -18.90
N ALA B 68 16.39 47.61 -20.10
CA ALA B 68 15.13 46.89 -20.27
C ALA B 68 15.25 45.44 -19.77
N ALA B 69 16.34 44.78 -20.11
CA ALA B 69 16.52 43.41 -19.65
C ALA B 69 16.78 43.46 -18.16
N LEU B 70 17.58 44.43 -17.74
CA LEU B 70 17.90 44.56 -16.32
C LEU B 70 16.59 44.64 -15.54
N LEU B 71 15.72 45.56 -15.93
CA LEU B 71 14.44 45.70 -15.27
C LEU B 71 13.59 44.43 -15.37
N SER B 72 13.68 43.75 -16.51
CA SER B 72 12.95 42.51 -16.70
C SER B 72 13.46 41.49 -15.70
N GLY B 73 14.78 41.46 -15.53
CA GLY B 73 15.38 40.53 -14.60
C GLY B 73 14.82 40.78 -13.23
N LEU B 74 14.59 42.04 -12.90
CA LEU B 74 14.03 42.41 -11.60
C LEU B 74 12.60 41.86 -11.56
N ALA B 75 11.82 42.23 -12.56
CA ALA B 75 10.43 41.81 -12.66
C ALA B 75 10.29 40.31 -12.48
N ALA B 76 11.11 39.56 -13.19
CA ALA B 76 11.06 38.10 -13.14
C ALA B 76 11.45 37.53 -11.77
N CYS B 77 12.24 38.29 -11.01
CA CYS B 77 12.65 37.86 -9.68
C CYS B 77 11.44 38.04 -8.79
N GLU B 78 10.77 39.17 -8.97
CA GLU B 78 9.56 39.49 -8.21
C GLU B 78 8.55 38.35 -8.38
N LEU B 79 8.12 38.11 -9.60
CA LEU B 79 7.15 37.05 -9.89
C LEU B 79 7.64 35.74 -9.30
N ALA B 80 8.87 35.39 -9.67
CA ALA B 80 9.50 34.17 -9.20
C ALA B 80 9.39 33.99 -7.70
N THR B 81 9.74 35.02 -6.93
CA THR B 81 9.69 34.85 -5.48
C THR B 81 8.26 34.85 -4.96
N ALA B 82 7.39 35.59 -5.64
CA ALA B 82 5.99 35.64 -5.25
C ALA B 82 5.51 34.22 -5.36
N ASN B 83 5.77 33.60 -6.52
CA ASN B 83 5.36 32.23 -6.75
C ASN B 83 5.93 31.23 -5.73
N LEU B 84 7.14 31.49 -5.22
CA LEU B 84 7.73 30.60 -4.23
C LEU B 84 7.29 30.86 -2.80
N MET B 85 6.80 32.07 -2.53
CA MET B 85 6.33 32.42 -1.19
C MET B 85 4.81 32.24 -1.03
N ALA B 86 4.09 32.26 -2.14
CA ALA B 86 2.64 32.12 -2.11
C ALA B 86 2.12 30.97 -1.25
N PRO B 87 2.64 29.76 -1.46
CA PRO B 87 2.21 28.57 -0.69
C PRO B 87 2.30 28.74 0.82
N ALA B 88 3.46 29.18 1.29
CA ALA B 88 3.64 29.36 2.72
C ALA B 88 2.72 30.46 3.21
N LYS B 89 2.27 31.32 2.30
CA LYS B 89 1.39 32.37 2.71
C LYS B 89 -0.09 32.11 2.43
N MET B 90 -0.40 30.92 1.92
CA MET B 90 -1.78 30.54 1.64
C MET B 90 -2.42 31.38 0.54
N ILE B 91 -1.61 32.19 -0.10
CA ILE B 91 -2.10 33.01 -1.18
C ILE B 91 -2.25 32.11 -2.42
N THR B 92 -3.42 32.07 -3.01
CA THR B 92 -3.55 31.26 -4.20
C THR B 92 -3.58 32.28 -5.35
N ILE B 93 -2.68 32.08 -6.30
CA ILE B 93 -2.49 32.97 -7.45
C ILE B 93 -3.03 32.35 -8.72
N ASN B 94 -3.91 33.07 -9.41
CA ASN B 94 -4.50 32.56 -10.65
C ASN B 94 -3.85 33.14 -11.89
N LYS B 95 -3.42 34.39 -11.78
CA LYS B 95 -2.75 35.11 -12.84
C LYS B 95 -1.83 36.07 -12.11
N LEU B 96 -0.59 36.18 -12.58
CA LEU B 96 0.37 37.08 -11.94
C LEU B 96 1.22 37.74 -13.00
N LEU B 97 1.34 39.07 -12.92
CA LEU B 97 2.15 39.80 -13.89
C LEU B 97 2.60 41.13 -13.31
N MET B 98 3.73 41.63 -13.79
CA MET B 98 4.24 42.91 -13.31
C MET B 98 4.69 43.82 -14.43
N ASN B 99 4.23 45.06 -14.34
CA ASN B 99 4.58 46.07 -15.32
C ASN B 99 5.63 46.95 -14.64
N VAL B 100 6.83 47.05 -15.23
CA VAL B 100 7.88 47.85 -14.64
C VAL B 100 8.24 49.02 -15.51
N THR B 101 8.34 50.19 -14.90
CA THR B 101 8.73 51.36 -15.67
C THR B 101 9.81 52.08 -14.90
N GLY B 102 10.76 52.66 -15.61
CA GLY B 102 11.84 53.37 -14.93
C GLY B 102 12.45 54.49 -15.74
N SER B 103 13.28 55.30 -15.10
CA SER B 103 13.94 56.40 -15.80
C SER B 103 15.30 56.84 -15.25
N ARG B 104 16.05 57.53 -16.09
CA ARG B 104 17.38 58.05 -15.73
C ARG B 104 17.69 59.28 -16.57
N SER B 105 18.67 60.05 -16.12
CA SER B 105 19.11 61.24 -16.83
C SER B 105 20.23 60.87 -17.79
N THR B 106 20.28 61.59 -18.91
CA THR B 106 21.34 61.36 -19.89
C THR B 106 22.27 62.53 -19.71
N ASN B 107 21.73 63.64 -19.20
CA ASN B 107 22.52 64.82 -18.98
C ASN B 107 22.35 65.27 -17.52
N PRO B 108 22.81 64.46 -16.56
CA PRO B 108 22.67 64.82 -15.15
C PRO B 108 23.64 65.87 -14.64
N THR B 109 23.28 66.44 -13.51
CA THR B 109 24.09 67.45 -12.82
C THR B 109 24.65 66.72 -11.60
N ASP B 110 23.96 65.62 -11.26
CA ASP B 110 24.27 64.72 -10.16
C ASP B 110 25.59 64.02 -10.43
N GLY B 111 25.78 63.68 -11.70
CA GLY B 111 26.94 62.92 -12.08
C GLY B 111 26.39 61.51 -12.09
N TYR B 112 25.11 61.40 -11.74
CA TYR B 112 24.40 60.12 -11.66
C TYR B 112 23.67 59.75 -12.97
N PHE B 113 24.16 58.72 -13.65
CA PHE B 113 23.56 58.28 -14.89
C PHE B 113 22.67 57.06 -14.73
N GLY B 114 22.55 56.58 -13.50
CA GLY B 114 21.72 55.41 -13.25
C GLY B 114 20.25 55.71 -13.10
N LEU B 115 19.45 54.66 -12.88
CA LEU B 115 18.00 54.78 -12.70
C LEU B 115 17.62 55.65 -11.50
N ARG B 116 16.86 56.72 -11.72
CA ARG B 116 16.46 57.55 -10.59
C ARG B 116 15.16 57.05 -9.98
N GLU B 117 14.31 56.49 -10.81
CA GLU B 117 13.03 55.96 -10.34
C GLU B 117 12.69 54.67 -11.06
N ILE B 118 12.10 53.73 -10.32
CA ILE B 118 11.69 52.46 -10.89
C ILE B 118 10.31 52.15 -10.30
N ASN B 119 9.32 52.03 -11.17
CA ASN B 119 7.95 51.75 -10.74
C ASN B 119 7.54 50.30 -10.97
N LEU B 120 7.10 49.65 -9.90
CA LEU B 120 6.66 48.26 -9.99
C LEU B 120 5.16 48.19 -9.83
N HIS B 121 4.47 47.64 -10.84
CA HIS B 121 3.02 47.50 -10.73
C HIS B 121 2.60 46.04 -10.85
N TRP B 122 2.17 45.46 -9.74
CA TRP B 122 1.72 44.07 -9.75
C TRP B 122 0.26 44.00 -10.18
N GLU B 123 -0.10 42.94 -10.87
CA GLU B 123 -1.49 42.74 -11.22
C GLU B 123 -1.69 41.30 -10.74
N ILE B 124 -2.47 41.14 -9.68
CA ILE B 124 -2.70 39.80 -9.16
C ILE B 124 -4.15 39.37 -9.23
N HIS B 125 -4.39 38.24 -9.87
CA HIS B 125 -5.72 37.67 -9.94
C HIS B 125 -5.69 36.65 -8.80
N SER B 126 -6.38 36.96 -7.73
CA SER B 126 -6.39 36.10 -6.57
C SER B 126 -7.64 36.28 -5.75
N PRO B 127 -8.17 35.18 -5.19
CA PRO B 127 -9.37 35.17 -4.36
C PRO B 127 -9.10 35.69 -2.93
N ASN B 128 -7.83 35.84 -2.59
CA ASN B 128 -7.44 36.33 -1.27
C ASN B 128 -7.83 37.79 -0.99
N SER B 129 -8.05 38.11 0.28
CA SER B 129 -8.45 39.45 0.67
C SER B 129 -7.35 40.49 0.44
N GLU B 130 -7.73 41.78 0.38
CA GLU B 130 -6.75 42.85 0.16
C GLU B 130 -5.66 42.80 1.22
N THR B 131 -6.06 42.81 2.48
CA THR B 131 -5.09 42.81 3.56
C THR B 131 -4.19 41.60 3.45
N GLU B 132 -4.67 40.57 2.77
CA GLU B 132 -3.86 39.36 2.60
C GLU B 132 -2.82 39.56 1.49
N ILE B 133 -3.23 40.17 0.39
CA ILE B 133 -2.34 40.43 -0.71
C ILE B 133 -1.34 41.52 -0.32
N LYS B 134 -1.80 42.44 0.50
CA LYS B 134 -0.96 43.55 0.94
C LYS B 134 0.22 43.00 1.72
N GLU B 135 -0.04 42.11 2.67
CA GLU B 135 1.02 41.56 3.49
C GLU B 135 1.90 40.59 2.71
N PHE B 136 1.32 39.94 1.72
CA PHE B 136 2.02 38.97 0.88
C PHE B 136 3.08 39.67 0.03
N ILE B 137 2.72 40.84 -0.48
CA ILE B 137 3.61 41.60 -1.32
C ILE B 137 4.70 42.29 -0.52
N ASP B 138 4.38 42.72 0.70
CA ASP B 138 5.39 43.36 1.54
C ASP B 138 6.46 42.32 1.77
N PHE B 139 6.02 41.07 1.88
CA PHE B 139 6.89 39.91 2.09
C PHE B 139 7.69 39.61 0.83
N VAL B 140 7.00 39.36 -0.29
CA VAL B 140 7.72 39.09 -1.53
C VAL B 140 8.74 40.20 -1.75
N SER B 141 8.36 41.45 -1.47
CA SER B 141 9.30 42.54 -1.64
C SER B 141 10.56 42.32 -0.79
N LYS B 142 10.37 42.22 0.52
CA LYS B 142 11.49 42.01 1.46
C LYS B 142 12.24 40.72 1.14
N ARG B 143 11.78 39.98 0.13
CA ARG B 143 12.43 38.73 -0.19
C ARG B 143 13.09 38.56 -1.58
N CYS B 144 12.59 39.19 -2.66
CA CYS B 144 13.26 38.97 -3.94
C CYS B 144 14.67 39.57 -3.89
N PRO B 145 15.67 38.81 -4.34
CA PRO B 145 17.06 39.31 -4.34
C PRO B 145 17.18 40.64 -5.07
N ALA B 146 16.69 40.69 -6.31
CA ALA B 146 16.76 41.92 -7.08
C ALA B 146 16.27 43.10 -6.25
N HIS B 147 15.02 43.04 -5.81
CA HIS B 147 14.41 44.11 -5.02
C HIS B 147 15.31 44.53 -3.85
N ASN B 148 15.88 43.56 -3.13
CA ASN B 148 16.77 43.85 -2.01
C ASN B 148 17.97 44.67 -2.48
N THR B 149 18.60 44.19 -3.55
CA THR B 149 19.77 44.82 -4.13
C THR B 149 19.52 46.30 -4.40
N LEU B 150 18.47 46.58 -5.17
CA LEU B 150 18.10 47.93 -5.55
C LEU B 150 17.52 48.79 -4.43
N GLN B 151 17.03 48.14 -3.37
CA GLN B 151 16.50 48.86 -2.21
C GLN B 151 17.62 49.71 -1.59
N GLY B 152 18.82 49.15 -1.62
CA GLY B 152 19.98 49.83 -1.06
C GLY B 152 20.52 51.02 -1.81
N VAL B 153 20.03 51.28 -3.03
CA VAL B 153 20.52 52.41 -3.81
C VAL B 153 20.35 53.75 -3.09
N SER B 154 19.25 54.47 -3.33
CA SER B 154 18.99 55.76 -2.66
C SER B 154 19.13 56.99 -3.58
N GLN B 155 19.76 56.78 -4.73
CA GLN B 155 19.48 57.80 -5.84
C GLN B 155 18.34 57.29 -6.69
N LEU B 156 17.81 56.16 -6.24
CA LEU B 156 16.72 55.48 -6.89
C LEU B 156 15.51 55.36 -5.95
N LYS B 157 14.30 55.56 -6.48
CA LYS B 157 13.06 55.46 -5.71
C LYS B 157 12.23 54.36 -6.33
N ILE B 158 11.92 53.35 -5.53
CA ILE B 158 11.14 52.23 -6.02
C ILE B 158 9.71 52.34 -5.48
N ASN B 159 8.77 52.66 -6.37
CA ASN B 159 7.38 52.80 -5.97
C ASN B 159 6.66 51.50 -6.26
N VAL B 160 5.97 50.97 -5.26
CA VAL B 160 5.24 49.74 -5.47
C VAL B 160 3.75 49.94 -5.30
N ASN B 161 3.00 49.32 -6.19
CA ASN B 161 1.56 49.39 -6.17
C ASN B 161 1.04 48.13 -6.87
N VAL B 162 -0.03 47.59 -6.33
CA VAL B 162 -0.63 46.38 -6.86
C VAL B 162 -2.11 46.50 -7.21
N THR B 163 -2.51 45.79 -8.24
CA THR B 163 -3.91 45.74 -8.66
C THR B 163 -4.35 44.31 -8.39
N LEU B 164 -5.26 44.14 -7.43
CA LEU B 164 -5.79 42.84 -7.08
C LEU B 164 -7.10 42.60 -7.84
N VAL B 165 -7.17 41.49 -8.56
CA VAL B 165 -8.37 41.17 -9.32
C VAL B 165 -9.02 39.89 -8.82
N HIS B 166 -10.27 40.00 -8.39
CA HIS B 166 -10.99 38.83 -7.91
C HIS B 166 -11.74 38.19 -9.07
N TYR C 21 -9.32 -7.15 28.74
CA TYR C 21 -8.13 -7.74 29.42
C TYR C 21 -7.09 -8.25 28.41
N PHE C 22 -7.53 -9.05 27.44
CA PHE C 22 -6.62 -9.52 26.40
C PHE C 22 -6.76 -8.52 25.26
N GLN C 23 -5.65 -8.06 24.70
CA GLN C 23 -5.71 -7.12 23.60
C GLN C 23 -5.17 -7.72 22.31
N GLY C 24 -5.59 -7.16 21.19
CA GLY C 24 -5.15 -7.67 19.90
C GLY C 24 -3.74 -7.25 19.52
N HIS C 25 -2.98 -8.22 19.07
CA HIS C 25 -1.61 -7.99 18.64
C HIS C 25 -1.71 -7.15 17.35
N MET C 26 -0.66 -6.38 17.05
CA MET C 26 -0.67 -5.58 15.83
C MET C 26 0.04 -6.43 14.80
N ASP C 27 -0.74 -7.27 14.12
CA ASP C 27 -0.26 -8.19 13.10
C ASP C 27 0.17 -7.56 11.78
N LYS C 28 -0.63 -6.64 11.25
CA LYS C 28 -0.32 -5.99 9.97
C LYS C 28 0.61 -4.79 10.10
N LYS C 29 1.67 -4.82 9.31
CA LYS C 29 2.66 -3.76 9.28
C LYS C 29 2.76 -3.24 7.85
N TYR C 30 2.92 -1.94 7.71
CA TYR C 30 3.05 -1.32 6.39
C TYR C 30 4.36 -0.56 6.30
N ASP C 31 5.01 -0.62 5.14
CA ASP C 31 6.28 0.09 4.97
C ASP C 31 6.36 0.69 3.57
N ILE C 32 6.32 2.01 3.52
CA ILE C 32 6.36 2.73 2.26
C ILE C 32 7.47 3.76 2.28
N THR C 33 7.89 4.20 1.10
CA THR C 33 8.92 5.23 1.01
C THR C 33 8.68 6.10 -0.22
N ALA C 34 8.62 7.41 -0.02
CA ALA C 34 8.42 8.32 -1.15
C ALA C 34 9.67 9.18 -1.25
N VAL C 35 10.01 9.55 -2.47
CA VAL C 35 11.18 10.38 -2.72
C VAL C 35 10.78 11.62 -3.50
N LEU C 36 11.51 12.71 -3.28
CA LEU C 36 11.25 13.94 -3.99
C LEU C 36 12.18 14.01 -5.17
N ASN C 37 11.64 13.82 -6.37
CA ASN C 37 12.46 13.86 -7.56
C ASN C 37 12.61 15.33 -7.94
N GLU C 38 13.32 15.60 -9.03
CA GLU C 38 13.45 16.99 -9.47
C GLU C 38 12.10 17.22 -10.11
N ASP C 39 11.95 18.30 -10.86
CA ASP C 39 10.67 18.60 -11.50
C ASP C 39 9.52 18.47 -10.49
N SER C 40 9.88 18.48 -9.21
CA SER C 40 8.94 18.38 -8.09
C SER C 40 8.00 17.18 -7.98
N SER C 41 8.09 16.22 -8.91
CA SER C 41 7.23 15.04 -8.82
C SER C 41 7.81 14.14 -7.73
N MET C 42 7.02 13.22 -7.21
CA MET C 42 7.49 12.32 -6.16
C MET C 42 7.18 10.87 -6.50
N THR C 43 8.13 9.98 -6.27
CA THR C 43 7.86 8.56 -6.55
C THR C 43 7.79 7.78 -5.25
N ALA C 44 6.75 6.96 -5.13
CA ALA C 44 6.56 6.14 -3.93
C ALA C 44 6.85 4.69 -4.27
N ILE C 45 7.44 3.98 -3.32
CA ILE C 45 7.79 2.59 -3.52
C ILE C 45 7.18 1.71 -2.43
N SER C 46 6.57 0.62 -2.87
CA SER C 46 5.99 -0.35 -1.97
C SER C 46 6.43 -1.69 -2.53
N ASP C 47 7.25 -2.41 -1.77
CA ASP C 47 7.77 -3.69 -2.22
C ASP C 47 8.28 -3.47 -3.63
N GLN C 48 7.86 -4.29 -4.59
CA GLN C 48 8.35 -4.12 -5.95
C GLN C 48 7.54 -3.22 -6.87
N PHE C 49 6.60 -2.45 -6.34
CA PHE C 49 5.80 -1.55 -7.16
C PHE C 49 6.22 -0.09 -6.96
N GLN C 50 5.93 0.74 -7.96
CA GLN C 50 6.29 2.15 -7.90
C GLN C 50 5.16 2.98 -8.45
N ILE C 51 4.93 4.12 -7.79
CA ILE C 51 3.89 5.04 -8.20
C ILE C 51 4.47 6.44 -8.16
N THR C 52 4.02 7.30 -9.09
CA THR C 52 4.52 8.65 -9.09
C THR C 52 3.38 9.60 -8.80
N LEU C 53 3.58 10.41 -7.77
CA LEU C 53 2.59 11.36 -7.34
C LEU C 53 3.10 12.74 -7.68
N ASP C 54 2.18 13.65 -7.93
CA ASP C 54 2.53 15.00 -8.29
C ASP C 54 1.47 15.94 -7.77
N ALA C 55 1.90 16.91 -6.98
CA ALA C 55 0.99 17.90 -6.42
C ALA C 55 0.80 19.12 -7.33
N ARG C 56 1.44 19.12 -8.50
CA ARG C 56 1.32 20.24 -9.45
C ARG C 56 -0.08 20.15 -10.07
N PRO C 57 -0.56 21.24 -10.68
CA PRO C 57 -1.90 21.23 -11.29
C PRO C 57 -2.03 20.35 -12.53
N LYS C 58 -3.28 20.13 -12.95
CA LYS C 58 -3.58 19.29 -14.10
C LYS C 58 -2.66 19.50 -15.31
N HIS C 59 -2.59 20.73 -15.80
CA HIS C 59 -1.75 21.04 -16.95
C HIS C 59 -0.31 20.54 -16.82
N THR C 60 0.32 20.86 -15.71
CA THR C 60 1.70 20.48 -15.44
C THR C 60 1.84 19.19 -14.66
N ALA C 61 0.78 18.37 -14.31
CA ALA C 61 0.97 17.15 -13.35
C ALA C 61 1.48 15.77 -13.90
N LYS C 62 2.22 14.92 -13.08
CA LYS C 62 2.76 13.63 -13.59
C LYS C 62 2.19 12.37 -12.92
N GLY C 63 1.03 12.48 -12.27
CA GLY C 63 0.37 11.38 -11.61
C GLY C 63 -0.59 11.91 -10.58
N PHE C 64 -1.13 11.02 -9.75
CA PHE C 64 -2.06 11.41 -8.72
C PHE C 64 -1.45 12.43 -7.80
N GLY C 65 -2.31 13.31 -7.29
CA GLY C 65 -1.88 14.31 -6.35
C GLY C 65 -1.84 13.54 -5.05
N PRO C 66 -1.10 14.02 -4.05
CA PRO C 66 -1.05 13.29 -2.79
C PRO C 66 -2.41 12.81 -2.26
N LEU C 67 -3.28 13.75 -1.90
CA LEU C 67 -4.59 13.38 -1.37
C LEU C 67 -5.37 12.44 -2.27
N ALA C 68 -5.32 12.68 -3.57
CA ALA C 68 -6.01 11.81 -4.50
C ALA C 68 -5.60 10.37 -4.21
N ALA C 69 -4.29 10.14 -4.13
CA ALA C 69 -3.76 8.81 -3.85
C ALA C 69 -4.30 8.29 -2.54
N LEU C 70 -4.23 9.14 -1.53
CA LEU C 70 -4.72 8.79 -0.21
C LEU C 70 -6.18 8.39 -0.30
N LEU C 71 -6.99 9.26 -0.89
CA LEU C 71 -8.40 8.98 -1.06
C LEU C 71 -8.61 7.68 -1.81
N SER C 72 -7.76 7.42 -2.78
CA SER C 72 -7.87 6.19 -3.56
C SER C 72 -7.58 5.00 -2.67
N GLY C 73 -6.66 5.17 -1.72
CA GLY C 73 -6.36 4.09 -0.83
C GLY C 73 -7.59 3.83 0.00
N LEU C 74 -8.21 4.92 0.47
CA LEU C 74 -9.41 4.81 1.29
C LEU C 74 -10.45 3.98 0.56
N ALA C 75 -10.73 4.32 -0.68
CA ALA C 75 -11.73 3.60 -1.46
C ALA C 75 -11.35 2.16 -1.76
N ALA C 76 -10.08 1.92 -2.08
CA ALA C 76 -9.63 0.57 -2.41
C ALA C 76 -9.74 -0.32 -1.20
N CYS C 77 -9.70 0.28 -0.01
CA CYS C 77 -9.84 -0.46 1.24
C CYS C 77 -11.33 -0.75 1.36
N GLU C 78 -12.15 0.24 1.06
CA GLU C 78 -13.60 0.09 1.11
C GLU C 78 -13.99 -1.10 0.26
N LEU C 79 -13.60 -1.07 -1.00
CA LEU C 79 -13.94 -2.19 -1.87
C LEU C 79 -13.35 -3.42 -1.24
N ALA C 80 -12.04 -3.45 -1.14
CA ALA C 80 -11.34 -4.60 -0.57
C ALA C 80 -12.07 -5.24 0.62
N THR C 81 -12.35 -4.47 1.66
CA THR C 81 -13.03 -5.11 2.79
C THR C 81 -14.42 -5.55 2.36
N ALA C 82 -15.07 -4.75 1.53
CA ALA C 82 -16.40 -5.08 1.05
C ALA C 82 -16.31 -6.47 0.46
N ASN C 83 -15.30 -6.67 -0.37
CA ASN C 83 -15.09 -7.95 -1.04
C ASN C 83 -14.77 -9.12 -0.11
N LEU C 84 -14.07 -8.86 0.99
CA LEU C 84 -13.72 -9.94 1.92
C LEU C 84 -14.87 -10.39 2.81
N MET C 85 -15.71 -9.46 3.21
CA MET C 85 -16.81 -9.77 4.10
C MET C 85 -18.03 -10.31 3.36
N ALA C 86 -18.09 -10.08 2.05
CA ALA C 86 -19.22 -10.50 1.24
C ALA C 86 -19.65 -11.96 1.45
N PRO C 87 -18.70 -12.89 1.45
CA PRO C 87 -19.06 -14.30 1.64
C PRO C 87 -19.69 -14.55 3.01
N ALA C 88 -19.13 -13.91 4.03
CA ALA C 88 -19.61 -14.07 5.39
C ALA C 88 -20.95 -13.41 5.62
N LYS C 89 -21.36 -12.54 4.72
CA LYS C 89 -22.63 -11.87 4.91
C LYS C 89 -23.63 -12.34 3.88
N MET C 90 -23.16 -13.23 3.00
CA MET C 90 -24.00 -13.79 1.95
C MET C 90 -24.32 -12.81 0.84
N ILE C 91 -23.52 -11.75 0.73
CA ILE C 91 -23.73 -10.77 -0.32
C ILE C 91 -22.89 -11.19 -1.52
N THR C 92 -23.55 -11.46 -2.63
CA THR C 92 -22.78 -11.80 -3.82
C THR C 92 -22.62 -10.46 -4.53
N ILE C 93 -21.46 -10.24 -5.15
CA ILE C 93 -21.20 -8.97 -5.83
C ILE C 93 -20.89 -9.23 -7.29
N ASN C 94 -21.54 -8.49 -8.17
CA ASN C 94 -21.33 -8.66 -9.59
C ASN C 94 -20.47 -7.53 -10.11
N LYS C 95 -20.79 -6.32 -9.66
CA LYS C 95 -20.04 -5.11 -10.04
C LYS C 95 -19.93 -4.25 -8.79
N LEU C 96 -18.73 -3.73 -8.56
CA LEU C 96 -18.53 -2.91 -7.38
C LEU C 96 -17.56 -1.81 -7.67
N LEU C 97 -17.89 -0.60 -7.24
CA LEU C 97 -17.01 0.52 -7.44
C LEU C 97 -17.42 1.69 -6.56
N MET C 98 -16.46 2.55 -6.29
CA MET C 98 -16.72 3.70 -5.43
C MET C 98 -16.16 4.96 -6.05
N ASN C 99 -16.82 6.06 -5.74
CA ASN C 99 -16.40 7.37 -6.20
C ASN C 99 -16.21 8.16 -4.92
N VAL C 100 -15.06 8.81 -4.79
CA VAL C 100 -14.81 9.55 -3.57
C VAL C 100 -14.50 10.99 -3.91
N THR C 101 -15.04 11.91 -3.13
CA THR C 101 -14.73 13.32 -3.33
C THR C 101 -14.40 13.84 -1.95
N GLY C 102 -13.57 14.88 -1.91
CA GLY C 102 -13.21 15.46 -0.64
C GLY C 102 -12.83 16.90 -0.85
N SER C 103 -12.82 17.69 0.21
CA SER C 103 -12.43 19.08 0.07
C SER C 103 -11.79 19.56 1.36
N ARG C 104 -10.96 20.58 1.27
CA ARG C 104 -10.26 21.13 2.42
C ARG C 104 -10.07 22.61 2.16
N SER C 105 -9.77 23.36 3.21
CA SER C 105 -9.55 24.79 3.05
C SER C 105 -8.05 25.01 2.83
N THR C 106 -7.71 25.90 1.90
CA THR C 106 -6.30 26.20 1.62
C THR C 106 -5.88 27.35 2.50
N ASN C 107 -6.86 28.12 2.93
CA ASN C 107 -6.63 29.27 3.80
C ASN C 107 -7.71 29.22 4.88
N PRO C 108 -7.60 28.26 5.79
CA PRO C 108 -8.54 28.04 6.90
C PRO C 108 -8.40 29.01 8.06
N THR C 109 -9.44 29.04 8.90
CA THR C 109 -9.47 29.90 10.07
C THR C 109 -9.16 29.05 11.30
N ASP C 110 -9.58 27.78 11.23
CA ASP C 110 -9.39 26.79 12.27
C ASP C 110 -7.91 26.53 12.51
N GLY C 111 -7.19 26.41 11.42
CA GLY C 111 -5.78 26.09 11.49
C GLY C 111 -5.78 24.64 11.05
N TYR C 112 -6.91 24.25 10.46
CA TYR C 112 -7.10 22.90 9.98
C TYR C 112 -6.98 22.84 8.46
N PHE C 113 -5.90 22.22 7.99
CA PHE C 113 -5.64 22.09 6.57
C PHE C 113 -6.06 20.71 6.07
N GLY C 114 -6.55 19.87 6.97
CA GLY C 114 -6.96 18.52 6.61
C GLY C 114 -8.25 18.49 5.82
N LEU C 115 -8.68 17.29 5.45
CA LEU C 115 -9.93 17.15 4.71
C LEU C 115 -11.07 17.51 5.64
N ARG C 116 -11.98 18.36 5.19
CA ARG C 116 -13.10 18.76 6.04
C ARG C 116 -14.30 17.87 5.80
N GLU C 117 -14.35 17.30 4.59
CA GLU C 117 -15.44 16.43 4.21
C GLU C 117 -14.99 15.51 3.10
N ILE C 118 -15.45 14.26 3.17
CA ILE C 118 -15.12 13.28 2.16
C ILE C 118 -16.40 12.46 1.94
N ASN C 119 -16.91 12.49 0.70
CA ASN C 119 -18.14 11.79 0.32
C ASN C 119 -17.86 10.53 -0.48
N LEU C 120 -18.32 9.40 0.05
CA LEU C 120 -18.15 8.10 -0.60
C LEU C 120 -19.44 7.69 -1.28
N HIS C 121 -19.36 7.36 -2.55
CA HIS C 121 -20.55 6.94 -3.29
C HIS C 121 -20.33 5.52 -3.80
N TRP C 122 -21.08 4.57 -3.24
CA TRP C 122 -20.97 3.17 -3.65
C TRP C 122 -21.91 2.84 -4.81
N GLU C 123 -21.45 2.02 -5.75
CA GLU C 123 -22.29 1.55 -6.86
C GLU C 123 -22.22 0.02 -6.83
N ILE C 124 -23.22 -0.61 -6.22
CA ILE C 124 -23.23 -2.05 -6.09
C ILE C 124 -24.20 -2.70 -7.04
N HIS C 125 -23.72 -3.73 -7.73
CA HIS C 125 -24.56 -4.50 -8.62
C HIS C 125 -24.60 -5.84 -7.90
N SER C 126 -25.70 -6.07 -7.19
CA SER C 126 -25.86 -7.29 -6.42
C SER C 126 -27.32 -7.71 -6.32
N PRO C 127 -27.59 -9.01 -6.43
CA PRO C 127 -28.93 -9.59 -6.35
C PRO C 127 -29.54 -9.51 -4.94
N ASN C 128 -28.76 -9.00 -3.99
CA ASN C 128 -29.24 -8.88 -2.63
C ASN C 128 -30.26 -7.76 -2.46
N SER C 129 -31.05 -7.84 -1.40
CA SER C 129 -32.10 -6.88 -1.12
C SER C 129 -31.64 -5.54 -0.59
N GLU C 130 -32.56 -4.58 -0.59
CA GLU C 130 -32.25 -3.26 -0.10
C GLU C 130 -31.72 -3.42 1.31
N THR C 131 -32.59 -3.82 2.25
CA THR C 131 -32.16 -3.96 3.63
C THR C 131 -30.83 -4.71 3.78
N GLU C 132 -30.58 -5.73 2.95
CA GLU C 132 -29.33 -6.46 3.03
C GLU C 132 -28.13 -5.61 2.66
N ILE C 133 -28.12 -5.01 1.48
CA ILE C 133 -26.97 -4.19 1.07
C ILE C 133 -26.77 -3.07 2.06
N LYS C 134 -27.86 -2.51 2.56
CA LYS C 134 -27.77 -1.42 3.54
C LYS C 134 -26.80 -1.82 4.64
N GLU C 135 -27.17 -2.82 5.42
CA GLU C 135 -26.37 -3.32 6.52
C GLU C 135 -24.98 -3.78 6.10
N PHE C 136 -24.89 -4.51 5.00
CA PHE C 136 -23.58 -4.98 4.57
C PHE C 136 -22.62 -3.80 4.54
N ILE C 137 -23.10 -2.66 4.06
CA ILE C 137 -22.25 -1.49 3.97
C ILE C 137 -22.00 -0.81 5.32
N ASP C 138 -22.97 -0.85 6.22
CA ASP C 138 -22.75 -0.26 7.54
C ASP C 138 -21.61 -1.06 8.15
N PHE C 139 -21.69 -2.38 7.95
CA PHE C 139 -20.71 -3.31 8.46
C PHE C 139 -19.35 -3.02 7.82
N VAL C 140 -19.32 -2.91 6.50
CA VAL C 140 -18.07 -2.62 5.80
C VAL C 140 -17.47 -1.31 6.28
N SER C 141 -18.30 -0.28 6.43
CA SER C 141 -17.82 1.02 6.90
C SER C 141 -17.14 0.85 8.23
N LYS C 142 -17.81 0.14 9.13
CA LYS C 142 -17.30 -0.10 10.47
C LYS C 142 -16.04 -0.97 10.43
N ARG C 143 -15.85 -1.65 9.32
CA ARG C 143 -14.74 -2.56 9.18
C ARG C 143 -13.51 -2.15 8.36
N CYS C 144 -13.65 -1.37 7.28
CA CYS C 144 -12.45 -1.02 6.52
C CYS C 144 -11.51 -0.15 7.37
N PRO C 145 -10.26 -0.61 7.54
CA PRO C 145 -9.21 0.08 8.31
C PRO C 145 -9.14 1.56 7.99
N ALA C 146 -9.00 1.89 6.71
CA ALA C 146 -8.95 3.26 6.28
C ALA C 146 -10.14 4.02 6.87
N HIS C 147 -11.35 3.54 6.58
CA HIS C 147 -12.57 4.19 7.07
C HIS C 147 -12.54 4.35 8.58
N ASN C 148 -12.24 3.28 9.30
CA ASN C 148 -12.18 3.36 10.76
C ASN C 148 -11.18 4.44 11.16
N THR C 149 -9.99 4.36 10.60
CA THR C 149 -8.96 5.33 10.89
C THR C 149 -9.54 6.74 10.85
N LEU C 150 -10.12 7.12 9.72
CA LEU C 150 -10.68 8.47 9.56
C LEU C 150 -11.93 8.79 10.36
N GLN C 151 -12.69 7.77 10.76
CA GLN C 151 -13.92 8.01 11.50
C GLN C 151 -13.69 8.90 12.71
N GLY C 152 -12.53 8.72 13.34
CA GLY C 152 -12.22 9.48 14.54
C GLY C 152 -11.66 10.87 14.37
N VAL C 153 -11.83 11.48 13.19
CA VAL C 153 -11.30 12.83 12.95
C VAL C 153 -12.17 13.92 13.58
N SER C 154 -13.42 14.04 13.13
CA SER C 154 -14.37 15.03 13.66
C SER C 154 -14.39 16.31 12.85
N GLN C 155 -13.27 16.66 12.25
CA GLN C 155 -13.17 17.99 11.63
C GLN C 155 -13.47 17.48 10.22
N LEU C 156 -13.74 16.18 10.14
CA LEU C 156 -14.04 15.51 8.89
C LEU C 156 -15.40 14.83 8.97
N LYS C 157 -16.25 15.16 8.02
CA LYS C 157 -17.56 14.55 7.94
C LYS C 157 -17.52 13.54 6.79
N ILE C 158 -17.66 12.25 7.08
CA ILE C 158 -17.65 11.27 6.01
C ILE C 158 -19.09 10.92 5.64
N ASN C 159 -19.50 11.34 4.46
CA ASN C 159 -20.85 11.06 4.00
C ASN C 159 -20.83 9.79 3.15
N VAL C 160 -21.66 8.83 3.52
CA VAL C 160 -21.74 7.57 2.79
C VAL C 160 -23.12 7.46 2.19
N ASN C 161 -23.19 7.01 0.95
CA ASN C 161 -24.45 6.82 0.28
C ASN C 161 -24.19 5.72 -0.74
N VAL C 162 -25.07 4.72 -0.74
CA VAL C 162 -24.90 3.60 -1.65
C VAL C 162 -25.99 3.59 -2.71
N THR C 163 -25.65 3.03 -3.86
CA THR C 163 -26.61 2.91 -4.94
C THR C 163 -26.59 1.47 -5.42
N LEU C 164 -27.71 0.79 -5.22
CA LEU C 164 -27.85 -0.61 -5.62
C LEU C 164 -28.46 -0.71 -7.01
N VAL C 165 -27.92 -1.61 -7.81
CA VAL C 165 -28.40 -1.83 -9.16
C VAL C 165 -28.63 -3.32 -9.32
N HIS C 166 -29.85 -3.71 -9.67
CA HIS C 166 -30.11 -5.13 -9.86
C HIS C 166 -29.91 -5.46 -11.33
N TYR D 21 -16.11 38.54 11.33
CA TYR D 21 -17.19 37.50 11.32
C TYR D 21 -17.27 36.85 9.95
N PHE D 22 -16.27 37.16 9.11
CA PHE D 22 -16.20 36.63 7.76
C PHE D 22 -15.85 35.15 7.81
N GLN D 23 -16.68 34.34 7.16
CA GLN D 23 -16.50 32.90 7.15
C GLN D 23 -15.65 32.41 5.98
N GLY D 24 -15.09 31.21 6.13
CA GLY D 24 -14.27 30.62 5.09
C GLY D 24 -15.04 29.70 4.16
N HIS D 25 -14.31 28.93 3.36
CA HIS D 25 -14.91 27.99 2.42
C HIS D 25 -13.88 27.01 1.87
N MET D 26 -14.30 25.78 1.60
CA MET D 26 -13.41 24.74 1.08
C MET D 26 -12.99 24.98 -0.37
N ASP D 27 -11.75 25.43 -0.52
CA ASP D 27 -11.19 25.76 -1.82
C ASP D 27 -10.79 24.56 -2.69
N LYS D 28 -10.06 23.61 -2.11
CA LYS D 28 -9.60 22.43 -2.87
C LYS D 28 -10.57 21.26 -2.86
N LYS D 29 -10.93 20.80 -4.05
CA LYS D 29 -11.84 19.67 -4.22
C LYS D 29 -11.07 18.49 -4.81
N TYR D 30 -11.43 17.28 -4.39
CA TYR D 30 -10.79 16.10 -4.92
C TYR D 30 -11.87 15.19 -5.49
N ASP D 31 -11.51 14.37 -6.46
CA ASP D 31 -12.51 13.48 -7.04
C ASP D 31 -11.80 12.25 -7.59
N ILE D 32 -11.97 11.15 -6.91
CA ILE D 32 -11.35 9.90 -7.29
C ILE D 32 -12.44 8.85 -7.43
N THR D 33 -12.23 7.87 -8.31
CA THR D 33 -13.21 6.79 -8.41
C THR D 33 -12.42 5.51 -8.60
N ALA D 34 -12.68 4.54 -7.74
CA ALA D 34 -12.00 3.26 -7.78
C ALA D 34 -12.95 2.20 -8.28
N VAL D 35 -12.40 1.23 -8.99
CA VAL D 35 -13.20 0.13 -9.50
C VAL D 35 -12.65 -1.21 -9.03
N LEU D 36 -13.55 -2.14 -8.74
CA LEU D 36 -13.16 -3.47 -8.32
C LEU D 36 -13.29 -4.38 -9.52
N ASN D 37 -12.15 -4.74 -10.11
CA ASN D 37 -12.10 -5.63 -11.28
C ASN D 37 -12.27 -7.07 -10.79
N GLU D 38 -12.27 -8.00 -11.73
CA GLU D 38 -12.34 -9.41 -11.36
C GLU D 38 -10.92 -9.64 -10.89
N ASP D 39 -10.45 -10.87 -10.88
CA ASP D 39 -9.09 -11.14 -10.41
C ASP D 39 -8.77 -10.38 -9.12
N SER D 40 -9.83 -9.82 -8.52
CA SER D 40 -9.78 -9.04 -7.28
C SER D 40 -8.83 -7.84 -7.20
N SER D 41 -8.36 -7.34 -8.34
CA SER D 41 -7.48 -6.18 -8.33
C SER D 41 -8.38 -4.95 -8.44
N MET D 42 -7.85 -3.80 -7.99
CA MET D 42 -8.61 -2.55 -8.02
C MET D 42 -7.90 -1.47 -8.82
N THR D 43 -8.69 -0.63 -9.47
CA THR D 43 -8.13 0.44 -10.27
C THR D 43 -8.72 1.78 -9.84
N ALA D 44 -7.83 2.67 -9.41
CA ALA D 44 -8.19 4.02 -8.98
C ALA D 44 -7.81 4.96 -10.10
N ILE D 45 -8.68 5.93 -10.37
CA ILE D 45 -8.43 6.88 -11.44
C ILE D 45 -8.56 8.31 -10.93
N SER D 46 -7.64 9.14 -11.38
CA SER D 46 -7.62 10.56 -11.04
C SER D 46 -7.31 11.29 -12.35
N ASP D 47 -8.25 12.12 -12.80
CA ASP D 47 -8.07 12.85 -14.05
C ASP D 47 -7.61 11.86 -15.11
N GLN D 48 -6.49 12.13 -15.77
CA GLN D 48 -6.02 11.19 -16.77
C GLN D 48 -4.89 10.29 -16.32
N PHE D 49 -4.91 9.93 -15.03
CA PHE D 49 -3.91 9.06 -14.44
C PHE D 49 -4.55 7.85 -13.80
N GLN D 50 -3.84 6.72 -13.80
CA GLN D 50 -4.40 5.50 -13.24
C GLN D 50 -3.47 4.70 -12.35
N ILE D 51 -4.02 4.21 -11.25
CA ILE D 51 -3.28 3.38 -10.32
C ILE D 51 -4.07 2.09 -10.18
N THR D 52 -3.36 0.98 -10.04
CA THR D 52 -4.02 -0.32 -9.85
C THR D 52 -3.58 -0.77 -8.47
N LEU D 53 -4.54 -0.95 -7.58
CA LEU D 53 -4.25 -1.37 -6.23
C LEU D 53 -4.68 -2.81 -6.03
N ASP D 54 -3.92 -3.54 -5.22
CA ASP D 54 -4.24 -4.92 -4.97
C ASP D 54 -4.05 -5.24 -3.50
N ALA D 55 -5.05 -5.86 -2.90
CA ALA D 55 -4.95 -6.23 -1.50
C ALA D 55 -4.37 -7.64 -1.37
N ARG D 56 -4.15 -8.30 -2.51
CA ARG D 56 -3.60 -9.65 -2.52
C ARG D 56 -2.19 -9.72 -1.96
N PRO D 57 -1.86 -10.84 -1.27
CA PRO D 57 -0.52 -11.00 -0.69
C PRO D 57 0.56 -10.76 -1.75
N LYS D 58 1.75 -10.35 -1.30
CA LYS D 58 2.88 -10.06 -2.17
C LYS D 58 3.02 -10.98 -3.39
N HIS D 59 2.99 -12.30 -3.19
CA HIS D 59 3.14 -13.24 -4.29
C HIS D 59 2.22 -12.96 -5.45
N THR D 60 0.93 -12.85 -5.18
CA THR D 60 0.03 -12.53 -6.27
C THR D 60 0.25 -11.04 -6.51
N ALA D 61 -0.76 -10.21 -6.13
CA ALA D 61 -0.84 -8.70 -6.25
C ALA D 61 -0.57 -8.07 -7.64
N LYS D 62 -0.81 -6.72 -7.84
CA LYS D 62 -0.55 -6.04 -9.16
C LYS D 62 -0.21 -4.53 -9.03
N GLY D 63 -0.11 -4.06 -7.81
CA GLY D 63 0.23 -2.70 -7.47
C GLY D 63 0.15 -2.61 -5.96
N PHE D 64 0.17 -1.39 -5.43
CA PHE D 64 0.09 -1.14 -3.99
C PHE D 64 -1.13 -1.74 -3.31
N GLY D 65 -1.02 -1.91 -2.00
CA GLY D 65 -2.13 -2.40 -1.21
C GLY D 65 -2.86 -1.12 -0.81
N PRO D 66 -4.17 -1.20 -0.53
CA PRO D 66 -4.88 0.02 -0.14
C PRO D 66 -4.11 0.92 0.82
N LEU D 67 -3.90 0.46 2.04
CA LEU D 67 -3.18 1.28 3.02
C LEU D 67 -1.77 1.69 2.58
N ALA D 68 -1.07 0.82 1.85
CA ALA D 68 0.26 1.17 1.37
C ALA D 68 0.11 2.44 0.55
N ALA D 69 -0.95 2.48 -0.25
CA ALA D 69 -1.23 3.64 -1.09
C ALA D 69 -1.63 4.80 -0.22
N LEU D 70 -2.53 4.56 0.73
CA LEU D 70 -2.99 5.62 1.61
C LEU D 70 -1.79 6.31 2.26
N LEU D 71 -0.94 5.53 2.92
CA LEU D 71 0.27 6.07 3.56
C LEU D 71 1.19 6.75 2.53
N SER D 72 1.17 6.28 1.28
CA SER D 72 2.00 6.88 0.25
C SER D 72 1.47 8.27 -0.05
N GLY D 73 0.15 8.40 0.00
CA GLY D 73 -0.46 9.69 -0.25
C GLY D 73 0.01 10.56 0.90
N LEU D 74 0.00 10.00 2.11
CA LEU D 74 0.43 10.73 3.30
C LEU D 74 1.85 11.25 3.09
N ALA D 75 2.76 10.35 2.70
CA ALA D 75 4.15 10.71 2.48
C ALA D 75 4.34 11.75 1.37
N ALA D 76 3.60 11.61 0.29
CA ALA D 76 3.72 12.58 -0.80
C ALA D 76 3.27 13.97 -0.35
N CYS D 77 2.22 14.03 0.46
CA CYS D 77 1.71 15.30 0.98
C CYS D 77 2.82 15.94 1.82
N GLU D 78 3.44 15.11 2.66
CA GLU D 78 4.52 15.55 3.51
C GLU D 78 5.61 16.15 2.65
N LEU D 79 6.07 15.39 1.67
CA LEU D 79 7.14 15.84 0.79
C LEU D 79 6.74 17.13 0.07
N ALA D 80 5.63 17.07 -0.65
CA ALA D 80 5.15 18.23 -1.37
C ALA D 80 5.01 19.50 -0.51
N THR D 81 4.47 19.39 0.70
CA THR D 81 4.33 20.61 1.46
C THR D 81 5.66 21.08 2.00
N ALA D 82 6.57 20.13 2.23
CA ALA D 82 7.91 20.48 2.72
C ALA D 82 8.62 21.26 1.62
N ASN D 83 8.54 20.72 0.40
CA ASN D 83 9.13 21.33 -0.75
C ASN D 83 8.57 22.73 -1.00
N LEU D 84 7.28 22.91 -0.71
CA LEU D 84 6.64 24.21 -0.91
C LEU D 84 6.90 25.23 0.17
N MET D 85 7.07 24.75 1.40
CA MET D 85 7.30 25.65 2.51
C MET D 85 8.78 26.03 2.62
N ALA D 86 9.64 25.16 2.11
CA ALA D 86 11.08 25.38 2.17
C ALA D 86 11.50 26.84 1.90
N PRO D 87 11.27 27.33 0.69
CA PRO D 87 11.62 28.70 0.33
C PRO D 87 11.31 29.75 1.41
N ALA D 88 10.07 29.78 1.87
CA ALA D 88 9.69 30.77 2.88
C ALA D 88 10.45 30.54 4.19
N LYS D 89 10.91 29.33 4.43
CA LYS D 89 11.62 29.09 5.67
C LYS D 89 13.14 29.17 5.47
N MET D 90 13.57 29.35 4.22
CA MET D 90 14.98 29.46 3.85
C MET D 90 15.77 28.20 4.11
N ILE D 91 15.14 27.07 3.83
CA ILE D 91 15.77 25.76 3.99
C ILE D 91 16.08 25.28 2.58
N THR D 92 17.32 24.93 2.30
CA THR D 92 17.57 24.44 0.95
C THR D 92 17.70 22.92 1.06
N ILE D 93 16.92 22.23 0.25
CA ILE D 93 16.91 20.78 0.25
C ILE D 93 17.59 20.29 -1.02
N ASN D 94 18.60 19.44 -0.84
CA ASN D 94 19.33 18.88 -1.97
C ASN D 94 18.81 17.47 -2.26
N LYS D 95 18.29 16.83 -1.21
CA LYS D 95 17.70 15.50 -1.30
C LYS D 95 16.65 15.41 -0.21
N LEU D 96 15.47 14.93 -0.56
CA LEU D 96 14.41 14.77 0.43
C LEU D 96 13.69 13.46 0.17
N LEU D 97 13.57 12.65 1.21
CA LEU D 97 12.86 11.38 1.06
C LEU D 97 12.23 11.06 2.41
N MET D 98 11.15 10.28 2.37
CA MET D 98 10.50 9.90 3.61
C MET D 98 10.14 8.42 3.59
N ASN D 99 10.21 7.82 4.76
CA ASN D 99 9.86 6.42 4.90
C ASN D 99 8.74 6.33 5.92
N VAL D 100 7.64 5.71 5.53
CA VAL D 100 6.52 5.58 6.45
C VAL D 100 6.21 4.13 6.80
N THR D 101 5.95 3.91 8.08
CA THR D 101 5.61 2.57 8.56
C THR D 101 4.35 2.71 9.41
N GLY D 102 3.53 1.68 9.37
CA GLY D 102 2.31 1.72 10.16
C GLY D 102 1.88 0.32 10.55
N SER D 103 0.83 0.26 11.37
CA SER D 103 0.33 -1.03 11.80
C SER D 103 -1.07 -0.92 12.38
N ARG D 104 -1.81 -2.03 12.33
CA ARG D 104 -3.16 -2.11 12.85
C ARG D 104 -3.40 -3.55 13.31
N SER D 105 -4.51 -3.76 14.04
CA SER D 105 -4.88 -5.08 14.55
C SER D 105 -5.88 -5.73 13.63
N THR D 106 -5.56 -6.91 13.10
CA THR D 106 -6.53 -7.57 12.22
C THR D 106 -7.66 -8.09 13.09
N ASN D 107 -7.35 -8.46 14.34
CA ASN D 107 -8.38 -8.97 15.24
C ASN D 107 -8.40 -8.20 16.55
N PRO D 108 -8.83 -6.94 16.49
CA PRO D 108 -8.90 -6.07 17.67
C PRO D 108 -9.96 -6.44 18.71
N THR D 109 -9.86 -5.79 19.86
CA THR D 109 -10.81 -5.97 20.96
C THR D 109 -11.49 -4.62 21.17
N ASP D 110 -10.86 -3.56 20.66
CA ASP D 110 -11.38 -2.20 20.76
C ASP D 110 -12.66 -2.06 19.93
N GLY D 111 -12.58 -2.53 18.70
CA GLY D 111 -13.67 -2.42 17.75
C GLY D 111 -13.08 -1.51 16.69
N TYR D 112 -11.82 -1.16 16.92
CA TYR D 112 -11.05 -0.29 16.04
C TYR D 112 -10.17 -1.08 15.08
N PHE D 113 -10.48 -1.02 13.79
CA PHE D 113 -9.70 -1.73 12.79
C PHE D 113 -8.76 -0.80 12.04
N GLY D 114 -8.75 0.47 12.44
CA GLY D 114 -7.90 1.44 11.80
C GLY D 114 -6.44 1.36 12.18
N LEU D 115 -5.62 2.22 11.57
CA LEU D 115 -4.19 2.24 11.86
C LEU D 115 -3.99 2.69 13.32
N ARG D 116 -3.19 1.92 14.05
CA ARG D 116 -2.94 2.23 15.44
C ARG D 116 -1.67 3.04 15.62
N GLU D 117 -0.69 2.80 14.77
CA GLU D 117 0.55 3.55 14.84
C GLU D 117 1.07 3.82 13.44
N ILE D 118 1.71 4.98 13.27
CA ILE D 118 2.28 5.36 11.99
C ILE D 118 3.55 6.17 12.26
N ASN D 119 4.67 5.72 11.70
CA ASN D 119 5.96 6.36 11.88
C ASN D 119 6.44 7.00 10.58
N LEU D 120 6.75 8.30 10.68
CA LEU D 120 7.23 9.08 9.56
C LEU D 120 8.72 9.36 9.70
N HIS D 121 9.54 8.77 8.84
CA HIS D 121 10.99 8.99 8.91
C HIS D 121 11.48 9.88 7.77
N TRP D 122 11.70 11.15 8.07
CA TRP D 122 12.19 12.10 7.09
C TRP D 122 13.68 11.91 6.88
N GLU D 123 14.15 12.09 5.66
CA GLU D 123 15.58 12.02 5.42
C GLU D 123 15.86 13.26 4.60
N ILE D 124 16.45 14.27 5.24
CA ILE D 124 16.75 15.50 4.54
C ILE D 124 18.22 15.70 4.30
N HIS D 125 18.55 16.18 3.11
CA HIS D 125 19.92 16.48 2.76
C HIS D 125 19.89 17.99 2.60
N SER D 126 20.23 18.67 3.69
CA SER D 126 20.23 20.13 3.73
C SER D 126 21.43 20.69 4.50
N PRO D 127 21.95 21.84 4.06
CA PRO D 127 23.09 22.46 4.73
C PRO D 127 22.58 23.22 5.94
N ASN D 128 21.26 23.20 6.12
CA ASN D 128 20.62 23.89 7.22
C ASN D 128 20.93 23.25 8.55
N SER D 129 20.82 24.02 9.64
CA SER D 129 21.11 23.49 10.96
C SER D 129 20.01 22.59 11.51
N GLU D 130 20.35 21.77 12.50
CA GLU D 130 19.37 20.88 13.12
C GLU D 130 18.20 21.71 13.60
N THR D 131 18.50 22.76 14.35
CA THR D 131 17.45 23.62 14.89
C THR D 131 16.55 24.25 13.82
N GLU D 132 17.09 24.49 12.63
CA GLU D 132 16.27 25.07 11.57
C GLU D 132 15.40 23.97 10.97
N ILE D 133 16.01 22.83 10.68
CA ILE D 133 15.33 21.68 10.11
C ILE D 133 14.29 21.12 11.07
N LYS D 134 14.57 21.22 12.35
CA LYS D 134 13.64 20.73 13.34
C LYS D 134 12.39 21.59 13.21
N GLU D 135 12.53 22.89 13.38
CA GLU D 135 11.39 23.77 13.28
C GLU D 135 10.72 23.68 11.92
N PHE D 136 11.51 23.54 10.86
CA PHE D 136 10.95 23.44 9.53
C PHE D 136 9.99 22.27 9.43
N ILE D 137 10.45 21.10 9.85
CA ILE D 137 9.61 19.90 9.79
C ILE D 137 8.40 19.97 10.71
N ASP D 138 8.51 20.69 11.83
CA ASP D 138 7.36 20.87 12.71
C ASP D 138 6.33 21.63 11.88
N PHE D 139 6.77 22.74 11.30
CA PHE D 139 5.92 23.59 10.45
C PHE D 139 5.27 22.75 9.36
N VAL D 140 6.08 21.97 8.65
CA VAL D 140 5.55 21.11 7.59
C VAL D 140 4.44 20.19 8.14
N SER D 141 4.71 19.58 9.28
CA SER D 141 3.74 18.69 9.91
C SER D 141 2.47 19.45 10.22
N LYS D 142 2.64 20.69 10.68
CA LYS D 142 1.50 21.54 11.03
C LYS D 142 0.79 22.00 9.79
N ARG D 143 1.41 21.76 8.65
CA ARG D 143 0.86 22.22 7.41
C ARG D 143 0.43 21.21 6.36
N CYS D 144 1.01 20.01 6.32
CA CYS D 144 0.53 19.08 5.29
C CYS D 144 -0.90 18.71 5.66
N PRO D 145 -1.80 18.74 4.67
CA PRO D 145 -3.20 18.40 4.89
C PRO D 145 -3.38 16.98 5.43
N ALA D 146 -2.72 16.00 4.82
CA ALA D 146 -2.85 14.62 5.28
C ALA D 146 -2.41 14.49 6.73
N HIS D 147 -1.36 15.21 7.10
CA HIS D 147 -0.91 15.13 8.49
C HIS D 147 -2.02 15.69 9.36
N ASN D 148 -2.54 16.87 9.01
CA ASN D 148 -3.63 17.50 9.78
C ASN D 148 -4.81 16.55 9.95
N THR D 149 -5.26 16.01 8.83
CA THR D 149 -6.37 15.09 8.77
C THR D 149 -6.24 13.98 9.81
N LEU D 150 -5.18 13.19 9.70
CA LEU D 150 -4.94 12.08 10.62
C LEU D 150 -4.53 12.47 12.03
N GLN D 151 -4.01 13.68 12.20
CA GLN D 151 -3.60 14.14 13.52
C GLN D 151 -4.79 14.06 14.48
N GLY D 152 -5.96 14.36 13.96
CA GLY D 152 -7.15 14.34 14.79
C GLY D 152 -7.77 12.99 15.12
N VAL D 153 -7.03 11.90 14.94
CA VAL D 153 -7.57 10.57 15.23
C VAL D 153 -7.70 10.22 16.71
N SER D 154 -6.59 9.86 17.37
CA SER D 154 -6.56 9.52 18.80
C SER D 154 -6.43 8.03 19.14
N GLN D 155 -6.80 7.18 18.19
CA GLN D 155 -6.69 5.74 18.40
C GLN D 155 -5.40 5.39 17.67
N LEU D 156 -4.89 6.42 16.99
CA LEU D 156 -3.69 6.36 16.19
C LEU D 156 -2.61 7.25 16.79
N LYS D 157 -1.37 6.77 16.75
CA LYS D 157 -0.23 7.51 17.28
C LYS D 157 0.76 7.80 16.16
N ILE D 158 1.01 9.08 15.90
CA ILE D 158 1.95 9.45 14.84
C ILE D 158 3.30 9.87 15.39
N ASN D 159 4.33 9.18 14.95
CA ASN D 159 5.67 9.49 15.40
C ASN D 159 6.51 10.05 14.25
N VAL D 160 7.03 11.25 14.46
CA VAL D 160 7.84 11.91 13.46
C VAL D 160 9.28 12.02 13.95
N ASN D 161 10.22 11.66 13.09
CA ASN D 161 11.63 11.79 13.43
C ASN D 161 12.30 12.10 12.10
N VAL D 162 13.38 12.85 12.15
CA VAL D 162 14.11 13.23 10.95
C VAL D 162 15.59 12.95 11.06
N THR D 163 16.23 12.68 9.93
CA THR D 163 17.66 12.41 9.86
C THR D 163 18.30 13.48 8.96
N LEU D 164 18.97 14.46 9.57
CA LEU D 164 19.61 15.52 8.82
C LEU D 164 20.95 15.08 8.24
N VAL D 165 20.99 14.86 6.93
CA VAL D 165 22.24 14.47 6.29
C VAL D 165 22.84 15.68 5.58
N HIS D 166 23.87 16.25 6.19
CA HIS D 166 24.55 17.41 5.61
C HIS D 166 25.33 17.05 4.36
N MET E 26 3.80 -24.80 -15.50
CA MET E 26 4.88 -24.34 -16.42
C MET E 26 5.60 -25.52 -17.08
N ASP E 27 4.83 -26.50 -17.54
CA ASP E 27 5.37 -27.69 -18.20
C ASP E 27 5.90 -27.42 -19.60
N LYS E 28 5.03 -26.93 -20.48
CA LYS E 28 5.40 -26.67 -21.87
C LYS E 28 6.15 -25.37 -22.17
N LYS E 29 7.35 -25.53 -22.74
CA LYS E 29 8.22 -24.41 -23.08
C LYS E 29 8.27 -24.22 -24.61
N TYR E 30 8.67 -23.04 -25.05
CA TYR E 30 8.76 -22.76 -26.48
C TYR E 30 9.98 -21.89 -26.76
N ASP E 31 10.60 -22.10 -27.92
CA ASP E 31 11.75 -21.30 -28.30
C ASP E 31 11.65 -21.05 -29.79
N ILE E 32 11.61 -19.78 -30.17
CA ILE E 32 11.47 -19.41 -31.56
C ILE E 32 12.44 -18.29 -31.86
N THR E 33 12.91 -18.21 -33.09
CA THR E 33 13.76 -17.09 -33.44
C THR E 33 13.45 -16.65 -34.86
N ALA E 34 13.15 -15.36 -35.00
CA ALA E 34 12.86 -14.79 -36.30
C ALA E 34 14.02 -13.87 -36.67
N VAL E 35 14.26 -13.69 -37.96
CA VAL E 35 15.35 -12.85 -38.39
C VAL E 35 14.84 -11.91 -39.45
N LEU E 36 15.37 -10.69 -39.44
CA LEU E 36 14.97 -9.72 -40.44
C LEU E 36 16.03 -9.76 -41.53
N ASN E 37 15.69 -10.39 -42.64
CA ASN E 37 16.59 -10.50 -43.77
C ASN E 37 16.54 -9.14 -44.48
N GLU E 38 17.35 -8.97 -45.50
CA GLU E 38 17.32 -7.72 -46.25
C GLU E 38 15.92 -7.74 -46.89
N ASP E 39 15.65 -6.88 -47.84
CA ASP E 39 14.34 -6.90 -48.49
C ASP E 39 13.18 -7.01 -47.49
N SER E 40 13.44 -6.60 -46.24
CA SER E 40 12.44 -6.60 -45.16
C SER E 40 11.57 -7.85 -44.89
N SER E 41 11.89 -8.97 -45.54
CA SER E 41 11.14 -10.19 -45.29
C SER E 41 11.80 -10.86 -44.09
N MET E 42 11.01 -11.55 -43.28
CA MET E 42 11.55 -12.18 -42.10
C MET E 42 11.47 -13.69 -42.16
N THR E 43 12.41 -14.37 -41.50
CA THR E 43 12.41 -15.83 -41.48
C THR E 43 12.43 -16.36 -40.04
N ALA E 44 11.37 -17.07 -39.66
CA ALA E 44 11.23 -17.65 -38.33
C ALA E 44 11.58 -19.14 -38.36
N ILE E 45 12.29 -19.57 -37.32
CA ILE E 45 12.71 -20.95 -37.21
C ILE E 45 12.26 -21.55 -35.90
N SER E 46 11.62 -22.70 -35.99
CA SER E 46 11.21 -23.45 -34.83
C SER E 46 11.78 -24.82 -35.14
N ASP E 47 12.68 -25.32 -34.28
CA ASP E 47 13.31 -26.61 -34.50
C ASP E 47 13.85 -26.67 -35.91
N GLN E 48 13.50 -27.72 -36.64
CA GLN E 48 13.97 -27.87 -38.00
C GLN E 48 12.99 -27.32 -39.04
N PHE E 49 12.05 -26.50 -38.60
CA PHE E 49 11.08 -25.91 -39.51
C PHE E 49 11.35 -24.41 -39.75
N GLN E 50 11.00 -23.91 -40.94
CA GLN E 50 11.23 -22.51 -41.29
C GLN E 50 10.06 -21.84 -41.98
N ILE E 51 9.65 -20.69 -41.47
CA ILE E 51 8.55 -19.93 -42.03
C ILE E 51 9.03 -18.53 -42.41
N THR E 52 8.60 -18.02 -43.55
CA THR E 52 8.99 -16.67 -43.91
C THR E 52 7.76 -15.80 -43.74
N LEU E 53 7.92 -14.70 -43.00
CA LEU E 53 6.84 -13.77 -42.75
C LEU E 53 7.24 -12.45 -43.38
N ASP E 54 6.26 -11.67 -43.79
CA ASP E 54 6.56 -10.41 -44.41
C ASP E 54 5.45 -9.42 -44.10
N ALA E 55 5.83 -8.21 -43.72
CA ALA E 55 4.85 -7.19 -43.37
C ALA E 55 4.38 -6.33 -44.54
N ARG E 56 5.15 -6.32 -45.64
CA ARG E 56 4.78 -5.52 -46.82
C ARG E 56 3.42 -5.98 -47.32
N PRO E 57 2.75 -5.13 -48.12
CA PRO E 57 1.43 -5.39 -48.71
C PRO E 57 1.39 -6.57 -49.69
N LYS E 58 0.19 -6.95 -50.12
CA LYS E 58 0.00 -8.06 -51.05
C LYS E 58 0.95 -8.10 -52.25
N HIS E 59 1.03 -7.00 -53.01
CA HIS E 59 1.89 -6.95 -54.21
C HIS E 59 3.35 -7.30 -53.98
N THR E 60 3.96 -6.65 -52.99
CA THR E 60 5.36 -6.90 -52.66
C THR E 60 5.49 -8.05 -51.68
N ALA E 61 4.41 -8.56 -51.02
CA ALA E 61 4.39 -9.76 -50.06
C ALA E 61 5.45 -10.87 -50.32
N LYS E 62 5.57 -11.94 -49.44
CA LYS E 62 6.56 -13.07 -49.55
C LYS E 62 6.30 -14.31 -48.60
N GLY E 63 5.43 -14.08 -47.61
CA GLY E 63 4.95 -14.99 -46.59
C GLY E 63 3.81 -14.31 -45.86
N PHE E 64 3.35 -14.95 -44.79
CA PHE E 64 2.27 -14.45 -43.97
C PHE E 64 2.63 -13.11 -43.33
N GLY E 65 1.60 -12.33 -43.04
CA GLY E 65 1.83 -11.08 -42.35
C GLY E 65 2.06 -11.53 -40.92
N PRO E 66 2.77 -10.75 -40.10
CA PRO E 66 2.98 -11.16 -38.72
C PRO E 66 1.69 -11.59 -38.01
N LEU E 67 0.73 -10.68 -37.93
CA LEU E 67 -0.53 -11.02 -37.27
C LEU E 67 -1.28 -12.14 -37.97
N ALA E 68 -1.18 -12.18 -39.31
CA ALA E 68 -1.86 -13.24 -40.05
C ALA E 68 -1.32 -14.57 -39.52
N ALA E 69 -0.01 -14.62 -39.30
CA ALA E 69 0.61 -15.82 -38.75
C ALA E 69 0.15 -16.01 -37.31
N LEU E 70 0.22 -14.95 -36.50
CA LEU E 70 -0.20 -15.06 -35.11
C LEU E 70 -1.65 -15.56 -35.05
N LEU E 71 -2.52 -15.02 -35.89
CA LEU E 71 -3.90 -15.47 -35.86
C LEU E 71 -3.99 -16.91 -36.32
N SER E 72 -3.13 -17.30 -37.24
CA SER E 72 -3.10 -18.68 -37.72
C SER E 72 -2.74 -19.60 -36.55
N GLY E 73 -1.82 -19.16 -35.70
CA GLY E 73 -1.43 -19.96 -34.57
C GLY E 73 -2.70 -20.17 -33.78
N LEU E 74 -3.29 -19.07 -33.33
CA LEU E 74 -4.53 -19.08 -32.56
C LEU E 74 -5.46 -20.17 -33.09
N ALA E 75 -5.77 -20.08 -34.37
CA ALA E 75 -6.66 -21.04 -35.02
C ALA E 75 -6.14 -22.48 -34.85
N ALA E 76 -4.90 -22.74 -35.26
CA ALA E 76 -4.33 -24.08 -35.11
C ALA E 76 -4.50 -24.62 -33.67
N CYS E 77 -4.30 -23.77 -32.67
CA CYS E 77 -4.46 -24.16 -31.27
C CYS E 77 -5.93 -24.52 -31.10
N GLU E 78 -6.81 -23.63 -31.54
CA GLU E 78 -8.23 -23.90 -31.43
C GLU E 78 -8.48 -25.31 -31.98
N LEU E 79 -8.09 -25.52 -33.23
CA LEU E 79 -8.24 -26.82 -33.87
C LEU E 79 -7.59 -27.93 -33.05
N ALA E 80 -6.26 -27.91 -32.97
CA ALA E 80 -5.51 -28.91 -32.23
C ALA E 80 -6.12 -29.35 -30.89
N THR E 81 -6.64 -28.43 -30.10
CA THR E 81 -7.21 -28.84 -28.81
C THR E 81 -8.58 -29.45 -29.02
N ALA E 82 -9.34 -28.89 -29.94
CA ALA E 82 -10.65 -29.45 -30.23
C ALA E 82 -10.43 -30.91 -30.57
N ASN E 83 -9.42 -31.15 -31.41
CA ASN E 83 -9.09 -32.50 -31.83
C ASN E 83 -8.69 -33.37 -30.65
N LEU E 84 -8.03 -32.77 -29.65
CA LEU E 84 -7.59 -33.54 -28.49
C LEU E 84 -8.70 -33.77 -27.47
N MET E 85 -9.73 -32.93 -27.49
CA MET E 85 -10.83 -33.06 -26.55
C MET E 85 -11.96 -33.92 -27.09
N ALA E 86 -12.17 -33.91 -28.40
CA ALA E 86 -13.24 -34.68 -29.00
C ALA E 86 -13.42 -36.08 -28.37
N PRO E 87 -12.34 -36.88 -28.32
CA PRO E 87 -12.48 -38.21 -27.73
C PRO E 87 -13.24 -38.16 -26.42
N ALA E 88 -12.58 -37.73 -25.36
CA ALA E 88 -13.21 -37.66 -24.05
C ALA E 88 -14.63 -37.08 -24.05
N LYS E 89 -14.96 -36.30 -25.07
CA LYS E 89 -16.28 -35.70 -25.13
C LYS E 89 -17.25 -36.41 -26.09
N MET E 90 -16.85 -37.60 -26.53
CA MET E 90 -17.66 -38.41 -27.44
C MET E 90 -18.10 -37.71 -28.74
N ILE E 91 -17.49 -36.57 -29.06
CA ILE E 91 -17.79 -35.85 -30.30
C ILE E 91 -16.94 -36.46 -31.41
N THR E 92 -17.53 -36.68 -32.58
CA THR E 92 -16.75 -37.23 -33.67
C THR E 92 -16.62 -36.11 -34.71
N ILE E 93 -15.42 -35.90 -35.20
CA ILE E 93 -15.18 -34.85 -36.18
C ILE E 93 -14.76 -35.43 -37.53
N ASN E 94 -15.50 -35.08 -38.58
CA ASN E 94 -15.19 -35.57 -39.92
C ASN E 94 -14.44 -34.49 -40.68
N LYS E 95 -14.85 -33.24 -40.46
CA LYS E 95 -14.22 -32.08 -41.08
C LYS E 95 -14.20 -30.98 -40.04
N LEU E 96 -13.08 -30.30 -39.92
CA LEU E 96 -12.97 -29.22 -38.96
C LEU E 96 -12.03 -28.15 -39.49
N LEU E 97 -12.54 -26.93 -39.64
CA LEU E 97 -11.75 -25.82 -40.14
C LEU E 97 -12.24 -24.51 -39.52
N MET E 98 -11.33 -23.60 -39.22
CA MET E 98 -11.72 -22.34 -38.60
C MET E 98 -11.24 -21.13 -39.36
N ASN E 99 -12.16 -20.23 -39.65
CA ASN E 99 -11.80 -19.00 -40.32
C ASN E 99 -11.64 -17.99 -39.21
N VAL E 100 -10.64 -17.14 -39.30
CA VAL E 100 -10.43 -16.14 -38.28
C VAL E 100 -10.23 -14.78 -38.92
N THR E 101 -10.77 -13.76 -38.29
CA THR E 101 -10.59 -12.41 -38.78
C THR E 101 -10.45 -11.55 -37.57
N GLY E 102 -9.68 -10.47 -37.71
CA GLY E 102 -9.47 -9.56 -36.62
C GLY E 102 -9.07 -8.23 -37.22
N SER E 103 -9.06 -7.18 -36.41
CA SER E 103 -8.67 -5.89 -36.93
C SER E 103 -8.12 -4.99 -35.82
N ARG E 104 -7.31 -4.01 -36.23
CA ARG E 104 -6.71 -3.08 -35.30
C ARG E 104 -6.76 -1.70 -35.93
N SER E 105 -6.24 -0.71 -35.22
CA SER E 105 -6.21 0.65 -35.72
C SER E 105 -4.76 1.04 -35.99
N THR E 106 -4.53 1.71 -37.10
CA THR E 106 -3.17 2.12 -37.44
C THR E 106 -2.89 3.48 -36.82
N ASN E 107 -3.94 4.26 -36.63
CA ASN E 107 -3.83 5.59 -36.05
C ASN E 107 -4.90 5.71 -34.97
N PRO E 108 -4.66 5.08 -33.81
CA PRO E 108 -5.60 5.10 -32.70
C PRO E 108 -5.56 6.33 -31.80
N THR E 109 -6.56 6.43 -30.94
CA THR E 109 -6.65 7.51 -29.97
C THR E 109 -6.36 6.92 -28.61
N ASP E 110 -6.73 5.65 -28.46
CA ASP E 110 -6.53 4.88 -27.23
C ASP E 110 -5.07 4.83 -26.82
N GLY E 111 -4.23 4.60 -27.82
CA GLY E 111 -2.80 4.44 -27.61
C GLY E 111 -2.64 2.94 -27.74
N TYR E 112 -3.74 2.31 -28.17
CA TYR E 112 -3.84 0.88 -28.35
C TYR E 112 -3.70 0.53 -29.82
N PHE E 113 -2.64 -0.21 -30.13
CA PHE E 113 -2.37 -0.63 -31.50
C PHE E 113 -2.74 -2.08 -31.75
N GLY E 114 -3.05 -2.79 -30.67
CA GLY E 114 -3.39 -4.20 -30.77
C GLY E 114 -4.71 -4.49 -31.46
N LEU E 115 -5.00 -5.78 -31.61
CA LEU E 115 -6.24 -6.22 -32.25
C LEU E 115 -7.41 -5.83 -31.34
N ARG E 116 -8.35 -5.07 -31.87
CA ARG E 116 -9.50 -4.67 -31.06
C ARG E 116 -10.58 -5.71 -31.09
N GLU E 117 -10.69 -6.41 -32.20
CA GLU E 117 -11.70 -7.43 -32.37
C GLU E 117 -11.16 -8.62 -33.15
N ILE E 118 -11.46 -9.82 -32.67
CA ILE E 118 -11.04 -11.03 -33.34
C ILE E 118 -12.24 -11.97 -33.37
N ASN E 119 -12.64 -12.39 -34.58
CA ASN E 119 -13.80 -13.26 -34.75
C ASN E 119 -13.44 -14.67 -35.22
N LEU E 120 -13.79 -15.66 -34.40
CA LEU E 120 -13.53 -17.06 -34.72
C LEU E 120 -14.78 -17.71 -35.32
N HIS E 121 -14.65 -18.32 -36.49
CA HIS E 121 -15.78 -18.99 -37.12
C HIS E 121 -15.50 -20.48 -37.28
N TRP E 122 -16.15 -21.29 -36.44
CA TRP E 122 -15.99 -22.73 -36.50
C TRP E 122 -16.86 -23.39 -37.57
N GLU E 123 -16.27 -24.29 -38.34
CA GLU E 123 -17.02 -25.00 -39.35
C GLU E 123 -16.77 -26.49 -39.15
N ILE E 124 -17.55 -27.09 -38.26
CA ILE E 124 -17.42 -28.51 -37.93
C ILE E 124 -18.40 -29.39 -38.67
N HIS E 125 -17.90 -30.47 -39.25
CA HIS E 125 -18.75 -31.44 -39.91
C HIS E 125 -18.78 -32.59 -38.92
N SER E 126 -19.90 -32.72 -38.22
CA SER E 126 -20.07 -33.75 -37.21
C SER E 126 -21.50 -34.23 -37.07
N PRO E 127 -21.69 -35.49 -36.68
CA PRO E 127 -23.00 -36.10 -36.50
C PRO E 127 -23.64 -35.69 -35.16
N ASN E 128 -22.81 -35.30 -34.20
CA ASN E 128 -23.27 -34.88 -32.88
C ASN E 128 -24.33 -33.78 -32.98
N SER E 129 -25.09 -33.57 -31.90
CA SER E 129 -26.15 -32.56 -31.88
C SER E 129 -25.61 -31.16 -31.67
N GLU E 130 -26.49 -30.18 -31.88
CA GLU E 130 -26.11 -28.78 -31.70
C GLU E 130 -25.70 -28.58 -30.25
N THR E 131 -26.60 -28.92 -29.35
CA THR E 131 -26.35 -28.78 -27.92
C THR E 131 -25.04 -29.46 -27.52
N GLU E 132 -24.65 -30.50 -28.26
CA GLU E 132 -23.41 -31.21 -27.97
C GLU E 132 -22.22 -30.41 -28.51
N ILE E 133 -22.25 -30.13 -29.81
CA ILE E 133 -21.20 -29.38 -30.48
C ILE E 133 -20.99 -28.04 -29.76
N LYS E 134 -22.10 -27.36 -29.47
CA LYS E 134 -22.07 -26.08 -28.79
C LYS E 134 -21.33 -26.17 -27.45
N GLU E 135 -21.66 -27.17 -26.63
CA GLU E 135 -20.98 -27.31 -25.35
C GLU E 135 -19.52 -27.71 -25.56
N PHE E 136 -19.31 -28.61 -26.51
CA PHE E 136 -17.95 -29.06 -26.82
C PHE E 136 -17.04 -27.86 -27.03
N ILE E 137 -17.46 -26.96 -27.91
CA ILE E 137 -16.71 -25.76 -28.25
C ILE E 137 -16.43 -24.83 -27.05
N ASP E 138 -17.41 -24.68 -26.16
CA ASP E 138 -17.20 -23.83 -25.00
C ASP E 138 -16.03 -24.46 -24.24
N PHE E 139 -15.97 -25.79 -24.28
CA PHE E 139 -14.91 -26.53 -23.61
C PHE E 139 -13.58 -26.20 -24.29
N VAL E 140 -13.50 -26.49 -25.59
CA VAL E 140 -12.30 -26.19 -26.37
C VAL E 140 -11.82 -24.78 -26.07
N SER E 141 -12.72 -23.82 -26.15
CA SER E 141 -12.39 -22.42 -25.89
C SER E 141 -11.69 -22.25 -24.53
N LYS E 142 -12.32 -22.75 -23.48
CA LYS E 142 -11.74 -22.64 -22.15
C LYS E 142 -10.48 -23.47 -22.09
N ARG E 143 -10.19 -24.22 -23.15
CA ARG E 143 -9.02 -25.07 -23.14
C ARG E 143 -7.85 -24.73 -24.05
N CYS E 144 -8.09 -24.32 -25.29
CA CYS E 144 -6.97 -23.99 -26.16
C CYS E 144 -6.23 -22.82 -25.53
N PRO E 145 -4.94 -23.02 -25.20
CA PRO E 145 -4.02 -22.06 -24.59
C PRO E 145 -4.12 -20.65 -25.17
N ALA E 146 -3.96 -20.54 -26.49
CA ALA E 146 -4.03 -19.26 -27.18
C ALA E 146 -5.33 -18.49 -26.86
N HIS E 147 -6.46 -19.19 -26.94
CA HIS E 147 -7.75 -18.57 -26.64
C HIS E 147 -7.70 -18.06 -25.21
N ASN E 148 -7.22 -18.90 -24.29
CA ASN E 148 -7.10 -18.53 -22.89
C ASN E 148 -6.26 -17.26 -22.74
N THR E 149 -5.09 -17.29 -23.40
CA THR E 149 -4.17 -16.16 -23.36
C THR E 149 -4.89 -14.87 -23.80
N LEU E 150 -5.43 -14.87 -25.01
CA LEU E 150 -6.14 -13.69 -25.54
C LEU E 150 -7.42 -13.30 -24.81
N GLN E 151 -8.07 -14.26 -24.15
CA GLN E 151 -9.30 -13.98 -23.41
C GLN E 151 -9.12 -12.85 -22.43
N GLY E 152 -7.94 -12.77 -21.82
CA GLY E 152 -7.69 -11.74 -20.82
C GLY E 152 -7.29 -10.35 -21.26
N VAL E 153 -7.35 -10.07 -22.57
CA VAL E 153 -6.97 -8.75 -23.08
C VAL E 153 -7.84 -7.59 -22.57
N SER E 154 -9.12 -7.58 -22.97
CA SER E 154 -10.11 -6.57 -22.54
C SER E 154 -10.32 -5.48 -23.57
N GLN E 155 -9.29 -5.20 -24.36
CA GLN E 155 -9.38 -4.04 -25.25
C GLN E 155 -9.73 -4.82 -26.52
N LEU E 156 -9.75 -6.14 -26.35
CA LEU E 156 -10.05 -7.10 -27.40
C LEU E 156 -11.35 -7.80 -27.11
N LYS E 157 -12.15 -7.93 -28.15
CA LYS E 157 -13.39 -8.66 -28.01
C LYS E 157 -13.31 -9.87 -28.92
N ILE E 158 -13.28 -11.06 -28.34
CA ILE E 158 -13.23 -12.26 -29.16
C ILE E 158 -14.67 -12.67 -29.41
N ASN E 159 -14.98 -12.98 -30.65
CA ASN E 159 -16.32 -13.43 -30.98
C ASN E 159 -16.20 -14.84 -31.50
N VAL E 160 -17.09 -15.69 -31.01
CA VAL E 160 -17.06 -17.09 -31.41
C VAL E 160 -18.45 -17.48 -31.90
N ASN E 161 -18.49 -18.12 -33.05
CA ASN E 161 -19.75 -18.59 -33.62
C ASN E 161 -19.44 -19.82 -34.44
N VAL E 162 -20.16 -20.89 -34.17
CA VAL E 162 -19.96 -22.15 -34.85
C VAL E 162 -21.07 -22.53 -35.82
N THR E 163 -20.65 -23.09 -36.94
CA THR E 163 -21.57 -23.55 -37.96
C THR E 163 -21.44 -25.07 -37.98
N LEU E 164 -22.48 -25.76 -37.53
CA LEU E 164 -22.49 -27.21 -37.50
C LEU E 164 -23.05 -27.74 -38.82
N VAL E 165 -22.40 -28.77 -39.38
CA VAL E 165 -22.85 -29.34 -40.65
C VAL E 165 -22.90 -30.87 -40.61
N HIS E 166 -24.10 -31.39 -40.37
CA HIS E 166 -24.32 -32.84 -40.32
C HIS E 166 -24.03 -33.49 -41.65
N TYR F 21 -15.44 13.71 -30.47
CA TYR F 21 -16.44 14.17 -31.49
C TYR F 21 -16.23 13.43 -32.81
N PHE F 22 -14.97 13.28 -33.21
CA PHE F 22 -14.65 12.54 -34.44
C PHE F 22 -14.11 11.18 -33.99
N GLN F 23 -14.73 10.11 -34.48
CA GLN F 23 -14.34 8.76 -34.07
C GLN F 23 -13.24 8.09 -34.87
N GLY F 24 -12.59 7.11 -34.23
CA GLY F 24 -11.51 6.37 -34.84
C GLY F 24 -11.95 5.38 -35.90
N HIS F 25 -10.99 4.61 -36.40
CA HIS F 25 -11.29 3.65 -37.45
C HIS F 25 -10.38 2.43 -37.44
N MET F 26 -10.98 1.23 -37.48
CA MET F 26 -10.21 -0.01 -37.52
C MET F 26 -9.72 -0.17 -38.96
N ASP F 27 -8.57 0.44 -39.22
CA ASP F 27 -7.98 0.46 -40.55
C ASP F 27 -7.44 -0.88 -41.08
N LYS F 28 -6.85 -1.69 -40.20
CA LYS F 28 -6.29 -2.96 -40.64
C LYS F 28 -7.16 -4.15 -40.31
N LYS F 29 -7.50 -4.92 -41.33
CA LYS F 29 -8.29 -6.12 -41.20
C LYS F 29 -7.38 -7.29 -41.58
N TYR F 30 -7.71 -8.49 -41.11
CA TYR F 30 -6.93 -9.69 -41.42
C TYR F 30 -7.90 -10.84 -41.57
N ASP F 31 -7.63 -11.72 -42.53
CA ASP F 31 -8.49 -12.87 -42.76
C ASP F 31 -7.64 -14.12 -42.89
N ILE F 32 -7.95 -15.11 -42.08
CA ILE F 32 -7.20 -16.36 -42.06
C ILE F 32 -8.11 -17.57 -41.92
N THR F 33 -7.74 -18.67 -42.57
CA THR F 33 -8.52 -19.89 -42.42
C THR F 33 -7.58 -21.06 -42.20
N ALA F 34 -7.80 -21.76 -41.09
CA ALA F 34 -6.98 -22.91 -40.73
C ALA F 34 -7.83 -24.17 -40.88
N VAL F 35 -7.30 -25.14 -41.62
CA VAL F 35 -8.01 -26.38 -41.82
C VAL F 35 -7.27 -27.53 -41.16
N LEU F 36 -8.03 -28.37 -40.48
CA LEU F 36 -7.47 -29.54 -39.81
C LEU F 36 -7.47 -30.68 -40.83
N ASN F 37 -6.29 -31.11 -41.24
CA ASN F 37 -6.16 -32.21 -42.21
C ASN F 37 -6.14 -33.52 -41.44
N GLU F 38 -6.19 -34.64 -42.16
CA GLU F 38 -6.12 -35.95 -41.53
C GLU F 38 -4.72 -35.99 -40.93
N ASP F 39 -4.38 -37.08 -40.25
CA ASP F 39 -3.06 -37.19 -39.62
C ASP F 39 -2.79 -36.01 -38.68
N SER F 40 -3.87 -35.40 -38.21
CA SER F 40 -3.84 -34.28 -37.25
C SER F 40 -2.98 -33.04 -37.52
N SER F 41 -2.46 -32.87 -38.72
CA SER F 41 -1.67 -31.68 -38.99
C SER F 41 -2.65 -30.65 -39.53
N MET F 42 -2.36 -29.37 -39.30
CA MET F 42 -3.22 -28.28 -39.78
C MET F 42 -2.52 -27.48 -40.84
N THR F 43 -3.30 -26.72 -41.62
CA THR F 43 -2.74 -25.89 -42.67
C THR F 43 -3.50 -24.58 -42.74
N ALA F 44 -2.80 -23.49 -42.46
CA ALA F 44 -3.43 -22.17 -42.49
C ALA F 44 -3.16 -21.45 -43.82
N ILE F 45 -4.20 -20.81 -44.34
CA ILE F 45 -4.11 -20.09 -45.59
C ILE F 45 -4.34 -18.59 -45.37
N SER F 46 -3.48 -17.78 -45.98
CA SER F 46 -3.59 -16.33 -45.91
C SER F 46 -3.26 -15.85 -47.30
N ASP F 47 -4.22 -15.20 -47.95
CA ASP F 47 -4.03 -14.70 -49.31
C ASP F 47 -3.45 -15.86 -50.10
N GLN F 48 -2.37 -15.64 -50.84
CA GLN F 48 -1.81 -16.73 -51.63
C GLN F 48 -0.68 -17.50 -50.95
N PHE F 49 -0.70 -17.52 -49.62
CA PHE F 49 0.33 -18.23 -48.85
C PHE F 49 -0.27 -19.27 -47.90
N GLN F 50 0.47 -20.37 -47.71
CA GLN F 50 0.07 -21.48 -46.85
C GLN F 50 1.20 -21.91 -45.92
N ILE F 51 0.85 -22.18 -44.67
CA ILE F 51 1.81 -22.62 -43.67
C ILE F 51 1.22 -23.88 -43.03
N THR F 52 2.05 -24.90 -42.82
CA THR F 52 1.55 -26.12 -42.20
C THR F 52 1.90 -26.14 -40.71
N LEU F 53 0.88 -26.27 -39.88
CA LEU F 53 1.07 -26.31 -38.44
C LEU F 53 0.70 -27.67 -37.93
N ASP F 54 1.42 -28.12 -36.90
CA ASP F 54 1.16 -29.42 -36.31
C ASP F 54 1.41 -29.33 -34.82
N ALA F 55 0.54 -29.95 -34.03
CA ALA F 55 0.69 -29.93 -32.59
C ALA F 55 1.41 -31.18 -32.10
N ARG F 56 1.77 -32.06 -33.03
CA ARG F 56 2.48 -33.29 -32.68
C ARG F 56 3.91 -33.01 -32.22
N PRO F 57 4.40 -33.74 -31.21
CA PRO F 57 5.75 -33.56 -30.66
C PRO F 57 6.92 -33.86 -31.60
N LYS F 58 7.17 -32.92 -32.52
CA LYS F 58 8.26 -33.01 -33.48
C LYS F 58 8.31 -34.27 -34.34
N HIS F 59 7.77 -35.35 -33.79
CA HIS F 59 7.75 -36.64 -34.45
C HIS F 59 6.67 -36.77 -35.48
N THR F 60 5.49 -37.20 -35.02
CA THR F 60 4.40 -37.32 -35.97
C THR F 60 4.51 -36.05 -36.76
N ALA F 61 4.33 -34.83 -36.22
CA ALA F 61 4.60 -33.47 -36.89
C ALA F 61 4.45 -33.12 -38.43
N LYS F 62 4.97 -31.91 -38.83
CA LYS F 62 4.95 -31.37 -40.23
C LYS F 62 5.02 -29.81 -40.34
N GLY F 63 5.17 -29.15 -39.21
CA GLY F 63 5.23 -27.70 -39.11
C GLY F 63 5.21 -27.18 -37.69
N PHE F 64 5.37 -25.86 -37.57
CA PHE F 64 5.36 -25.15 -36.31
C PHE F 64 4.20 -25.57 -35.42
N GLY F 65 4.45 -25.57 -34.12
CA GLY F 65 3.40 -25.91 -33.18
C GLY F 65 2.55 -24.66 -33.16
N PRO F 66 1.24 -24.77 -32.95
CA PRO F 66 0.38 -23.58 -32.93
C PRO F 66 1.00 -22.38 -32.20
N LEU F 67 1.43 -22.58 -30.96
CA LEU F 67 2.02 -21.48 -30.22
C LEU F 67 3.34 -21.00 -30.80
N ALA F 68 4.14 -21.93 -31.34
CA ALA F 68 5.41 -21.55 -31.95
C ALA F 68 5.09 -20.50 -32.99
N ALA F 69 4.08 -20.79 -33.81
CA ALA F 69 3.65 -19.86 -34.85
C ALA F 69 3.24 -18.55 -34.21
N LEU F 70 2.32 -18.65 -33.27
CA LEU F 70 1.82 -17.47 -32.58
C LEU F 70 3.00 -16.63 -32.13
N LEU F 71 3.94 -17.25 -31.43
CA LEU F 71 5.11 -16.54 -30.97
C LEU F 71 5.92 -16.01 -32.13
N SER F 72 5.96 -16.78 -33.22
CA SER F 72 6.70 -16.32 -34.38
C SER F 72 6.03 -15.10 -34.97
N GLY F 73 4.70 -15.07 -34.89
CA GLY F 73 3.97 -13.93 -35.40
C GLY F 73 4.37 -12.73 -34.57
N LEU F 74 4.44 -12.97 -33.25
CA LEU F 74 4.84 -11.94 -32.29
C LEU F 74 6.22 -11.43 -32.68
N ALA F 75 7.15 -12.36 -32.86
CA ALA F 75 8.50 -12.03 -33.24
C ALA F 75 8.51 -11.15 -34.47
N ALA F 76 7.82 -11.59 -35.53
CA ALA F 76 7.75 -10.82 -36.77
C ALA F 76 7.18 -9.40 -36.61
N CYS F 77 6.22 -9.22 -35.72
CA CYS F 77 5.66 -7.89 -35.50
C CYS F 77 6.73 -7.05 -34.83
N GLU F 78 7.41 -7.65 -33.86
CA GLU F 78 8.46 -6.94 -33.16
C GLU F 78 9.48 -6.45 -34.17
N LEU F 79 10.14 -7.38 -34.86
CA LEU F 79 11.14 -7.01 -35.85
C LEU F 79 10.62 -5.99 -36.84
N ALA F 80 9.57 -6.35 -37.57
CA ALA F 80 9.00 -5.47 -38.58
C ALA F 80 8.67 -4.04 -38.08
N THR F 81 8.16 -3.90 -36.86
CA THR F 81 7.85 -2.56 -36.38
C THR F 81 9.13 -1.86 -36.02
N ALA F 82 10.17 -2.63 -35.70
CA ALA F 82 11.46 -2.05 -35.36
C ALA F 82 12.06 -1.56 -36.67
N ASN F 83 11.92 -2.36 -37.72
CA ASN F 83 12.45 -1.97 -38.99
C ASN F 83 11.71 -0.77 -39.55
N LEU F 84 10.47 -0.56 -39.15
CA LEU F 84 9.71 0.57 -39.67
C LEU F 84 9.88 1.88 -38.90
N MET F 85 10.20 1.76 -37.60
CA MET F 85 10.35 2.93 -36.76
C MET F 85 11.80 3.42 -36.67
N ALA F 86 12.76 2.55 -36.98
CA ALA F 86 14.17 2.92 -36.92
C ALA F 86 14.41 4.26 -37.61
N PRO F 87 14.01 4.38 -38.89
CA PRO F 87 14.20 5.62 -39.62
C PRO F 87 13.84 6.84 -38.77
N ALA F 88 12.57 6.92 -38.37
CA ALA F 88 12.09 8.03 -37.56
C ALA F 88 12.84 8.21 -36.24
N LYS F 89 13.47 7.16 -35.75
CA LYS F 89 14.19 7.25 -34.48
C LYS F 89 15.70 7.35 -34.63
N MET F 90 16.13 7.46 -35.88
CA MET F 90 17.54 7.60 -36.19
C MET F 90 18.43 6.42 -35.80
N ILE F 91 17.84 5.23 -35.79
CA ILE F 91 18.62 4.05 -35.48
C ILE F 91 18.95 3.36 -36.80
N THR F 92 20.19 2.93 -36.93
CA THR F 92 20.58 2.23 -38.13
C THR F 92 20.77 0.78 -37.69
N ILE F 93 20.00 -0.11 -38.28
CA ILE F 93 20.07 -1.51 -37.93
C ILE F 93 20.85 -2.22 -39.01
N ASN F 94 21.86 -2.97 -38.60
CA ASN F 94 22.67 -3.72 -39.54
C ASN F 94 22.27 -5.18 -39.53
N LYS F 95 21.85 -5.66 -38.36
CA LYS F 95 21.36 -7.03 -38.19
C LYS F 95 20.27 -6.95 -37.15
N LEU F 96 19.16 -7.64 -37.38
CA LEU F 96 18.09 -7.62 -36.42
C LEU F 96 17.42 -8.97 -36.34
N LEU F 97 17.36 -9.51 -35.13
CA LEU F 97 16.72 -10.80 -34.92
C LEU F 97 16.26 -10.88 -33.49
N MET F 98 15.24 -11.71 -33.25
CA MET F 98 14.73 -11.84 -31.92
C MET F 98 14.41 -13.27 -31.55
N ASN F 99 14.89 -13.68 -30.39
CA ASN F 99 14.60 -15.01 -29.88
C ASN F 99 13.46 -14.83 -28.91
N VAL F 100 12.45 -15.68 -29.03
CA VAL F 100 11.27 -15.63 -28.17
C VAL F 100 11.09 -16.96 -27.47
N THR F 101 10.72 -16.92 -26.20
CA THR F 101 10.47 -18.15 -25.44
C THR F 101 9.25 -17.99 -24.55
N GLY F 102 8.42 -19.02 -24.49
CA GLY F 102 7.23 -18.96 -23.66
C GLY F 102 6.95 -20.28 -22.95
N SER F 103 6.05 -20.25 -21.97
CA SER F 103 5.70 -21.46 -21.24
C SER F 103 4.28 -21.37 -20.71
N ARG F 104 3.70 -22.53 -20.42
CA ARG F 104 2.32 -22.60 -19.92
C ARG F 104 2.17 -23.89 -19.14
N SER F 105 1.11 -23.99 -18.35
CA SER F 105 0.85 -25.18 -17.54
C SER F 105 -0.20 -26.06 -18.23
N THR F 106 0.07 -27.36 -18.30
CA THR F 106 -0.84 -28.31 -18.93
C THR F 106 -1.90 -28.74 -17.93
N ASN F 107 -1.51 -28.72 -16.65
CA ASN F 107 -2.41 -29.08 -15.58
C ASN F 107 -2.29 -27.94 -14.59
N PRO F 108 -2.99 -26.84 -14.86
CA PRO F 108 -3.00 -25.64 -14.03
C PRO F 108 -3.96 -25.78 -12.86
N THR F 109 -3.83 -24.89 -11.89
CA THR F 109 -4.73 -24.89 -10.74
C THR F 109 -5.68 -23.73 -10.98
N ASP F 110 -5.15 -22.70 -11.63
CA ASP F 110 -5.87 -21.48 -11.97
C ASP F 110 -7.05 -21.80 -12.86
N GLY F 111 -6.79 -22.62 -13.88
CA GLY F 111 -7.81 -22.95 -14.84
C GLY F 111 -7.39 -22.13 -16.05
N TYR F 112 -6.15 -21.64 -15.98
CA TYR F 112 -5.57 -20.82 -17.04
C TYR F 112 -4.53 -21.61 -17.81
N PHE F 113 -4.88 -21.96 -19.03
CA PHE F 113 -4.01 -22.73 -19.91
C PHE F 113 -3.17 -21.89 -20.88
N GLY F 114 -3.27 -20.57 -20.79
CA GLY F 114 -2.53 -19.71 -21.70
C GLY F 114 -1.06 -19.60 -21.30
N LEU F 115 -0.30 -18.81 -22.04
CA LEU F 115 1.11 -18.64 -21.73
C LEU F 115 1.20 -17.81 -20.47
N ARG F 116 2.02 -18.27 -19.54
CA ARG F 116 2.17 -17.57 -18.27
C ARG F 116 3.35 -16.63 -18.40
N GLU F 117 4.25 -16.99 -19.29
CA GLU F 117 5.43 -16.17 -19.51
C GLU F 117 5.95 -16.29 -20.93
N ILE F 118 6.29 -15.16 -21.50
CA ILE F 118 6.84 -15.13 -22.84
C ILE F 118 8.01 -14.11 -22.80
N ASN F 119 9.23 -14.62 -23.04
CA ASN F 119 10.46 -13.83 -23.01
C ASN F 119 10.94 -13.37 -24.38
N LEU F 120 11.09 -12.06 -24.53
CA LEU F 120 11.55 -11.47 -25.78
C LEU F 120 13.00 -11.05 -25.69
N HIS F 121 13.83 -11.61 -26.56
CA HIS F 121 15.25 -11.26 -26.56
C HIS F 121 15.70 -10.72 -27.91
N TRP F 122 15.99 -9.43 -27.96
CA TRP F 122 16.46 -8.78 -29.19
C TRP F 122 17.96 -8.95 -29.34
N GLU F 123 18.41 -9.01 -30.59
CA GLU F 123 19.83 -9.06 -30.89
C GLU F 123 19.92 -8.06 -32.00
N ILE F 124 20.43 -6.88 -31.66
CA ILE F 124 20.56 -5.78 -32.61
C ILE F 124 22.01 -5.43 -32.88
N HIS F 125 22.38 -5.46 -34.15
CA HIS F 125 23.71 -5.05 -34.54
C HIS F 125 23.54 -3.63 -35.02
N SER F 126 24.02 -2.69 -34.21
CA SER F 126 23.90 -1.27 -34.52
C SER F 126 24.99 -0.40 -33.90
N PRO F 127 25.27 0.73 -34.54
CA PRO F 127 26.28 1.68 -34.06
C PRO F 127 25.70 2.60 -32.99
N ASN F 128 24.37 2.65 -32.92
CA ASN F 128 23.67 3.49 -31.93
C ASN F 128 24.00 3.08 -30.50
N SER F 129 23.98 4.06 -29.59
CA SER F 129 24.30 3.84 -28.18
C SER F 129 23.24 3.09 -27.39
N GLU F 130 23.65 2.56 -26.24
CA GLU F 130 22.75 1.82 -25.38
C GLU F 130 21.44 2.53 -25.08
N THR F 131 21.49 3.77 -24.60
CA THR F 131 20.26 4.48 -24.26
C THR F 131 19.39 4.77 -25.48
N GLU F 132 20.01 4.96 -26.64
CA GLU F 132 19.24 5.22 -27.83
C GLU F 132 18.45 3.94 -28.11
N ILE F 133 19.18 2.83 -28.19
CA ILE F 133 18.58 1.52 -28.44
C ILE F 133 17.48 1.22 -27.43
N LYS F 134 17.75 1.50 -26.17
CA LYS F 134 16.78 1.25 -25.12
C LYS F 134 15.46 2.01 -25.38
N GLU F 135 15.55 3.32 -25.56
CA GLU F 135 14.36 4.13 -25.80
C GLU F 135 13.73 3.72 -27.11
N PHE F 136 14.57 3.26 -28.03
CA PHE F 136 14.08 2.83 -29.33
C PHE F 136 13.17 1.63 -29.15
N ILE F 137 13.71 0.61 -28.49
CA ILE F 137 12.98 -0.60 -28.27
C ILE F 137 11.80 -0.43 -27.32
N ASP F 138 11.89 0.53 -26.41
CA ASP F 138 10.79 0.80 -25.50
C ASP F 138 9.67 1.36 -26.35
N PHE F 139 10.06 2.05 -27.41
CA PHE F 139 9.12 2.67 -28.36
C PHE F 139 8.49 1.60 -29.25
N VAL F 140 9.33 0.75 -29.84
CA VAL F 140 8.89 -0.33 -30.72
C VAL F 140 7.83 -1.16 -30.01
N SER F 141 8.11 -1.56 -28.77
CA SER F 141 7.21 -2.37 -27.95
C SER F 141 5.86 -1.68 -27.72
N LYS F 142 5.91 -0.37 -27.47
CA LYS F 142 4.68 0.40 -27.23
C LYS F 142 3.93 0.50 -28.53
N ARG F 143 4.60 0.13 -29.60
CA ARG F 143 3.99 0.22 -30.89
C ARG F 143 3.75 -1.07 -31.65
N CYS F 144 4.46 -2.17 -31.37
CA CYS F 144 4.14 -3.38 -32.15
C CYS F 144 2.72 -3.79 -31.76
N PRO F 145 1.86 -4.00 -32.77
CA PRO F 145 0.47 -4.41 -32.53
C PRO F 145 0.34 -5.63 -31.61
N ALA F 146 1.05 -6.70 -31.96
CA ALA F 146 0.98 -7.91 -31.18
C ALA F 146 1.38 -7.61 -29.74
N HIS F 147 2.60 -7.13 -29.52
CA HIS F 147 3.07 -6.80 -28.19
C HIS F 147 2.01 -5.95 -27.46
N ASN F 148 1.30 -5.10 -28.19
CA ASN F 148 0.26 -4.27 -27.59
C ASN F 148 -0.85 -5.18 -27.09
N THR F 149 -1.25 -6.10 -27.97
CA THR F 149 -2.30 -7.06 -27.69
C THR F 149 -1.99 -7.85 -26.43
N LEU F 150 -0.82 -8.46 -26.39
CA LEU F 150 -0.42 -9.28 -25.25
C LEU F 150 -0.10 -8.52 -23.97
N GLN F 151 0.06 -7.20 -24.08
CA GLN F 151 0.38 -6.40 -22.91
C GLN F 151 -0.74 -6.52 -21.88
N GLY F 152 -1.98 -6.48 -22.35
CA GLY F 152 -3.10 -6.54 -21.45
C GLY F 152 -3.47 -7.86 -20.80
N VAL F 153 -2.72 -8.93 -21.05
CA VAL F 153 -3.07 -10.22 -20.47
C VAL F 153 -3.17 -10.24 -18.93
N SER F 154 -2.04 -10.10 -18.24
CA SER F 154 -1.98 -10.07 -16.77
C SER F 154 -1.58 -11.40 -16.21
N GLN F 155 -1.92 -12.46 -16.93
CA GLN F 155 -1.80 -13.82 -16.36
C GLN F 155 -0.50 -14.14 -17.10
N LEU F 156 -0.11 -13.21 -17.96
CA LEU F 156 1.07 -13.30 -18.76
C LEU F 156 2.08 -12.27 -18.30
N LYS F 157 3.34 -12.66 -18.32
CA LYS F 157 4.40 -11.73 -18.01
C LYS F 157 5.26 -11.70 -19.26
N ILE F 158 5.42 -10.53 -19.84
CA ILE F 158 6.28 -10.42 -21.02
C ILE F 158 7.62 -9.84 -20.65
N ASN F 159 8.66 -10.66 -20.70
CA ASN F 159 9.99 -10.19 -20.37
C ASN F 159 10.74 -9.74 -21.62
N VAL F 160 11.42 -8.61 -21.51
CA VAL F 160 12.19 -8.10 -22.63
C VAL F 160 13.62 -7.72 -22.25
N ASN F 161 14.58 -8.11 -23.07
CA ASN F 161 15.99 -7.73 -22.85
C ASN F 161 16.65 -7.80 -24.21
N VAL F 162 17.67 -6.99 -24.40
CA VAL F 162 18.34 -6.95 -25.70
C VAL F 162 19.85 -7.08 -25.65
N THR F 163 20.41 -7.64 -26.71
CA THR F 163 21.86 -7.79 -26.81
C THR F 163 22.27 -6.84 -27.93
N LEU F 164 22.87 -5.71 -27.54
CA LEU F 164 23.31 -4.73 -28.51
C LEU F 164 24.71 -5.08 -28.99
N VAL F 165 24.88 -5.21 -30.30
CA VAL F 165 26.20 -5.53 -30.84
C VAL F 165 26.71 -4.43 -31.77
N HIS F 166 27.80 -3.78 -31.35
CA HIS F 166 28.39 -2.72 -32.14
C HIS F 166 29.37 -3.23 -33.21
N MET G 26 -3.87 14.54 36.90
CA MET G 26 -3.71 13.63 35.72
C MET G 26 -2.83 14.27 34.65
N ASP G 27 -2.11 15.32 35.03
CA ASP G 27 -1.23 16.04 34.12
C ASP G 27 -0.08 15.19 33.57
N LYS G 28 0.86 14.84 34.45
CA LYS G 28 2.06 14.08 34.06
C LYS G 28 1.88 12.59 33.79
N LYS G 29 2.20 12.21 32.56
CA LYS G 29 2.11 10.82 32.12
C LYS G 29 3.52 10.24 32.05
N TYR G 30 3.61 8.92 32.16
CA TYR G 30 4.89 8.24 32.08
C TYR G 30 4.70 7.05 31.15
N ASP G 31 5.63 6.87 30.23
CA ASP G 31 5.57 5.79 29.27
C ASP G 31 6.91 5.06 29.24
N ILE G 32 6.95 3.89 29.87
CA ILE G 32 8.14 3.07 29.95
C ILE G 32 7.86 1.69 29.35
N THR G 33 8.90 1.01 28.87
CA THR G 33 8.73 -0.37 28.36
C THR G 33 9.99 -1.16 28.72
N ALA G 34 9.80 -2.42 29.08
CA ALA G 34 10.92 -3.27 29.48
C ALA G 34 10.89 -4.58 28.69
N VAL G 35 12.04 -5.01 28.19
CA VAL G 35 12.12 -6.25 27.44
C VAL G 35 12.98 -7.27 28.17
N LEU G 36 12.59 -8.53 28.10
CA LEU G 36 13.37 -9.58 28.72
C LEU G 36 14.25 -10.14 27.63
N ASN G 37 15.55 -9.89 27.71
CA ASN G 37 16.51 -10.36 26.72
C ASN G 37 16.90 -11.78 27.11
N GLU G 38 17.67 -12.45 26.26
CA GLU G 38 18.11 -13.79 26.59
C GLU G 38 19.04 -13.56 27.77
N ASP G 39 19.64 -14.61 28.31
CA ASP G 39 20.53 -14.44 29.45
C ASP G 39 19.82 -13.72 30.59
N SER G 40 18.49 -13.78 30.56
CA SER G 40 17.62 -13.18 31.58
C SER G 40 17.83 -11.71 31.96
N SER G 41 18.70 -11.00 31.26
CA SER G 41 18.89 -9.60 31.59
C SER G 41 17.77 -8.81 30.90
N MET G 42 17.34 -7.73 31.52
CA MET G 42 16.26 -6.93 30.95
C MET G 42 16.74 -5.54 30.59
N THR G 43 16.03 -4.87 29.69
CA THR G 43 16.43 -3.52 29.32
C THR G 43 15.21 -2.61 29.27
N ALA G 44 15.27 -1.50 30.01
CA ALA G 44 14.18 -0.55 30.06
C ALA G 44 14.51 0.61 29.12
N ILE G 45 13.45 1.15 28.51
CA ILE G 45 13.58 2.27 27.58
C ILE G 45 12.61 3.38 27.95
N SER G 46 13.16 4.58 28.09
CA SER G 46 12.34 5.75 28.37
C SER G 46 12.87 6.78 27.40
N ASP G 47 12.04 7.20 26.45
CA ASP G 47 12.47 8.16 25.44
C ASP G 47 13.76 7.67 24.78
N GLN G 48 14.77 8.53 24.71
CA GLN G 48 16.03 8.14 24.09
C GLN G 48 17.03 7.55 25.08
N PHE G 49 16.53 7.12 26.24
CA PHE G 49 17.39 6.55 27.25
C PHE G 49 17.16 5.05 27.47
N GLN G 50 18.19 4.37 27.96
CA GLN G 50 18.13 2.93 28.23
C GLN G 50 18.84 2.54 29.52
N ILE G 51 18.29 1.56 30.20
CA ILE G 51 18.89 1.03 31.42
C ILE G 51 18.79 -0.49 31.31
N THR G 52 19.84 -1.20 31.71
CA THR G 52 19.78 -2.65 31.66
C THR G 52 19.63 -3.15 33.10
N LEU G 53 18.50 -3.75 33.40
CA LEU G 53 18.26 -4.25 34.74
C LEU G 53 18.58 -5.74 34.74
N ASP G 54 18.67 -6.33 35.92
CA ASP G 54 19.02 -7.73 36.00
C ASP G 54 18.69 -8.25 37.39
N ALA G 55 17.99 -9.38 37.45
CA ALA G 55 17.63 -9.97 38.73
C ALA G 55 18.61 -11.05 39.16
N ARG G 56 19.57 -11.37 38.31
CA ARG G 56 20.57 -12.37 38.63
C ARG G 56 21.34 -11.83 39.83
N PRO G 57 22.00 -12.71 40.61
CA PRO G 57 22.78 -12.31 41.78
C PRO G 57 24.01 -11.45 41.43
N LYS G 58 24.55 -10.77 42.43
CA LYS G 58 25.71 -9.91 42.25
C LYS G 58 26.80 -10.43 41.31
N HIS G 59 27.23 -11.67 41.51
CA HIS G 59 28.27 -12.23 40.66
C HIS G 59 27.84 -12.30 39.21
N THR G 60 26.81 -13.11 38.92
CA THR G 60 26.33 -13.25 37.55
C THR G 60 26.13 -11.89 36.95
N ALA G 61 25.29 -10.97 37.54
CA ALA G 61 25.01 -9.50 37.22
C ALA G 61 24.95 -8.85 35.79
N LYS G 62 24.76 -7.47 35.77
CA LYS G 62 24.71 -6.64 34.49
C LYS G 62 24.09 -5.20 34.57
N GLY G 63 23.32 -4.91 35.62
CA GLY G 63 22.62 -3.67 35.87
C GLY G 63 21.88 -3.80 37.17
N PHE G 64 21.20 -2.72 37.56
CA PHE G 64 20.42 -2.69 38.80
C PHE G 64 19.45 -3.84 38.84
N GLY G 65 19.10 -4.26 40.05
CA GLY G 65 18.12 -5.31 40.18
C GLY G 65 16.79 -4.58 40.06
N PRO G 66 15.70 -5.28 39.72
CA PRO G 66 14.42 -4.59 39.60
C PRO G 66 14.10 -3.66 40.76
N LEU G 67 14.11 -4.22 41.97
CA LEU G 67 13.80 -3.45 43.16
C LEU G 67 14.78 -2.34 43.47
N ALA G 68 16.04 -2.51 43.08
CA ALA G 68 17.04 -1.47 43.32
C ALA G 68 16.64 -0.27 42.48
N ALA G 69 16.20 -0.54 41.25
CA ALA G 69 15.77 0.51 40.35
C ALA G 69 14.61 1.27 41.00
N LEU G 70 13.55 0.53 41.32
CA LEU G 70 12.38 1.13 41.94
C LEU G 70 12.77 2.05 43.11
N LEU G 71 13.65 1.56 43.97
CA LEU G 71 14.11 2.33 45.11
C LEU G 71 14.99 3.50 44.68
N SER G 72 15.61 3.40 43.52
CA SER G 72 16.46 4.49 43.04
C SER G 72 15.52 5.55 42.47
N GLY G 73 14.43 5.07 41.88
CA GLY G 73 13.44 5.98 41.34
C GLY G 73 12.84 6.76 42.50
N LEU G 74 12.65 6.10 43.63
CA LEU G 74 12.11 6.74 44.84
C LEU G 74 13.09 7.81 45.29
N ALA G 75 14.35 7.40 45.44
CA ALA G 75 15.42 8.29 45.87
C ALA G 75 15.57 9.50 44.95
N ALA G 76 15.48 9.28 43.65
CA ALA G 76 15.62 10.37 42.71
C ALA G 76 14.48 11.40 42.84
N CYS G 77 13.28 10.91 43.08
CA CYS G 77 12.09 11.74 43.22
C CYS G 77 12.27 12.55 44.48
N GLU G 78 12.65 11.88 45.55
CA GLU G 78 12.86 12.56 46.81
C GLU G 78 13.83 13.70 46.52
N LEU G 79 15.02 13.35 46.04
CA LEU G 79 16.04 14.34 45.73
C LEU G 79 15.46 15.46 44.87
N ALA G 80 15.01 15.09 43.68
CA ALA G 80 14.44 16.05 42.75
C ALA G 80 13.40 17.00 43.38
N THR G 81 12.45 16.48 44.14
CA THR G 81 11.46 17.38 44.69
C THR G 81 12.09 18.25 45.78
N ALA G 82 13.00 17.69 46.55
CA ALA G 82 13.65 18.46 47.60
C ALA G 82 14.27 19.67 46.91
N ASN G 83 14.93 19.40 45.80
CA ASN G 83 15.57 20.45 45.04
C ASN G 83 14.61 21.44 44.42
N LEU G 84 13.43 20.98 44.02
CA LEU G 84 12.46 21.90 43.42
C LEU G 84 11.75 22.76 44.44
N MET G 85 11.66 22.26 45.67
CA MET G 85 10.99 22.97 46.76
C MET G 85 11.94 23.86 47.55
N ALA G 86 13.23 23.48 47.57
CA ALA G 86 14.23 24.22 48.30
C ALA G 86 14.04 25.74 48.27
N PRO G 87 13.98 26.34 47.06
CA PRO G 87 13.81 27.78 46.89
C PRO G 87 12.65 28.38 47.68
N ALA G 88 11.44 27.90 47.42
CA ALA G 88 10.27 28.41 48.11
C ALA G 88 10.36 28.33 49.63
N LYS G 89 11.19 27.43 50.13
CA LYS G 89 11.33 27.25 51.58
C LYS G 89 12.54 27.99 52.15
N MET G 90 13.32 28.60 51.25
CA MET G 90 14.51 29.34 51.63
C MET G 90 15.62 28.45 52.15
N ILE G 91 15.60 27.18 51.74
CA ILE G 91 16.62 26.23 52.14
C ILE G 91 17.72 26.17 51.10
N THR G 92 18.98 26.35 51.52
CA THR G 92 20.09 26.28 50.55
C THR G 92 20.74 24.93 50.75
N ILE G 93 21.05 24.28 49.63
CA ILE G 93 21.64 22.96 49.64
C ILE G 93 22.99 22.92 48.93
N ASN G 94 24.02 22.44 49.63
CA ASN G 94 25.36 22.36 49.03
C ASN G 94 25.65 20.96 48.53
N LYS G 95 25.14 19.98 49.25
CA LYS G 95 25.27 18.57 48.91
C LYS G 95 23.96 17.96 49.34
N LEU G 96 23.55 16.90 48.66
CA LEU G 96 22.31 16.25 48.99
C LEU G 96 22.35 14.85 48.40
N LEU G 97 22.25 13.85 49.26
CA LEU G 97 22.23 12.47 48.80
C LEU G 97 21.27 11.70 49.67
N MET G 98 20.83 10.56 49.18
CA MET G 98 19.91 9.73 49.95
C MET G 98 20.25 8.27 49.81
N ASN G 99 20.40 7.61 50.94
CA ASN G 99 20.68 6.20 50.93
C ASN G 99 19.33 5.57 51.24
N VAL G 100 18.97 4.54 50.49
CA VAL G 100 17.70 3.87 50.70
C VAL G 100 17.84 2.37 50.83
N THR G 101 17.29 1.83 51.91
CA THR G 101 17.35 0.41 52.14
C THR G 101 15.93 -0.12 52.27
N GLY G 102 15.80 -1.43 52.06
CA GLY G 102 14.49 -2.07 52.15
C GLY G 102 14.62 -3.58 52.17
N SER G 103 13.56 -4.24 52.61
CA SER G 103 13.57 -5.68 52.69
C SER G 103 12.18 -6.26 52.46
N ARG G 104 12.16 -7.55 52.16
CA ARG G 104 10.92 -8.28 51.93
C ARG G 104 11.09 -9.74 52.30
N SER G 105 9.97 -10.44 52.45
CA SER G 105 9.98 -11.86 52.79
C SER G 105 9.94 -12.63 51.48
N THR G 106 10.71 -13.71 51.39
CA THR G 106 10.75 -14.53 50.17
C THR G 106 9.68 -15.59 50.30
N ASN G 107 9.39 -15.95 51.55
CA ASN G 107 8.40 -16.97 51.84
C ASN G 107 7.51 -16.43 52.96
N PRO G 108 6.57 -15.53 52.62
CA PRO G 108 5.64 -14.89 53.55
C PRO G 108 4.38 -15.65 53.97
N THR G 109 3.91 -15.37 55.17
CA THR G 109 2.69 -15.97 55.75
C THR G 109 1.48 -15.10 55.38
N ASP G 110 1.75 -13.81 55.17
CA ASP G 110 0.76 -12.81 54.79
C ASP G 110 0.28 -13.17 53.41
N GLY G 111 1.27 -13.43 52.57
CA GLY G 111 1.03 -13.71 51.18
C GLY G 111 1.52 -12.42 50.55
N TYR G 112 2.10 -11.58 51.40
CA TYR G 112 2.63 -10.30 50.98
C TYR G 112 4.11 -10.41 50.62
N PHE G 113 4.37 -10.40 49.32
CA PHE G 113 5.73 -10.52 48.82
C PHE G 113 6.37 -9.17 48.67
N GLY G 114 5.54 -8.12 48.74
CA GLY G 114 6.01 -6.76 48.60
C GLY G 114 6.91 -6.26 49.70
N LEU G 115 7.44 -5.06 49.51
CA LEU G 115 8.33 -4.43 50.48
C LEU G 115 7.59 -4.22 51.79
N ARG G 116 8.18 -4.66 52.89
CA ARG G 116 7.54 -4.48 54.19
C ARG G 116 8.05 -3.21 54.83
N GLU G 117 9.30 -2.89 54.55
CA GLU G 117 9.95 -1.71 55.09
C GLU G 117 10.94 -1.10 54.12
N ILE G 118 10.95 0.23 54.05
CA ILE G 118 11.88 0.93 53.19
C ILE G 118 12.41 2.10 54.04
N ASN G 119 13.72 2.10 54.28
CA ASN G 119 14.38 3.13 55.10
C ASN G 119 15.11 4.20 54.30
N LEU G 120 14.53 5.40 54.27
CA LEU G 120 15.12 6.54 53.56
C LEU G 120 16.05 7.25 54.50
N HIS G 121 17.24 7.60 54.03
CA HIS G 121 18.19 8.32 54.86
C HIS G 121 18.73 9.53 54.10
N TRP G 122 18.37 10.73 54.56
CA TRP G 122 18.89 11.94 53.92
C TRP G 122 20.24 12.32 54.49
N GLU G 123 21.06 12.96 53.65
CA GLU G 123 22.36 13.46 54.08
C GLU G 123 22.48 14.82 53.39
N ILE G 124 22.03 15.86 54.09
CA ILE G 124 22.07 17.20 53.54
C ILE G 124 23.18 18.06 54.08
N HIS G 125 23.84 18.78 53.19
CA HIS G 125 24.90 19.69 53.57
C HIS G 125 24.31 21.08 53.38
N SER G 126 23.82 21.62 54.48
CA SER G 126 23.17 22.92 54.47
C SER G 126 23.45 23.78 55.70
N PRO G 127 23.31 25.10 55.54
CA PRO G 127 23.53 26.06 56.63
C PRO G 127 22.23 26.27 57.45
N ASN G 128 21.10 25.84 56.90
CA ASN G 128 19.80 25.98 57.56
C ASN G 128 19.78 25.28 58.93
N SER G 129 18.81 25.65 59.76
CA SER G 129 18.70 25.06 61.09
C SER G 129 17.99 23.71 61.06
N GLU G 130 18.27 22.89 62.06
CA GLU G 130 17.67 21.58 62.14
C GLU G 130 16.17 21.70 61.94
N THR G 131 15.52 22.54 62.74
CA THR G 131 14.09 22.73 62.62
C THR G 131 13.69 23.11 61.19
N GLU G 132 14.40 24.07 60.59
CA GLU G 132 14.11 24.49 59.23
C GLU G 132 14.15 23.25 58.33
N ILE G 133 15.26 22.53 58.40
CA ILE G 133 15.49 21.32 57.62
C ILE G 133 14.43 20.27 57.86
N LYS G 134 14.21 20.00 59.14
CA LYS G 134 13.22 19.03 59.56
C LYS G 134 11.92 19.34 58.81
N GLU G 135 11.40 20.54 59.02
CA GLU G 135 10.16 20.94 58.34
C GLU G 135 10.30 20.81 56.83
N PHE G 136 11.47 21.13 56.30
CA PHE G 136 11.72 21.05 54.87
C PHE G 136 11.49 19.64 54.35
N ILE G 137 12.15 18.67 54.98
CA ILE G 137 12.00 17.29 54.55
C ILE G 137 10.56 16.83 54.69
N ASP G 138 9.90 17.23 55.77
CA ASP G 138 8.50 16.88 55.97
C ASP G 138 7.71 17.37 54.76
N PHE G 139 8.03 18.57 54.30
CA PHE G 139 7.33 19.15 53.15
C PHE G 139 7.65 18.32 51.92
N VAL G 140 8.90 17.84 51.85
CA VAL G 140 9.32 17.03 50.71
C VAL G 140 8.61 15.69 50.70
N SER G 141 8.69 14.95 51.80
CA SER G 141 8.03 13.66 51.87
C SER G 141 6.56 13.76 51.46
N LYS G 142 5.89 14.83 51.89
CA LYS G 142 4.49 15.02 51.57
C LYS G 142 4.32 15.51 50.15
N ARG G 143 5.43 15.79 49.49
CA ARG G 143 5.36 16.31 48.14
C ARG G 143 5.84 15.38 47.03
N CYS G 144 6.98 14.70 47.20
CA CYS G 144 7.45 13.81 46.13
C CYS G 144 6.38 12.76 45.81
N PRO G 145 5.97 12.67 44.53
CA PRO G 145 4.97 11.73 44.03
C PRO G 145 5.20 10.31 44.53
N ALA G 146 6.42 9.81 44.32
CA ALA G 146 6.79 8.47 44.72
C ALA G 146 6.60 8.19 46.21
N HIS G 147 6.96 9.16 47.06
CA HIS G 147 6.79 9.01 48.51
C HIS G 147 5.28 8.96 48.76
N ASN G 148 4.53 9.81 48.06
CA ASN G 148 3.09 9.79 48.24
C ASN G 148 2.62 8.40 47.93
N THR G 149 2.86 7.95 46.70
CA THR G 149 2.46 6.63 46.27
C THR G 149 2.68 5.54 47.31
N LEU G 150 3.91 5.43 47.82
CA LEU G 150 4.22 4.40 48.80
C LEU G 150 3.70 4.67 50.20
N GLN G 151 3.23 5.89 50.45
CA GLN G 151 2.73 6.22 51.77
C GLN G 151 1.49 5.39 52.08
N GLY G 152 0.62 5.24 51.07
CA GLY G 152 -0.60 4.50 51.27
C GLY G 152 -0.51 2.98 51.29
N VAL G 153 0.68 2.41 51.33
CA VAL G 153 0.78 0.97 51.32
C VAL G 153 0.24 0.35 52.61
N SER G 154 0.90 0.60 53.73
CA SER G 154 0.48 0.09 55.05
C SER G 154 1.19 -1.18 55.45
N GLN G 155 1.59 -1.96 54.47
CA GLN G 155 2.03 -3.33 54.81
C GLN G 155 3.51 -2.91 54.79
N LEU G 156 3.72 -1.70 54.27
CA LEU G 156 5.03 -1.09 54.14
C LEU G 156 5.21 -0.01 55.16
N LYS G 157 6.41 0.04 55.72
CA LYS G 157 6.76 1.05 56.69
C LYS G 157 7.94 1.86 56.13
N ILE G 158 7.71 3.15 55.92
CA ILE G 158 8.75 4.04 55.39
C ILE G 158 9.40 4.84 56.52
N ASN G 159 10.64 4.48 56.85
CA ASN G 159 11.36 5.17 57.91
C ASN G 159 12.26 6.27 57.35
N VAL G 160 11.87 7.50 57.62
CA VAL G 160 12.63 8.64 57.15
C VAL G 160 13.43 9.24 58.28
N ASN G 161 14.66 9.62 57.97
CA ASN G 161 15.51 10.26 58.95
C ASN G 161 16.61 10.99 58.20
N VAL G 162 17.06 12.11 58.76
CA VAL G 162 18.07 12.90 58.11
C VAL G 162 19.27 13.24 58.95
N THR G 163 20.40 13.38 58.27
CA THR G 163 21.66 13.76 58.88
C THR G 163 21.94 15.12 58.28
N LEU G 164 22.01 16.14 59.14
CA LEU G 164 22.28 17.48 58.68
C LEU G 164 23.77 17.75 58.80
N VAL G 165 24.39 18.20 57.72
CA VAL G 165 25.82 18.49 57.73
C VAL G 165 26.08 19.96 57.40
N HIS G 166 26.33 20.77 58.43
CA HIS G 166 26.60 22.19 58.23
C HIS G 166 27.93 22.42 57.53
N MET H 26 11.65 -11.39 55.79
CA MET H 26 12.74 -10.39 55.86
C MET H 26 14.06 -11.01 55.41
N ASP H 27 14.06 -11.57 54.22
CA ASP H 27 15.27 -12.19 53.69
C ASP H 27 16.04 -11.26 52.76
N LYS H 28 15.33 -10.66 51.81
CA LYS H 28 15.98 -9.77 50.86
C LYS H 28 16.11 -8.33 51.31
N LYS H 29 17.35 -7.86 51.33
CA LYS H 29 17.67 -6.49 51.73
C LYS H 29 18.06 -5.77 50.46
N TYR H 30 17.83 -4.47 50.42
CA TYR H 30 18.17 -3.67 49.26
C TYR H 30 18.85 -2.42 49.72
N ASP H 31 19.96 -2.09 49.06
CA ASP H 31 20.69 -0.90 49.43
C ASP H 31 21.02 -0.05 48.21
N ILE H 32 20.50 1.17 48.19
CA ILE H 32 20.73 2.09 47.09
C ILE H 32 21.10 3.46 47.65
N THR H 33 21.85 4.23 46.89
CA THR H 33 22.15 5.59 47.33
C THR H 33 22.11 6.47 46.09
N ALA H 34 21.50 7.63 46.22
CA ALA H 34 21.40 8.55 45.11
C ALA H 34 22.08 9.86 45.46
N VAL H 35 22.58 10.53 44.44
CA VAL H 35 23.27 11.78 44.62
C VAL H 35 22.81 12.82 43.63
N LEU H 36 22.47 13.99 44.18
CA LEU H 36 22.05 15.13 43.37
C LEU H 36 23.35 15.80 42.95
N ASN H 37 23.56 15.89 41.64
CA ASN H 37 24.77 16.49 41.13
C ASN H 37 24.41 17.91 40.78
N GLU H 38 25.40 18.65 40.27
CA GLU H 38 25.16 20.01 39.84
C GLU H 38 24.33 19.80 38.59
N ASP H 39 23.99 20.86 37.87
CA ASP H 39 23.17 20.70 36.66
C ASP H 39 21.88 19.92 36.96
N SER H 40 21.53 19.89 38.24
CA SER H 40 20.33 19.23 38.76
C SER H 40 20.12 17.73 38.48
N SER H 41 20.99 17.11 37.69
CA SER H 41 20.83 15.68 37.42
C SER H 41 21.08 14.91 38.71
N MET H 42 20.93 13.60 38.68
CA MET H 42 21.16 12.79 39.87
C MET H 42 21.78 11.51 39.40
N THR H 43 22.58 10.86 40.25
CA THR H 43 23.17 9.60 39.85
C THR H 43 22.94 8.58 40.94
N ALA H 44 22.46 7.40 40.54
CA ALA H 44 22.16 6.33 41.47
C ALA H 44 23.25 5.28 41.44
N ILE H 45 23.46 4.65 42.59
CA ILE H 45 24.46 3.62 42.76
C ILE H 45 23.89 2.36 43.41
N SER H 46 24.17 1.22 42.79
CA SER H 46 23.75 -0.07 43.33
C SER H 46 24.93 -0.98 43.03
N ASP H 47 25.49 -1.61 44.06
CA ASP H 47 26.66 -2.46 43.88
C ASP H 47 27.61 -1.70 42.98
N GLN H 48 28.03 -2.27 41.85
CA GLN H 48 28.93 -1.52 40.97
C GLN H 48 28.33 -0.87 39.76
N PHE H 49 27.00 -0.73 39.74
CA PHE H 49 26.33 -0.10 38.61
C PHE H 49 25.88 1.34 38.90
N GLN H 50 25.80 2.14 37.85
CA GLN H 50 25.40 3.54 37.99
C GLN H 50 24.33 3.90 36.99
N ILE H 51 23.39 4.72 37.44
CA ILE H 51 22.30 5.19 36.61
C ILE H 51 22.13 6.68 36.87
N THR H 52 21.98 7.46 35.81
CA THR H 52 21.75 8.89 36.02
C THR H 52 20.27 9.13 35.74
N LEU H 53 19.60 9.78 36.68
CA LEU H 53 18.19 10.06 36.56
C LEU H 53 18.00 11.59 36.51
N ASP H 54 17.20 12.04 35.56
CA ASP H 54 16.94 13.45 35.42
C ASP H 54 15.44 13.73 35.42
N ALA H 55 15.01 14.74 36.17
CA ALA H 55 13.60 15.09 36.23
C ALA H 55 13.30 16.28 35.33
N ARG H 56 14.32 16.81 34.68
CA ARG H 56 14.14 17.94 33.78
C ARG H 56 13.34 17.43 32.59
N PRO H 57 12.75 18.36 31.82
CA PRO H 57 11.97 17.97 30.64
C PRO H 57 12.89 17.34 29.59
N LYS H 58 12.29 16.65 28.63
CA LYS H 58 13.03 15.97 27.57
C LYS H 58 14.17 16.79 26.95
N HIS H 59 13.85 17.98 26.45
CA HIS H 59 14.85 18.83 25.81
C HIS H 59 16.12 19.02 26.62
N THR H 60 15.98 19.23 27.91
CA THR H 60 17.11 19.46 28.80
C THR H 60 17.89 18.23 29.23
N ALA H 61 17.19 17.08 29.43
CA ALA H 61 17.57 15.72 29.98
C ALA H 61 18.83 14.92 29.58
N LYS H 62 19.25 14.04 30.59
CA LYS H 62 20.46 13.16 30.58
C LYS H 62 20.22 11.70 31.08
N GLY H 63 18.99 11.38 31.46
CA GLY H 63 18.57 10.06 31.87
C GLY H 63 17.08 9.99 32.19
N PHE H 64 16.66 8.80 32.60
CA PHE H 64 15.30 8.49 32.98
C PHE H 64 14.88 9.46 34.05
N GLY H 65 13.59 9.77 34.06
CA GLY H 65 13.04 10.64 35.08
C GLY H 65 12.89 9.71 36.28
N PRO H 66 12.80 10.23 37.50
CA PRO H 66 12.65 9.38 38.68
C PRO H 66 11.60 8.28 38.50
N LEU H 67 10.35 8.70 38.30
CA LEU H 67 9.25 7.77 38.11
C LEU H 67 9.38 6.86 36.89
N ALA H 68 10.09 7.32 35.88
CA ALA H 68 10.28 6.49 34.70
C ALA H 68 11.10 5.30 35.19
N ALA H 69 11.94 5.56 36.17
CA ALA H 69 12.80 4.54 36.74
C ALA H 69 12.02 3.71 37.74
N LEU H 70 11.05 4.33 38.38
CA LEU H 70 10.25 3.61 39.34
C LEU H 70 9.39 2.61 38.59
N LEU H 71 8.69 3.09 37.56
CA LEU H 71 7.87 2.24 36.74
C LEU H 71 8.75 1.22 36.05
N SER H 72 9.98 1.60 35.73
CA SER H 72 10.89 0.67 35.09
C SER H 72 11.22 -0.47 36.05
N GLY H 73 11.42 -0.11 37.32
CA GLY H 73 11.73 -1.11 38.32
C GLY H 73 10.54 -2.05 38.40
N LEU H 74 9.34 -1.48 38.46
CA LEU H 74 8.12 -2.25 38.52
C LEU H 74 8.15 -3.24 37.37
N ALA H 75 8.23 -2.72 36.15
CA ALA H 75 8.27 -3.53 34.95
C ALA H 75 9.24 -4.70 35.08
N ALA H 76 10.49 -4.39 35.38
CA ALA H 76 11.52 -5.39 35.52
C ALA H 76 11.17 -6.51 36.51
N CYS H 77 10.52 -6.17 37.62
CA CYS H 77 10.12 -7.16 38.61
C CYS H 77 9.07 -8.06 38.00
N GLU H 78 8.15 -7.47 37.27
CA GLU H 78 7.10 -8.22 36.62
C GLU H 78 7.77 -9.24 35.70
N LEU H 79 8.57 -8.73 34.78
CA LEU H 79 9.26 -9.60 33.86
C LEU H 79 10.09 -10.66 34.58
N ALA H 80 10.85 -10.24 35.58
CA ALA H 80 11.69 -11.16 36.31
C ALA H 80 10.95 -12.30 37.00
N THR H 81 9.87 -11.97 37.69
CA THR H 81 9.14 -13.01 38.41
C THR H 81 8.40 -13.90 37.44
N ALA H 82 8.06 -13.36 36.28
CA ALA H 82 7.35 -14.15 35.29
C ALA H 82 8.35 -15.20 34.75
N ASN H 83 9.59 -14.76 34.55
CA ASN H 83 10.62 -15.66 34.05
C ASN H 83 11.04 -16.71 35.09
N LEU H 84 10.84 -16.39 36.36
CA LEU H 84 11.17 -17.30 37.44
C LEU H 84 10.01 -18.22 37.80
N MET H 85 8.83 -18.01 37.24
CA MET H 85 7.71 -18.88 37.56
C MET H 85 7.30 -19.67 36.33
N ALA H 86 7.67 -19.18 35.16
CA ALA H 86 7.34 -19.86 33.91
C ALA H 86 7.50 -21.37 34.06
N PRO H 87 8.72 -21.81 34.47
CA PRO H 87 9.03 -23.24 34.67
C PRO H 87 7.99 -24.07 35.44
N ALA H 88 7.79 -23.76 36.71
CA ALA H 88 6.84 -24.50 37.54
C ALA H 88 5.41 -24.38 37.02
N LYS H 89 5.19 -23.51 36.05
CA LYS H 89 3.86 -23.31 35.51
C LYS H 89 3.76 -23.90 34.12
N MET H 90 4.87 -24.41 33.63
CA MET H 90 4.87 -25.02 32.33
C MET H 90 4.45 -24.02 31.27
N ILE H 91 4.74 -22.75 31.51
CA ILE H 91 4.46 -21.71 30.52
C ILE H 91 5.74 -21.50 29.72
N THR H 92 5.65 -21.63 28.41
CA THR H 92 6.84 -21.43 27.61
C THR H 92 6.74 -20.03 27.02
N ILE H 93 7.83 -19.30 27.09
CA ILE H 93 7.88 -17.91 26.64
C ILE H 93 8.94 -17.74 25.55
N ASN H 94 8.59 -17.13 24.43
CA ASN H 94 9.56 -16.92 23.36
C ASN H 94 10.00 -15.46 23.30
N LYS H 95 9.14 -14.59 23.81
CA LYS H 95 9.39 -13.14 23.86
C LYS H 95 8.50 -12.60 24.96
N LEU H 96 9.05 -11.72 25.77
CA LEU H 96 8.31 -11.14 26.87
C LEU H 96 8.73 -9.69 26.98
N LEU H 97 7.77 -8.83 27.24
CA LEU H 97 8.05 -7.43 27.41
C LEU H 97 6.83 -6.76 28.00
N MET H 98 7.07 -5.70 28.75
CA MET H 98 5.98 -4.98 29.37
C MET H 98 6.12 -3.51 29.15
N ASN H 99 5.03 -2.90 28.73
CA ASN H 99 5.01 -1.48 28.53
C ASN H 99 4.16 -0.92 29.67
N VAL H 100 4.73 -0.03 30.46
CA VAL H 100 4.02 0.57 31.57
C VAL H 100 3.79 2.06 31.35
N THR H 101 2.59 2.52 31.71
CA THR H 101 2.24 3.93 31.61
C THR H 101 1.60 4.26 32.93
N GLY H 102 1.71 5.52 33.33
CA GLY H 102 1.12 5.93 34.59
C GLY H 102 0.99 7.43 34.59
N SER H 103 0.20 7.97 35.50
CA SER H 103 0.03 9.41 35.58
C SER H 103 -0.17 9.87 37.01
N ARG H 104 -0.16 11.19 37.19
CA ARG H 104 -0.33 11.78 38.51
C ARG H 104 -0.76 13.22 38.32
N SER H 105 -1.29 13.81 39.37
CA SER H 105 -1.72 15.20 39.27
C SER H 105 -0.57 16.09 39.73
N THR H 106 -0.45 17.24 39.07
CA THR H 106 0.59 18.22 39.39
C THR H 106 0.00 19.17 40.40
N ASN H 107 -1.30 19.39 40.26
CA ASN H 107 -2.05 20.27 41.14
C ASN H 107 -3.26 19.45 41.57
N PRO H 108 -3.13 18.69 42.66
CA PRO H 108 -4.25 17.87 43.12
C PRO H 108 -5.07 18.48 44.25
N THR H 109 -6.32 18.04 44.34
CA THR H 109 -7.22 18.49 45.38
C THR H 109 -7.09 17.51 46.54
N ASP H 110 -6.89 16.25 46.18
CA ASP H 110 -6.72 15.17 47.15
C ASP H 110 -5.71 15.55 48.21
N GLY H 111 -4.46 15.63 47.77
CA GLY H 111 -3.34 15.91 48.65
C GLY H 111 -2.45 14.75 48.26
N TYR H 112 -2.87 14.12 47.17
CA TYR H 112 -2.17 12.98 46.60
C TYR H 112 -1.43 13.31 45.29
N PHE H 113 -0.14 13.59 45.43
CA PHE H 113 0.70 13.91 44.30
C PHE H 113 1.21 12.62 43.68
N GLY H 114 0.91 11.51 44.35
CA GLY H 114 1.34 10.19 43.88
C GLY H 114 0.71 9.75 42.57
N LEU H 115 1.13 8.58 42.11
CA LEU H 115 0.61 8.01 40.87
C LEU H 115 -0.83 7.57 41.08
N ARG H 116 -1.74 8.13 40.30
CA ARG H 116 -3.14 7.76 40.44
C ARG H 116 -3.46 6.51 39.64
N GLU H 117 -2.95 6.45 38.42
CA GLU H 117 -3.17 5.30 37.56
C GLU H 117 -1.88 4.81 36.90
N ILE H 118 -1.58 3.54 37.13
CA ILE H 118 -0.42 2.86 36.55
C ILE H 118 -1.00 1.73 35.68
N ASN H 119 -0.68 1.74 34.39
CA ASN H 119 -1.19 0.72 33.45
C ASN H 119 -0.15 -0.28 32.96
N LEU H 120 -0.36 -1.55 33.27
CA LEU H 120 0.55 -2.62 32.85
C LEU H 120 0.06 -3.30 31.59
N HIS H 121 0.91 -3.39 30.57
CA HIS H 121 0.56 -4.06 29.32
C HIS H 121 1.63 -5.08 28.88
N TRP H 122 1.42 -6.35 29.22
CA TRP H 122 2.38 -7.38 28.83
C TRP H 122 2.23 -7.69 27.35
N GLU H 123 3.27 -8.29 26.79
CA GLU H 123 3.24 -8.72 25.41
C GLU H 123 4.04 -10.02 25.41
N ILE H 124 3.33 -11.12 25.54
CA ILE H 124 3.93 -12.43 25.59
C ILE H 124 3.86 -13.14 24.27
N HIS H 125 4.95 -13.78 23.88
CA HIS H 125 5.00 -14.57 22.67
C HIS H 125 5.12 -15.97 23.21
N SER H 126 3.96 -16.61 23.37
CA SER H 126 3.90 -17.95 23.93
C SER H 126 2.84 -18.83 23.28
N PRO H 127 3.12 -20.15 23.17
CA PRO H 127 2.19 -21.11 22.57
C PRO H 127 1.09 -21.48 23.56
N ASN H 128 1.29 -21.13 24.82
CA ASN H 128 0.30 -21.43 25.86
C ASN H 128 -1.07 -20.83 25.55
N SER H 129 -2.13 -21.49 25.99
CA SER H 129 -3.47 -20.99 25.77
C SER H 129 -3.68 -19.69 26.54
N GLU H 130 -4.77 -19.00 26.25
CA GLU H 130 -5.07 -17.75 26.93
C GLU H 130 -5.30 -18.05 28.40
N THR H 131 -6.22 -18.98 28.66
CA THR H 131 -6.53 -19.35 30.02
C THR H 131 -5.28 -19.72 30.79
N GLU H 132 -4.35 -20.40 30.12
CA GLU H 132 -3.13 -20.77 30.81
C GLU H 132 -2.39 -19.49 31.17
N ILE H 133 -2.20 -18.61 30.20
CA ILE H 133 -1.53 -17.34 30.39
C ILE H 133 -2.23 -16.44 31.40
N LYS H 134 -3.56 -16.39 31.31
CA LYS H 134 -4.37 -15.56 32.19
C LYS H 134 -4.15 -15.90 33.66
N GLU H 135 -3.96 -17.18 33.97
CA GLU H 135 -3.73 -17.58 35.35
C GLU H 135 -2.27 -17.34 35.72
N PHE H 136 -1.38 -17.65 34.78
CA PHE H 136 0.04 -17.46 34.98
C PHE H 136 0.36 -16.05 35.44
N ILE H 137 -0.12 -15.06 34.68
CA ILE H 137 0.13 -13.67 35.02
C ILE H 137 -0.49 -13.32 36.37
N ASP H 138 -1.72 -13.77 36.61
CA ASP H 138 -2.36 -13.48 37.88
C ASP H 138 -1.46 -13.95 39.01
N PHE H 139 -0.79 -15.07 38.77
CA PHE H 139 0.13 -15.66 39.74
C PHE H 139 1.40 -14.79 39.81
N VAL H 140 1.93 -14.39 38.64
CA VAL H 140 3.11 -13.54 38.63
C VAL H 140 2.77 -12.25 39.36
N SER H 141 1.52 -11.79 39.21
CA SER H 141 1.08 -10.57 39.86
C SER H 141 0.99 -10.74 41.36
N LYS H 142 0.45 -11.87 41.80
CA LYS H 142 0.33 -12.15 43.22
C LYS H 142 1.72 -12.35 43.79
N ARG H 143 2.71 -12.43 42.92
CA ARG H 143 4.07 -12.68 43.37
C ARG H 143 5.19 -11.65 43.17
N CYS H 144 5.16 -10.81 42.12
CA CYS H 144 6.26 -9.85 41.99
C CYS H 144 6.18 -8.89 43.17
N PRO H 145 7.29 -8.76 43.90
CA PRO H 145 7.34 -7.86 45.06
C PRO H 145 6.80 -6.46 44.76
N ALA H 146 7.26 -5.88 43.66
CA ALA H 146 6.84 -4.54 43.27
C ALA H 146 5.33 -4.39 43.12
N HIS H 147 4.72 -5.35 42.43
CA HIS H 147 3.29 -5.32 42.20
C HIS H 147 2.57 -5.40 43.54
N ASN H 148 3.04 -6.31 44.40
CA ASN H 148 2.44 -6.48 45.72
C ASN H 148 2.45 -5.15 46.44
N THR H 149 3.58 -4.46 46.34
CA THR H 149 3.73 -3.17 46.99
C THR H 149 2.71 -2.12 46.55
N LEU H 150 2.66 -1.83 45.27
CA LEU H 150 1.72 -0.83 44.76
C LEU H 150 0.29 -1.34 44.82
N GLN H 151 0.12 -2.60 45.18
CA GLN H 151 -1.22 -3.18 45.24
C GLN H 151 -2.01 -2.63 46.40
N GLY H 152 -1.34 -2.39 47.53
CA GLY H 152 -2.04 -1.89 48.70
C GLY H 152 -2.25 -0.39 48.74
N VAL H 153 -2.08 0.27 47.60
CA VAL H 153 -2.24 1.72 47.56
C VAL H 153 -3.69 2.20 47.75
N SER H 154 -4.53 2.07 46.72
CA SER H 154 -5.95 2.47 46.79
C SER H 154 -6.22 3.81 46.15
N GLN H 155 -5.21 4.67 46.18
CA GLN H 155 -5.36 5.99 45.62
C GLN H 155 -4.85 5.75 44.20
N LEU H 156 -4.23 4.59 44.04
CA LEU H 156 -3.65 4.13 42.78
C LEU H 156 -4.44 2.94 42.27
N LYS H 157 -4.72 2.97 40.98
CA LYS H 157 -5.44 1.90 40.33
C LYS H 157 -4.50 1.26 39.31
N ILE H 158 -4.30 -0.04 39.42
CA ILE H 158 -3.44 -0.76 38.51
C ILE H 158 -4.28 -1.52 37.47
N ASN H 159 -4.07 -1.19 36.20
CA ASN H 159 -4.80 -1.85 35.13
C ASN H 159 -3.85 -2.82 34.44
N VAL H 160 -4.22 -4.09 34.48
CA VAL H 160 -3.41 -5.12 33.89
C VAL H 160 -4.07 -5.76 32.67
N ASN H 161 -3.37 -5.73 31.56
CA ASN H 161 -3.87 -6.37 30.35
C ASN H 161 -2.67 -6.86 29.55
N VAL H 162 -2.86 -7.95 28.81
CA VAL H 162 -1.78 -8.55 28.05
C VAL H 162 -2.14 -8.83 26.60
N THR H 163 -1.12 -8.81 25.74
CA THR H 163 -1.31 -9.13 24.33
C THR H 163 -0.64 -10.49 24.21
N LEU H 164 -1.40 -11.50 23.82
CA LEU H 164 -0.89 -12.85 23.72
C LEU H 164 -0.66 -13.24 22.27
N VAL H 165 0.60 -13.22 21.85
CA VAL H 165 0.92 -13.56 20.45
C VAL H 165 1.34 -15.01 20.27
N HIS H 166 0.62 -15.71 19.39
CA HIS H 166 0.88 -17.12 19.09
C HIS H 166 1.69 -17.31 17.79
N TYR I 21 -42.92 -13.04 4.94
CA TYR I 21 -43.60 -12.70 3.65
C TYR I 21 -42.64 -12.81 2.48
N PHE I 22 -41.37 -13.06 2.76
CA PHE I 22 -40.35 -13.22 1.73
C PHE I 22 -39.46 -14.41 2.05
N GLN I 23 -39.70 -15.54 1.40
CA GLN I 23 -38.88 -16.73 1.62
C GLN I 23 -37.63 -16.55 0.76
N GLY I 24 -36.48 -16.96 1.25
CA GLY I 24 -35.27 -16.83 0.47
C GLY I 24 -35.41 -17.68 -0.78
N HIS I 25 -34.50 -17.53 -1.74
CA HIS I 25 -34.59 -18.32 -2.96
C HIS I 25 -33.78 -19.61 -2.78
N MET I 26 -34.12 -20.65 -3.53
CA MET I 26 -33.39 -21.92 -3.44
C MET I 26 -32.34 -22.05 -4.54
N ASP I 27 -31.23 -21.33 -4.39
CA ASP I 27 -30.14 -21.31 -5.36
C ASP I 27 -29.52 -22.67 -5.62
N LYS I 28 -28.75 -23.16 -4.66
CA LYS I 28 -28.03 -24.42 -4.80
C LYS I 28 -28.86 -25.68 -4.96
N LYS I 29 -28.58 -26.38 -6.04
CA LYS I 29 -29.26 -27.62 -6.36
C LYS I 29 -28.21 -28.73 -6.36
N TYR I 30 -28.64 -29.93 -5.99
CA TYR I 30 -27.72 -31.07 -5.95
C TYR I 30 -28.31 -32.28 -6.69
N ASP I 31 -27.44 -33.01 -7.40
CA ASP I 31 -27.88 -34.19 -8.14
C ASP I 31 -26.88 -35.34 -8.08
N ILE I 32 -27.31 -36.42 -7.44
CA ILE I 32 -26.49 -37.61 -7.29
C ILE I 32 -27.30 -38.85 -7.65
N THR I 33 -26.59 -39.91 -8.04
CA THR I 33 -27.21 -41.18 -8.39
C THR I 33 -26.38 -42.31 -7.80
N ALA I 34 -27.07 -43.27 -7.20
CA ALA I 34 -26.42 -44.41 -6.56
C ALA I 34 -26.78 -45.71 -7.24
N VAL I 35 -25.77 -46.46 -7.66
CA VAL I 35 -26.00 -47.73 -8.33
C VAL I 35 -25.58 -48.92 -7.48
N LEU I 36 -26.50 -49.86 -7.30
CA LEU I 36 -26.23 -51.07 -6.55
C LEU I 36 -25.68 -52.08 -7.54
N ASN I 37 -24.40 -52.37 -7.42
CA ASN I 37 -23.75 -53.30 -8.32
C ASN I 37 -23.93 -54.71 -7.78
N GLU I 38 -23.48 -55.71 -8.53
CA GLU I 38 -23.55 -57.08 -8.05
C GLU I 38 -22.63 -57.01 -6.84
N ASP I 39 -22.22 -58.16 -6.32
CA ASP I 39 -21.33 -58.16 -5.16
C ASP I 39 -21.79 -57.16 -4.09
N SER I 40 -23.07 -56.81 -4.13
CA SER I 40 -23.71 -55.88 -3.18
C SER I 40 -23.07 -54.51 -2.96
N SER I 41 -21.91 -54.26 -3.57
CA SER I 41 -21.25 -52.96 -3.41
C SER I 41 -21.99 -51.91 -4.24
N MET I 42 -21.88 -50.66 -3.82
CA MET I 42 -22.56 -49.57 -4.51
C MET I 42 -21.60 -48.52 -5.06
N THR I 43 -22.04 -47.82 -6.11
CA THR I 43 -21.22 -46.77 -6.71
C THR I 43 -22.11 -45.55 -6.94
N ALA I 44 -21.60 -44.39 -6.56
CA ALA I 44 -22.31 -43.13 -6.71
C ALA I 44 -21.62 -42.27 -7.76
N ILE I 45 -22.42 -41.48 -8.47
CA ILE I 45 -21.94 -40.61 -9.52
C ILE I 45 -22.32 -39.16 -9.27
N SER I 46 -21.31 -38.29 -9.29
CA SER I 46 -21.50 -36.85 -9.11
C SER I 46 -20.80 -36.18 -10.28
N ASP I 47 -21.56 -35.59 -11.20
CA ASP I 47 -20.93 -34.95 -12.36
C ASP I 47 -19.99 -36.00 -12.92
N GLN I 48 -18.71 -35.67 -13.04
CA GLN I 48 -17.74 -36.65 -13.53
C GLN I 48 -16.94 -37.30 -12.42
N PHE I 49 -17.60 -37.64 -11.31
CA PHE I 49 -16.92 -38.28 -10.19
C PHE I 49 -17.69 -39.51 -9.65
N GLN I 50 -16.93 -40.52 -9.21
CA GLN I 50 -17.52 -41.75 -8.70
C GLN I 50 -16.91 -42.16 -7.37
N ILE I 51 -17.79 -42.58 -6.46
CA ILE I 51 -17.41 -43.04 -5.14
C ILE I 51 -18.07 -44.40 -4.99
N THR I 52 -17.29 -45.43 -4.67
CA THR I 52 -17.87 -46.77 -4.51
C THR I 52 -18.14 -47.06 -3.02
N LEU I 53 -19.42 -47.14 -2.67
CA LEU I 53 -19.83 -47.40 -1.30
C LEU I 53 -20.11 -48.88 -1.09
N ASP I 54 -20.08 -49.32 0.17
CA ASP I 54 -20.29 -50.73 0.52
C ASP I 54 -20.75 -50.84 1.97
N ALA I 55 -21.78 -51.66 2.21
CA ALA I 55 -22.29 -51.85 3.58
C ALA I 55 -21.77 -53.15 4.18
N ARG I 56 -20.91 -53.84 3.43
CA ARG I 56 -20.32 -55.10 3.88
C ARG I 56 -19.35 -54.85 5.03
N PRO I 57 -19.05 -55.89 5.82
CA PRO I 57 -18.12 -55.65 6.93
C PRO I 57 -16.72 -55.39 6.39
N LYS I 58 -15.83 -54.90 7.26
CA LYS I 58 -14.46 -54.59 6.89
C LYS I 58 -13.78 -55.68 6.03
N HIS I 59 -13.69 -56.89 6.56
CA HIS I 59 -13.05 -58.00 5.85
C HIS I 59 -13.48 -58.13 4.41
N THR I 60 -14.79 -58.27 4.19
CA THR I 60 -15.33 -58.38 2.85
C THR I 60 -14.99 -57.13 2.07
N ALA I 61 -15.36 -55.84 2.47
CA ALA I 61 -14.87 -54.48 1.86
C ALA I 61 -15.04 -54.00 0.34
N LYS I 62 -14.60 -52.70 0.02
CA LYS I 62 -14.63 -52.07 -1.40
C LYS I 62 -14.80 -50.50 -1.51
N GLY I 63 -15.16 -49.84 -0.42
CA GLY I 63 -15.42 -48.41 -0.25
C GLY I 63 -15.93 -48.08 1.14
N PHE I 64 -16.32 -46.82 1.33
CA PHE I 64 -16.87 -46.36 2.60
C PHE I 64 -18.24 -47.02 2.80
N GLY I 65 -18.77 -46.93 4.01
CA GLY I 65 -20.07 -47.47 4.29
C GLY I 65 -21.01 -46.30 4.05
N PRO I 66 -22.30 -46.56 3.78
CA PRO I 66 -23.29 -45.49 3.54
C PRO I 66 -23.11 -44.31 4.49
N LEU I 67 -23.44 -44.54 5.76
CA LEU I 67 -23.30 -43.54 6.80
C LEU I 67 -21.90 -42.98 6.91
N ALA I 68 -20.89 -43.83 6.75
CA ALA I 68 -19.52 -43.34 6.85
C ALA I 68 -19.34 -42.19 5.86
N ALA I 69 -19.77 -42.40 4.62
CA ALA I 69 -19.65 -41.36 3.61
C ALA I 69 -20.52 -40.18 3.98
N LEU I 70 -21.74 -40.46 4.43
CA LEU I 70 -22.63 -39.38 4.81
C LEU I 70 -21.92 -38.46 5.81
N LEU I 71 -21.39 -39.03 6.88
CA LEU I 71 -20.69 -38.25 7.88
C LEU I 71 -19.49 -37.54 7.27
N SER I 72 -18.85 -38.15 6.27
CA SER I 72 -17.71 -37.52 5.62
C SER I 72 -18.21 -36.27 4.88
N GLY I 73 -19.43 -36.36 4.38
CA GLY I 73 -20.00 -35.22 3.68
C GLY I 73 -20.10 -34.16 4.74
N LEU I 74 -20.71 -34.54 5.86
CA LEU I 74 -20.87 -33.64 6.99
C LEU I 74 -19.49 -33.03 7.25
N ALA I 75 -18.51 -33.89 7.48
CA ALA I 75 -17.16 -33.41 7.73
C ALA I 75 -16.75 -32.40 6.68
N ALA I 76 -16.77 -32.81 5.41
CA ALA I 76 -16.38 -31.95 4.30
C ALA I 76 -17.13 -30.60 4.26
N CYS I 77 -18.39 -30.61 4.67
CA CYS I 77 -19.20 -29.40 4.71
C CYS I 77 -18.55 -28.46 5.70
N GLU I 78 -18.31 -28.99 6.89
CA GLU I 78 -17.68 -28.25 7.98
C GLU I 78 -16.36 -27.65 7.53
N LEU I 79 -15.44 -28.47 7.05
CA LEU I 79 -14.14 -27.97 6.60
C LEU I 79 -14.27 -26.89 5.54
N ALA I 80 -15.09 -27.14 4.55
CA ALA I 80 -15.31 -26.20 3.46
C ALA I 80 -15.85 -24.85 3.92
N THR I 81 -16.94 -24.85 4.69
CA THR I 81 -17.46 -23.57 5.13
C THR I 81 -16.47 -22.87 6.07
N ALA I 82 -15.81 -23.63 6.94
CA ALA I 82 -14.84 -23.04 7.84
C ALA I 82 -13.69 -22.44 7.02
N ASN I 83 -13.36 -23.09 5.91
CA ASN I 83 -12.31 -22.61 5.05
C ASN I 83 -12.78 -21.46 4.16
N LEU I 84 -14.09 -21.21 4.15
CA LEU I 84 -14.67 -20.13 3.36
C LEU I 84 -14.95 -18.88 4.19
N MET I 85 -15.24 -19.06 5.47
CA MET I 85 -15.55 -17.94 6.34
C MET I 85 -14.31 -17.36 7.05
N ALA I 86 -13.28 -18.18 7.21
CA ALA I 86 -12.05 -17.75 7.86
C ALA I 86 -11.62 -16.32 7.51
N PRO I 87 -11.39 -16.03 6.22
CA PRO I 87 -10.97 -14.68 5.84
C PRO I 87 -11.82 -13.56 6.41
N ALA I 88 -13.13 -13.63 6.23
CA ALA I 88 -14.01 -12.58 6.74
C ALA I 88 -14.24 -12.68 8.25
N LYS I 89 -13.53 -13.59 8.88
CA LYS I 89 -13.64 -13.77 10.33
C LYS I 89 -12.26 -13.54 10.90
N MET I 90 -11.31 -13.42 9.98
CA MET I 90 -9.91 -13.18 10.31
C MET I 90 -9.32 -14.24 11.22
N ILE I 91 -9.55 -15.48 10.83
CA ILE I 91 -9.01 -16.62 11.53
C ILE I 91 -8.01 -17.11 10.51
N THR I 92 -6.76 -17.32 10.91
CA THR I 92 -5.81 -17.81 9.94
C THR I 92 -5.58 -19.27 10.26
N ILE I 93 -5.88 -20.12 9.30
CA ILE I 93 -5.74 -21.55 9.51
C ILE I 93 -4.51 -22.04 8.80
N ASN I 94 -3.69 -22.82 9.52
CA ASN I 94 -2.46 -23.36 8.93
C ASN I 94 -2.60 -24.86 8.71
N LYS I 95 -3.54 -25.44 9.46
CA LYS I 95 -3.86 -26.86 9.39
C LYS I 95 -5.26 -27.03 9.95
N LEU I 96 -6.05 -27.85 9.29
CA LEU I 96 -7.41 -28.10 9.74
C LEU I 96 -7.77 -29.53 9.42
N LEU I 97 -8.50 -30.16 10.33
CA LEU I 97 -8.94 -31.54 10.14
C LEU I 97 -9.98 -31.84 11.19
N MET I 98 -10.82 -32.81 10.89
CA MET I 98 -11.88 -33.14 11.81
C MET I 98 -12.18 -34.63 11.85
N ASN I 99 -12.49 -35.10 13.06
CA ASN I 99 -12.83 -36.49 13.28
C ASN I 99 -14.31 -36.51 13.63
N VAL I 100 -15.05 -37.39 12.96
CA VAL I 100 -16.48 -37.53 13.18
C VAL I 100 -16.76 -38.95 13.64
N THR I 101 -17.62 -39.08 14.63
CA THR I 101 -18.00 -40.39 15.14
C THR I 101 -19.50 -40.33 15.38
N GLY I 102 -20.16 -41.46 15.14
CA GLY I 102 -21.60 -41.50 15.34
C GLY I 102 -22.03 -42.90 15.68
N SER I 103 -23.30 -43.04 16.04
CA SER I 103 -23.84 -44.34 16.40
C SER I 103 -25.34 -44.38 16.23
N ARG I 104 -25.88 -45.59 16.18
CA ARG I 104 -27.32 -45.82 16.04
C ARG I 104 -27.62 -47.19 16.62
N SER I 105 -28.89 -47.41 16.97
CA SER I 105 -29.29 -48.69 17.53
C SER I 105 -29.86 -49.55 16.42
N THR I 106 -29.45 -50.81 16.38
CA THR I 106 -29.93 -51.74 15.36
C THR I 106 -31.29 -52.28 15.77
N ASN I 107 -31.47 -52.48 17.07
CA ASN I 107 -32.74 -52.97 17.57
C ASN I 107 -33.27 -51.93 18.57
N PRO I 108 -33.80 -50.82 18.05
CA PRO I 108 -34.32 -49.76 18.89
C PRO I 108 -35.76 -49.99 19.35
N THR I 109 -36.13 -49.34 20.44
CA THR I 109 -37.47 -49.43 20.98
C THR I 109 -38.27 -48.26 20.45
N ASP I 110 -37.57 -47.15 20.20
CA ASP I 110 -38.18 -45.92 19.69
C ASP I 110 -38.83 -46.12 18.35
N GLY I 111 -38.07 -46.72 17.45
CA GLY I 111 -38.55 -46.90 16.10
C GLY I 111 -37.65 -45.97 15.30
N TYR I 112 -36.66 -45.43 16.02
CA TYR I 112 -35.68 -44.51 15.45
C TYR I 112 -34.43 -45.31 15.12
N PHE I 113 -34.14 -45.41 13.83
CA PHE I 113 -32.98 -46.16 13.38
C PHE I 113 -31.86 -45.24 12.95
N GLY I 114 -32.16 -43.95 12.89
CA GLY I 114 -31.17 -42.98 12.48
C GLY I 114 -30.12 -42.82 13.54
N LEU I 115 -29.13 -41.97 13.24
CA LEU I 115 -28.06 -41.69 14.17
C LEU I 115 -28.57 -40.98 15.42
N ARG I 116 -28.30 -41.57 16.58
CA ARG I 116 -28.72 -40.97 17.84
C ARG I 116 -27.66 -39.99 18.30
N GLU I 117 -26.42 -40.24 17.91
CA GLU I 117 -25.36 -39.32 18.29
C GLU I 117 -24.26 -39.21 17.25
N ILE I 118 -23.80 -37.99 17.05
CA ILE I 118 -22.72 -37.71 16.12
C ILE I 118 -21.81 -36.73 16.84
N ASN I 119 -20.51 -37.02 16.84
CA ASN I 119 -19.54 -36.19 17.52
C ASN I 119 -18.53 -35.63 16.55
N LEU I 120 -18.48 -34.30 16.48
CA LEU I 120 -17.55 -33.61 15.60
C LEU I 120 -16.39 -33.08 16.41
N HIS I 121 -15.18 -33.53 16.06
CA HIS I 121 -14.02 -33.05 16.78
C HIS I 121 -13.14 -32.24 15.85
N TRP I 122 -12.94 -30.97 16.19
CA TRP I 122 -12.12 -30.08 15.39
C TRP I 122 -10.67 -30.02 15.85
N GLU I 123 -9.76 -29.90 14.90
CA GLU I 123 -8.36 -29.73 15.25
C GLU I 123 -7.77 -28.65 14.37
N ILE I 124 -7.84 -27.41 14.86
CA ILE I 124 -7.33 -26.26 14.12
C ILE I 124 -5.95 -25.85 14.62
N HIS I 125 -5.05 -25.61 13.68
CA HIS I 125 -3.70 -25.16 14.02
C HIS I 125 -3.77 -23.70 13.60
N SER I 126 -4.12 -22.83 14.55
CA SER I 126 -4.28 -21.42 14.30
C SER I 126 -3.61 -20.48 15.33
N PRO I 127 -3.05 -19.35 14.86
CA PRO I 127 -2.40 -18.40 15.77
C PRO I 127 -3.48 -17.56 16.46
N ASN I 128 -4.73 -17.84 16.09
CA ASN I 128 -5.88 -17.15 16.66
C ASN I 128 -6.16 -17.61 18.09
N SER I 129 -6.81 -16.76 18.86
CA SER I 129 -7.10 -17.06 20.25
C SER I 129 -8.22 -18.08 20.42
N GLU I 130 -8.31 -18.65 21.62
CA GLU I 130 -9.33 -19.64 21.97
C GLU I 130 -10.70 -19.07 21.63
N THR I 131 -11.05 -17.96 22.29
CA THR I 131 -12.33 -17.30 22.10
C THR I 131 -12.61 -16.95 20.64
N GLU I 132 -11.57 -16.61 19.88
CA GLU I 132 -11.75 -16.31 18.47
C GLU I 132 -12.16 -17.60 17.78
N ILE I 133 -11.33 -18.63 17.92
CA ILE I 133 -11.57 -19.94 17.34
C ILE I 133 -12.89 -20.55 17.82
N LYS I 134 -13.17 -20.39 19.11
CA LYS I 134 -14.38 -20.90 19.70
C LYS I 134 -15.57 -20.27 18.94
N GLU I 135 -15.59 -18.94 18.87
CA GLU I 135 -16.66 -18.20 18.19
C GLU I 135 -16.72 -18.55 16.70
N PHE I 136 -15.56 -18.62 16.06
CA PHE I 136 -15.50 -18.95 14.65
C PHE I 136 -16.26 -20.24 14.38
N ILE I 137 -15.94 -21.28 15.16
CA ILE I 137 -16.60 -22.57 14.99
C ILE I 137 -18.11 -22.54 15.20
N ASP I 138 -18.59 -21.84 16.22
CA ASP I 138 -20.04 -21.76 16.45
C ASP I 138 -20.64 -21.21 15.17
N PHE I 139 -19.90 -20.33 14.50
CA PHE I 139 -20.32 -19.71 13.26
C PHE I 139 -20.41 -20.76 12.16
N VAL I 140 -19.33 -21.51 12.02
CA VAL I 140 -19.23 -22.56 11.03
C VAL I 140 -20.32 -23.63 11.25
N SER I 141 -20.67 -23.86 12.52
CA SER I 141 -21.69 -24.85 12.86
C SER I 141 -23.11 -24.37 12.51
N LYS I 142 -23.29 -23.06 12.47
CA LYS I 142 -24.59 -22.48 12.15
C LYS I 142 -24.62 -22.20 10.65
N ARG I 143 -23.44 -22.27 10.03
CA ARG I 143 -23.31 -21.99 8.62
C ARG I 143 -23.29 -23.19 7.69
N CYS I 144 -22.42 -24.17 7.93
CA CYS I 144 -22.37 -25.34 7.06
C CYS I 144 -23.78 -25.92 6.96
N PRO I 145 -24.31 -26.06 5.74
CA PRO I 145 -25.65 -26.59 5.46
C PRO I 145 -25.91 -27.97 6.06
N ALA I 146 -24.94 -28.87 5.92
CA ALA I 146 -25.08 -30.22 6.46
C ALA I 146 -25.43 -30.17 7.95
N HIS I 147 -24.60 -29.48 8.71
CA HIS I 147 -24.81 -29.33 10.15
C HIS I 147 -26.18 -28.71 10.43
N ASN I 148 -26.56 -27.73 9.62
CA ASN I 148 -27.83 -27.06 9.83
C ASN I 148 -28.99 -28.02 9.61
N THR I 149 -28.84 -28.89 8.61
CA THR I 149 -29.87 -29.86 8.30
C THR I 149 -30.04 -30.78 9.50
N LEU I 150 -28.95 -31.40 9.89
CA LEU I 150 -28.92 -32.33 11.02
C LEU I 150 -29.23 -31.72 12.38
N GLN I 151 -28.98 -30.42 12.51
CA GLN I 151 -29.21 -29.74 13.76
C GLN I 151 -30.64 -29.83 14.26
N GLY I 152 -31.60 -29.95 13.35
CA GLY I 152 -32.99 -30.00 13.77
C GLY I 152 -33.59 -31.38 13.98
N VAL I 153 -32.76 -32.43 13.99
CA VAL I 153 -33.28 -33.80 14.16
C VAL I 153 -33.98 -34.04 15.51
N SER I 154 -33.24 -33.91 16.61
CA SER I 154 -33.79 -34.07 17.97
C SER I 154 -33.53 -35.42 18.58
N GLN I 155 -33.44 -36.44 17.74
CA GLN I 155 -33.44 -37.81 18.28
C GLN I 155 -31.94 -38.06 18.10
N LEU I 156 -31.28 -37.01 17.61
CA LEU I 156 -29.86 -37.00 17.34
C LEU I 156 -29.30 -35.85 18.15
N LYS I 157 -28.12 -36.06 18.71
CA LYS I 157 -27.45 -35.04 19.50
C LYS I 157 -26.03 -34.80 18.98
N ILE I 158 -25.80 -33.64 18.38
CA ILE I 158 -24.47 -33.35 17.86
C ILE I 158 -23.60 -32.73 18.92
N ASN I 159 -22.43 -33.30 19.12
CA ASN I 159 -21.51 -32.78 20.11
C ASN I 159 -20.30 -32.22 19.37
N VAL I 160 -19.91 -31.00 19.74
CA VAL I 160 -18.76 -30.37 19.10
C VAL I 160 -17.74 -30.03 20.15
N ASN I 161 -16.49 -30.19 19.77
CA ASN I 161 -15.38 -29.87 20.63
C ASN I 161 -14.25 -29.61 19.66
N VAL I 162 -13.26 -28.84 20.09
CA VAL I 162 -12.17 -28.49 19.23
C VAL I 162 -10.86 -28.55 19.96
N THR I 163 -9.79 -28.65 19.20
CA THR I 163 -8.46 -28.69 19.76
C THR I 163 -7.69 -27.61 19.02
N LEU I 164 -7.35 -26.56 19.76
CA LEU I 164 -6.61 -25.44 19.19
C LEU I 164 -5.12 -25.65 19.42
N VAL I 165 -4.38 -25.77 18.32
CA VAL I 165 -2.95 -25.99 18.40
C VAL I 165 -2.16 -24.83 17.84
N HIS I 166 -1.49 -24.10 18.73
CA HIS I 166 -0.67 -22.98 18.33
C HIS I 166 0.70 -23.48 17.90
N GLY J 24 -30.67 -47.49 25.45
CA GLY J 24 -31.15 -48.56 24.50
C GLY J 24 -30.02 -49.29 23.79
N HIS J 25 -28.78 -48.89 24.08
CA HIS J 25 -27.60 -49.52 23.48
C HIS J 25 -27.45 -49.20 21.98
N MET J 26 -26.46 -48.38 21.67
CA MET J 26 -26.15 -47.98 20.31
C MET J 26 -25.10 -48.95 19.80
N ASP J 27 -25.55 -50.01 19.12
CA ASP J 27 -24.71 -51.07 18.57
C ASP J 27 -23.68 -50.61 17.52
N LYS J 28 -24.14 -49.83 16.54
CA LYS J 28 -23.27 -49.37 15.47
C LYS J 28 -22.54 -48.06 15.71
N LYS J 29 -21.23 -48.12 15.56
CA LYS J 29 -20.36 -46.96 15.75
C LYS J 29 -19.74 -46.61 14.41
N TYR J 30 -19.46 -45.33 14.21
CA TYR J 30 -18.83 -44.86 12.98
C TYR J 30 -17.76 -43.92 13.41
N ASP J 31 -16.68 -43.87 12.65
CA ASP J 31 -15.57 -43.00 12.94
C ASP J 31 -14.95 -42.59 11.61
N ILE J 32 -15.09 -41.32 11.29
CA ILE J 32 -14.57 -40.76 10.05
C ILE J 32 -13.59 -39.63 10.37
N THR J 33 -12.76 -39.30 9.40
CA THR J 33 -11.82 -38.21 9.57
C THR J 33 -11.60 -37.52 8.24
N ALA J 34 -11.75 -36.20 8.25
CA ALA J 34 -11.58 -35.43 7.03
C ALA J 34 -10.38 -34.50 7.20
N VAL J 35 -9.73 -34.18 6.09
CA VAL J 35 -8.57 -33.30 6.13
C VAL J 35 -8.63 -32.23 5.07
N LEU J 36 -8.48 -30.99 5.49
CA LEU J 36 -8.47 -29.89 4.55
C LEU J 36 -7.06 -29.73 4.05
N ASN J 37 -6.80 -30.19 2.84
CA ASN J 37 -5.47 -30.09 2.22
C ASN J 37 -5.32 -28.68 1.69
N GLU J 38 -4.23 -28.41 0.97
CA GLU J 38 -4.04 -27.10 0.37
C GLU J 38 -4.96 -27.22 -0.83
N ASP J 39 -4.92 -26.26 -1.75
CA ASP J 39 -5.80 -26.33 -2.91
C ASP J 39 -7.25 -26.62 -2.50
N SER J 40 -7.63 -26.10 -1.33
CA SER J 40 -8.96 -26.24 -0.75
C SER J 40 -9.68 -27.59 -0.90
N SER J 41 -8.94 -28.61 -1.35
CA SER J 41 -9.54 -29.93 -1.52
C SER J 41 -9.51 -30.65 -0.17
N MET J 42 -10.46 -31.56 0.03
CA MET J 42 -10.52 -32.31 1.27
C MET J 42 -10.42 -33.82 1.00
N THR J 43 -9.80 -34.54 1.94
CA THR J 43 -9.66 -35.98 1.83
C THR J 43 -10.21 -36.60 3.11
N ALA J 44 -11.28 -37.35 3.00
CA ALA J 44 -11.85 -38.01 4.17
C ALA J 44 -11.25 -39.41 4.25
N ILE J 45 -11.27 -40.00 5.44
CA ILE J 45 -10.71 -41.33 5.64
C ILE J 45 -11.62 -42.24 6.45
N SER J 46 -11.90 -43.42 5.89
CA SER J 46 -12.72 -44.44 6.56
C SER J 46 -11.92 -45.72 6.53
N ASP J 47 -11.46 -46.17 7.69
CA ASP J 47 -10.66 -47.38 7.80
C ASP J 47 -9.54 -47.29 6.78
N GLN J 48 -9.42 -48.28 5.89
CA GLN J 48 -8.37 -48.21 4.87
C GLN J 48 -8.80 -47.65 3.52
N PHE J 49 -9.89 -46.89 3.52
CA PHE J 49 -10.40 -46.28 2.30
C PHE J 49 -10.28 -44.76 2.34
N GLN J 50 -10.25 -44.14 1.16
CA GLN J 50 -10.13 -42.69 1.07
C GLN J 50 -10.98 -42.12 -0.02
N ILE J 51 -11.49 -40.93 0.23
CA ILE J 51 -12.32 -40.19 -0.72
C ILE J 51 -11.82 -38.76 -0.72
N THR J 52 -11.75 -38.13 -1.89
CA THR J 52 -11.32 -36.74 -1.96
C THR J 52 -12.55 -35.92 -2.33
N LEU J 53 -12.91 -34.97 -1.46
CA LEU J 53 -14.08 -34.12 -1.67
C LEU J 53 -13.69 -32.67 -1.88
N ASP J 54 -14.32 -32.04 -2.86
CA ASP J 54 -14.02 -30.67 -3.19
C ASP J 54 -15.27 -29.82 -3.12
N ALA J 55 -15.11 -28.56 -2.76
CA ALA J 55 -16.24 -27.64 -2.68
C ALA J 55 -16.15 -26.65 -3.83
N ARG J 56 -15.07 -26.74 -4.60
CA ARG J 56 -14.87 -25.86 -5.74
C ARG J 56 -15.92 -26.18 -6.81
N PRO J 57 -16.21 -25.23 -7.71
CA PRO J 57 -17.20 -25.45 -8.77
C PRO J 57 -16.72 -26.52 -9.74
N LYS J 58 -17.64 -27.06 -10.54
CA LYS J 58 -17.34 -28.09 -11.52
C LYS J 58 -15.98 -27.91 -12.20
N HIS J 59 -15.77 -26.72 -12.78
CA HIS J 59 -14.56 -26.36 -13.50
C HIS J 59 -13.26 -26.59 -12.74
N THR J 60 -13.18 -26.04 -11.53
CA THR J 60 -11.98 -26.18 -10.73
C THR J 60 -11.84 -27.56 -10.15
N ALA J 61 -12.90 -28.16 -9.55
CA ALA J 61 -13.07 -29.49 -8.82
C ALA J 61 -12.07 -30.69 -8.95
N LYS J 62 -12.05 -31.62 -7.92
CA LYS J 62 -11.22 -32.87 -7.87
C LYS J 62 -11.94 -34.04 -7.16
N GLY J 63 -13.18 -33.89 -6.76
CA GLY J 63 -14.00 -34.91 -6.13
C GLY J 63 -15.35 -34.31 -5.81
N PHE J 64 -16.26 -35.15 -5.34
CA PHE J 64 -17.60 -34.76 -4.95
C PHE J 64 -17.61 -33.48 -4.12
N GLY J 65 -18.78 -32.86 -4.05
CA GLY J 65 -18.91 -31.68 -3.23
C GLY J 65 -19.33 -32.28 -1.92
N PRO J 66 -19.21 -31.55 -0.80
CA PRO J 66 -19.62 -32.12 0.48
C PRO J 66 -21.01 -32.77 0.39
N LEU J 67 -22.04 -31.94 0.30
CA LEU J 67 -23.42 -32.41 0.21
C LEU J 67 -23.66 -33.49 -0.86
N ALA J 68 -22.86 -33.47 -1.93
CA ALA J 68 -23.03 -34.49 -2.96
C ALA J 68 -22.75 -35.80 -2.23
N ALA J 69 -21.60 -35.84 -1.57
CA ALA J 69 -21.17 -36.99 -0.81
C ALA J 69 -22.17 -37.35 0.29
N LEU J 70 -22.83 -36.35 0.87
CA LEU J 70 -23.78 -36.64 1.92
C LEU J 70 -25.03 -37.24 1.31
N LEU J 71 -25.46 -36.72 0.17
CA LEU J 71 -26.65 -37.28 -0.47
C LEU J 71 -26.35 -38.68 -1.01
N SER J 72 -25.09 -38.92 -1.38
CA SER J 72 -24.68 -40.22 -1.87
C SER J 72 -24.71 -41.22 -0.71
N GLY J 73 -24.36 -40.75 0.48
CA GLY J 73 -24.37 -41.61 1.64
C GLY J 73 -25.82 -42.00 1.85
N LEU J 74 -26.68 -40.98 1.91
CA LEU J 74 -28.10 -41.20 2.10
C LEU J 74 -28.54 -42.29 1.12
N ALA J 75 -28.13 -42.15 -0.13
CA ALA J 75 -28.50 -43.09 -1.17
C ALA J 75 -28.01 -44.48 -0.80
N ALA J 76 -26.70 -44.63 -0.69
CA ALA J 76 -26.12 -45.91 -0.36
C ALA J 76 -26.88 -46.61 0.76
N CYS J 77 -27.21 -45.86 1.81
CA CYS J 77 -27.96 -46.44 2.92
C CYS J 77 -29.28 -46.94 2.37
N GLU J 78 -29.98 -46.08 1.61
CA GLU J 78 -31.26 -46.44 1.02
C GLU J 78 -31.19 -47.78 0.27
N LEU J 79 -30.23 -47.90 -0.63
CA LEU J 79 -30.04 -49.11 -1.41
C LEU J 79 -29.70 -50.27 -0.50
N ALA J 80 -28.71 -50.05 0.35
CA ALA J 80 -28.25 -51.07 1.28
C ALA J 80 -29.32 -51.76 2.11
N THR J 81 -30.22 -50.97 2.71
CA THR J 81 -31.26 -51.54 3.55
C THR J 81 -32.38 -52.20 2.75
N ALA J 82 -32.51 -51.78 1.49
CA ALA J 82 -33.52 -52.37 0.63
C ALA J 82 -32.99 -53.76 0.32
N ASN J 83 -31.74 -53.79 -0.13
CA ASN J 83 -31.08 -55.03 -0.48
C ASN J 83 -31.05 -55.99 0.71
N LEU J 84 -31.25 -55.46 1.91
CA LEU J 84 -31.25 -56.29 3.12
C LEU J 84 -32.66 -56.69 3.53
N MET J 85 -33.60 -55.77 3.43
CA MET J 85 -34.97 -56.09 3.80
C MET J 85 -35.65 -56.88 2.69
N ALA J 86 -35.01 -56.94 1.52
CA ALA J 86 -35.57 -57.65 0.39
C ALA J 86 -35.98 -59.08 0.74
N PRO J 87 -35.02 -59.89 1.22
CA PRO J 87 -35.28 -61.29 1.58
C PRO J 87 -36.56 -61.45 2.38
N ALA J 88 -36.64 -60.78 3.53
CA ALA J 88 -37.80 -60.87 4.41
C ALA J 88 -39.08 -60.41 3.75
N LYS J 89 -38.97 -59.66 2.66
CA LYS J 89 -40.14 -59.17 1.99
C LYS J 89 -40.51 -59.92 0.71
N MET J 90 -39.75 -60.96 0.42
CA MET J 90 -40.00 -61.79 -0.75
C MET J 90 -39.98 -60.95 -2.01
N ILE J 91 -39.20 -59.87 -1.96
CA ILE J 91 -39.03 -58.98 -3.09
C ILE J 91 -37.71 -59.35 -3.74
N THR J 92 -37.72 -59.62 -5.05
CA THR J 92 -36.46 -59.93 -5.71
C THR J 92 -36.13 -58.69 -6.54
N ILE J 93 -34.87 -58.28 -6.47
CA ILE J 93 -34.39 -57.09 -7.15
C ILE J 93 -33.28 -57.39 -8.14
N ASN J 94 -33.55 -57.21 -9.42
CA ASN J 94 -32.54 -57.47 -10.44
C ASN J 94 -31.68 -56.23 -10.66
N LYS J 95 -32.30 -55.06 -10.55
CA LYS J 95 -31.59 -53.80 -10.71
C LYS J 95 -32.13 -52.79 -9.71
N LEU J 96 -31.21 -52.11 -9.05
CA LEU J 96 -31.59 -51.12 -8.06
C LEU J 96 -30.69 -49.91 -8.15
N LEU J 97 -31.31 -48.75 -8.35
CA LEU J 97 -30.56 -47.50 -8.42
C LEU J 97 -31.42 -46.36 -7.93
N MET J 98 -30.78 -45.39 -7.28
CA MET J 98 -31.50 -44.25 -6.76
C MET J 98 -30.91 -42.93 -7.21
N ASN J 99 -31.81 -42.02 -7.59
CA ASN J 99 -31.43 -40.69 -8.02
C ASN J 99 -31.94 -39.77 -6.91
N VAL J 100 -31.02 -39.00 -6.35
CA VAL J 100 -31.35 -38.09 -5.27
C VAL J 100 -31.06 -36.66 -5.71
N THR J 101 -31.95 -35.75 -5.33
CA THR J 101 -31.76 -34.34 -5.64
C THR J 101 -32.19 -33.53 -4.43
N GLY J 102 -31.39 -32.55 -4.06
CA GLY J 102 -31.71 -31.72 -2.92
C GLY J 102 -31.43 -30.27 -3.23
N SER J 103 -31.99 -29.37 -2.44
CA SER J 103 -31.77 -27.95 -2.65
C SER J 103 -31.75 -27.18 -1.33
N ARG J 104 -31.06 -26.04 -1.36
CA ARG J 104 -30.93 -25.18 -0.18
C ARG J 104 -30.78 -23.70 -0.60
N SER J 105 -31.10 -22.80 0.31
CA SER J 105 -30.99 -21.37 0.06
C SER J 105 -29.67 -20.87 0.60
N THR J 106 -28.85 -20.25 -0.24
CA THR J 106 -27.56 -19.74 0.20
C THR J 106 -27.79 -18.49 1.03
N ASN J 107 -28.80 -17.71 0.69
CA ASN J 107 -29.12 -16.51 1.44
C ASN J 107 -30.57 -16.64 1.90
N PRO J 108 -30.81 -17.56 2.84
CA PRO J 108 -32.16 -17.79 3.38
C PRO J 108 -32.62 -16.67 4.27
N THR J 109 -33.90 -16.66 4.58
CA THR J 109 -34.47 -15.66 5.46
C THR J 109 -34.62 -16.35 6.80
N ASP J 110 -34.97 -17.64 6.73
CA ASP J 110 -35.17 -18.50 7.89
C ASP J 110 -34.03 -18.55 8.90
N GLY J 111 -32.81 -18.61 8.37
CA GLY J 111 -31.65 -18.75 9.20
C GLY J 111 -31.28 -20.20 8.98
N TYR J 112 -32.01 -20.83 8.06
CA TYR J 112 -31.82 -22.24 7.72
C TYR J 112 -31.01 -22.47 6.45
N PHE J 113 -29.76 -22.89 6.64
CA PHE J 113 -28.87 -23.13 5.52
C PHE J 113 -28.83 -24.59 5.05
N GLY J 114 -29.63 -25.44 5.69
CA GLY J 114 -29.65 -26.83 5.31
C GLY J 114 -30.50 -27.07 4.07
N LEU J 115 -30.69 -28.35 3.75
CA LEU J 115 -31.49 -28.76 2.61
C LEU J 115 -32.95 -28.61 2.97
N ARG J 116 -33.70 -27.85 2.17
CA ARG J 116 -35.12 -27.64 2.43
C ARG J 116 -35.89 -28.72 1.71
N GLU J 117 -35.28 -29.22 0.63
CA GLU J 117 -35.90 -30.27 -0.17
C GLU J 117 -34.88 -31.26 -0.68
N ILE J 118 -35.31 -32.51 -0.72
CA ILE J 118 -34.50 -33.62 -1.16
C ILE J 118 -35.49 -34.62 -1.81
N ASN J 119 -35.17 -35.10 -3.00
CA ASN J 119 -36.05 -36.04 -3.70
C ASN J 119 -35.40 -37.38 -3.95
N LEU J 120 -36.12 -38.42 -3.55
CA LEU J 120 -35.65 -39.78 -3.71
C LEU J 120 -36.41 -40.48 -4.82
N HIS J 121 -35.69 -40.78 -5.89
CA HIS J 121 -36.30 -41.51 -6.99
C HIS J 121 -35.67 -42.89 -7.07
N TRP J 122 -36.50 -43.91 -6.94
CA TRP J 122 -36.04 -45.28 -6.99
C TRP J 122 -36.28 -45.84 -8.39
N GLU J 123 -35.40 -46.72 -8.84
CA GLU J 123 -35.58 -47.37 -10.13
C GLU J 123 -35.41 -48.84 -9.86
N ILE J 124 -36.52 -49.51 -9.54
CA ILE J 124 -36.47 -50.94 -9.22
C ILE J 124 -36.87 -51.91 -10.34
N HIS J 125 -35.90 -52.65 -10.85
CA HIS J 125 -36.16 -53.66 -11.85
C HIS J 125 -36.50 -54.87 -11.00
N SER J 126 -37.79 -55.19 -10.88
CA SER J 126 -38.21 -56.30 -10.07
C SER J 126 -39.54 -56.94 -10.52
N PRO J 127 -39.62 -58.28 -10.50
CA PRO J 127 -40.85 -58.97 -10.90
C PRO J 127 -42.01 -58.72 -9.94
N ASN J 128 -41.70 -58.26 -8.74
CA ASN J 128 -42.72 -57.99 -7.74
C ASN J 128 -43.76 -56.99 -8.23
N SER J 129 -45.00 -57.15 -7.75
CA SER J 129 -46.07 -56.26 -8.20
C SER J 129 -45.87 -54.84 -7.72
N GLU J 130 -46.86 -53.98 -8.00
CA GLU J 130 -46.81 -52.59 -7.60
C GLU J 130 -46.97 -52.43 -6.09
N THR J 131 -48.10 -52.88 -5.55
CA THR J 131 -48.36 -52.77 -4.12
C THR J 131 -47.26 -53.42 -3.28
N GLU J 132 -46.70 -54.52 -3.76
CA GLU J 132 -45.63 -55.16 -3.00
C GLU J 132 -44.47 -54.18 -2.95
N ILE J 133 -43.97 -53.81 -4.13
CA ILE J 133 -42.86 -52.87 -4.23
C ILE J 133 -43.18 -51.58 -3.49
N LYS J 134 -44.43 -51.14 -3.56
CA LYS J 134 -44.83 -49.91 -2.89
C LYS J 134 -44.53 -50.05 -1.40
N GLU J 135 -45.19 -51.00 -0.75
CA GLU J 135 -45.01 -51.23 0.68
C GLU J 135 -43.53 -51.48 1.03
N PHE J 136 -42.85 -52.26 0.20
CA PHE J 136 -41.44 -52.57 0.39
C PHE J 136 -40.64 -51.31 0.69
N ILE J 137 -40.83 -50.28 -0.13
CA ILE J 137 -40.11 -49.03 0.05
C ILE J 137 -40.63 -48.26 1.27
N ASP J 138 -41.94 -48.35 1.53
CA ASP J 138 -42.50 -47.68 2.71
C ASP J 138 -41.76 -48.28 3.90
N PHE J 139 -41.46 -49.57 3.79
CA PHE J 139 -40.73 -50.30 4.81
C PHE J 139 -39.29 -49.82 4.74
N VAL J 140 -38.63 -50.04 3.61
CA VAL J 140 -37.27 -49.59 3.45
C VAL J 140 -37.11 -48.14 3.93
N SER J 141 -38.09 -47.30 3.65
CA SER J 141 -37.99 -45.90 4.09
C SER J 141 -38.06 -45.82 5.61
N LYS J 142 -38.95 -46.58 6.22
CA LYS J 142 -39.06 -46.57 7.68
C LYS J 142 -37.82 -47.19 8.28
N ARG J 143 -36.92 -47.70 7.43
CA ARG J 143 -35.75 -48.37 7.94
C ARG J 143 -34.33 -47.90 7.66
N CYS J 144 -34.01 -47.25 6.52
CA CYS J 144 -32.61 -46.84 6.40
C CYS J 144 -32.32 -45.82 7.49
N PRO J 145 -31.20 -46.00 8.21
CA PRO J 145 -30.84 -45.07 9.28
C PRO J 145 -30.77 -43.63 8.76
N ALA J 146 -30.17 -43.45 7.60
CA ALA J 146 -30.03 -42.12 7.00
C ALA J 146 -31.36 -41.46 6.79
N HIS J 147 -32.33 -42.21 6.28
CA HIS J 147 -33.66 -41.68 6.03
C HIS J 147 -34.33 -41.36 7.35
N ASN J 148 -34.22 -42.26 8.33
CA ASN J 148 -34.82 -42.04 9.65
C ASN J 148 -34.32 -40.74 10.25
N THR J 149 -33.01 -40.53 10.16
CA THR J 149 -32.35 -39.33 10.66
C THR J 149 -32.96 -38.08 10.02
N LEU J 150 -32.74 -37.94 8.72
CA LEU J 150 -33.25 -36.79 7.99
C LEU J 150 -34.77 -36.72 8.00
N GLN J 151 -35.42 -37.76 8.50
CA GLN J 151 -36.87 -37.77 8.51
C GLN J 151 -37.49 -36.70 9.43
N GLY J 152 -36.91 -36.52 10.61
CA GLY J 152 -37.44 -35.54 11.54
C GLY J 152 -36.75 -34.19 11.54
N VAL J 153 -36.37 -33.68 10.37
CA VAL J 153 -35.70 -32.39 10.27
C VAL J 153 -36.72 -31.24 10.24
N SER J 154 -37.91 -31.51 9.70
CA SER J 154 -39.00 -30.53 9.64
C SER J 154 -38.83 -29.41 8.63
N GLN J 155 -37.61 -29.03 8.33
CA GLN J 155 -37.42 -27.76 7.57
C GLN J 155 -36.96 -28.37 6.24
N LEU J 156 -37.01 -29.70 6.20
CA LEU J 156 -36.58 -30.51 5.08
C LEU J 156 -37.75 -31.32 4.60
N LYS J 157 -37.98 -31.30 3.31
CA LYS J 157 -39.05 -32.08 2.74
C LYS J 157 -38.48 -33.24 1.89
N ILE J 158 -38.74 -34.47 2.33
CA ILE J 158 -38.24 -35.64 1.59
C ILE J 158 -39.37 -36.21 0.75
N ASN J 159 -39.15 -36.23 -0.56
CA ASN J 159 -40.13 -36.73 -1.51
C ASN J 159 -39.67 -38.05 -2.08
N VAL J 160 -40.47 -39.08 -1.84
CA VAL J 160 -40.13 -40.38 -2.36
C VAL J 160 -41.10 -40.81 -3.44
N ASN J 161 -40.53 -41.31 -4.52
CA ASN J 161 -41.31 -41.82 -5.64
C ASN J 161 -40.40 -42.84 -6.30
N VAL J 162 -40.98 -43.93 -6.77
CA VAL J 162 -40.23 -45.00 -7.40
C VAL J 162 -40.78 -45.41 -8.76
N THR J 163 -39.86 -45.84 -9.62
CA THR J 163 -40.19 -46.31 -10.96
C THR J 163 -39.99 -47.80 -11.00
N LEU J 164 -41.09 -48.56 -11.02
CA LEU J 164 -41.03 -50.01 -11.07
C LEU J 164 -40.87 -50.45 -12.52
N VAL J 165 -39.85 -51.24 -12.79
CA VAL J 165 -39.60 -51.71 -14.15
C VAL J 165 -39.57 -53.23 -14.26
N HIS J 166 -40.74 -53.81 -14.53
CA HIS J 166 -40.82 -55.26 -14.69
C HIS J 166 -39.88 -55.60 -15.83
#